data_8DMM
#
_entry.id   8DMM
#
_cell.length_a   1.00
_cell.length_b   1.00
_cell.length_c   1.00
_cell.angle_alpha   90.00
_cell.angle_beta   90.00
_cell.angle_gamma   90.00
#
_symmetry.space_group_name_H-M   'P 1'
#
loop_
_entity.id
_entity.type
_entity.pdbx_description
1 polymer 'ATP-binding transport protein MsbA'
2 non-polymer 'ADP ORTHOVANADATE'
3 non-polymer '(2~{R},4~{R},5~{R},6~{R})-6-[(1~{R})-1,2-bis(oxidanyl)ethyl]-2-[(2~{R},4~{R},5~{R},6~{R})-6-[(1~{R})-1,2-bis(oxidanyl)ethyl]-2-carboxy-2-[[(2~{R},3~{S},4~{R},5~{R},6~{R})-5-[[(3~{R})-3-dodecanoyloxytetradecanoyl]amino]-6-[[(2~{R},3~{S},4~{R},5~{R},6~{R})-3-oxidanyl-5-[[(3~{R})-3-oxidanyltetradecanoyl]amino]-4-[(3~{R})-3-oxidanyltetradecanoyl]oxy-6-phosphonooxy-oxan-2-yl]methoxy]-3-phosphonooxy-4-[(3~{R})-3-tetradecanoyloxytetradecanoyl]oxy-oxan-2-yl]methoxy]-5-oxidanyl-oxan-4-yl]oxy-4,5-bis(oxidanyl)oxane-2-carboxylic acid'
#
_entity_poly.entity_id   1
_entity_poly.type   'polypeptide(L)'
_entity_poly.pdbx_seq_one_letter_code
;GSHNDKDLSTWQTFRRLWPTIAPFKAGLIVAGVALILNAASDTFMLSLLKPLLDDGFGKTDRSVLVWMPLVVIGLMILRG
ITSYVSSYCISWVSGKVVMTMRRRLFGHMMGMPVSFFDKQSTGTLLSRITYDSEQVASSSSGALITVVREGASIIGLFIM
MFYYSWQLSIILIVLAPIVSIAIRVVSKRFRNISKNMQNTMGQVTTSAEQMLKGHKEVLIFGGQEVETKRFDKVSNRMRL
QGMKMVSASSISDPIIQLIASLALAFVLYAASFPSVMDSLTAGTITVVFSSMIALMRPLKSLTNVNAQFQRGMAACQTLF
TILDSEQEKDEGKRVIERATGDVEFRNVTFTYPGRDVPALRNINLKIPAGKTVALVGRSGSGKSTIASLITRFYDIDEGE
ILMDGHDLREYTLASLRNQVALVSQNVHLFNDTVANNIAYARTEQYSREQIEEAARMAYAMDFINKMDNGLDTVIGENGV
LLSGGQRQRIAIARALLRDSPILILDEATSALDTESERAIQAALDELQKNRTSLVIAHRLSTIEKADEIVVVEDGVIVER
GTHNDLLEHRGVYAQLHKMQFGQ
;
_entity_poly.pdbx_strand_id   A,B
#
loop_
_chem_comp.id
_chem_comp.type
_chem_comp.name
_chem_comp.formula
AOV non-polymer 'ADP ORTHOVANADATE' 'C10 H17 N5 O14 P2 V'
KDL non-polymer '(2~{R},4~{R},5~{R},6~{R})-6-[(1~{R})-1,2-bis(oxidanyl)ethyl]-2-[(2~{R},4~{R},5~{R},6~{R})-6-[(1~{R})-1,2-bis(oxidanyl)ethyl]-2-carboxy-2-[[(2~{R},3~{S},4~{R},5~{R},6~{R})-5-[[(3~{R})-3-dodecanoyloxytetradecanoyl]amino]-6-[[(2~{R},3~{S},4~{R},5~{R},6~{R})-3-oxidanyl-5-[[(3~{R})-3-oxidanyltetradecanoyl]amino]-4-[(3~{R})-3-oxidanyltetradecanoyl]oxy-6-phosphonooxy-oxan-2-yl]methoxy]-3-phosphonooxy-4-[(3~{R})-3-tetradecanoyloxytetradecanoyl]oxy-oxan-2-yl]methoxy]-5-oxidanyl-oxan-4-yl]oxy-4,5-bis(oxidanyl)oxane-2-carboxylic acid' 'C110 H202 N2 O39 P2'
#
# COMPACT_ATOMS: atom_id res chain seq x y z
N LYS A 6 0.56 -24.96 5.56
CA LYS A 6 1.37 -24.82 4.37
C LYS A 6 2.79 -24.36 4.72
N ASP A 7 3.26 -24.75 5.91
CA ASP A 7 4.60 -24.40 6.37
C ASP A 7 5.61 -25.34 5.71
N LEU A 8 6.00 -24.97 4.50
CA LEU A 8 6.93 -25.77 3.73
C LEU A 8 8.32 -25.74 4.35
N SER A 9 9.08 -26.83 4.14
CA SER A 9 10.44 -26.89 4.63
C SER A 9 11.33 -25.91 3.88
N THR A 10 12.32 -25.37 4.59
CA THR A 10 13.09 -24.24 4.09
C THR A 10 13.88 -24.61 2.83
N TRP A 11 14.50 -25.79 2.82
CA TRP A 11 15.37 -26.15 1.70
C TRP A 11 14.58 -26.30 0.42
N GLN A 12 13.41 -26.94 0.48
CA GLN A 12 12.67 -27.23 -0.74
C GLN A 12 11.96 -25.99 -1.31
N THR A 13 11.78 -24.94 -0.51
CA THR A 13 11.28 -23.69 -1.07
C THR A 13 12.43 -22.80 -1.53
N PHE A 14 13.59 -22.88 -0.87
CA PHE A 14 14.77 -22.22 -1.39
C PHE A 14 15.16 -22.78 -2.75
N ARG A 15 14.95 -24.08 -2.96
CA ARG A 15 15.21 -24.68 -4.27
C ARG A 15 14.33 -24.04 -5.34
N ARG A 16 13.07 -23.78 -5.02
CA ARG A 16 12.17 -23.15 -5.98
C ARG A 16 12.47 -21.67 -6.15
N LEU A 17 13.00 -21.01 -5.11
CA LEU A 17 13.42 -19.61 -5.24
C LEU A 17 14.69 -19.47 -6.08
N TRP A 18 15.54 -20.50 -6.08
CA TRP A 18 16.82 -20.40 -6.78
C TRP A 18 16.72 -20.01 -8.25
N PRO A 19 15.79 -20.53 -9.06
CA PRO A 19 15.74 -20.10 -10.47
C PRO A 19 15.55 -18.60 -10.65
N THR A 20 14.87 -17.93 -9.71
CA THR A 20 14.72 -16.48 -9.82
C THR A 20 16.05 -15.76 -9.68
N ILE A 21 16.93 -16.26 -8.81
CA ILE A 21 18.24 -15.65 -8.62
C ILE A 21 19.29 -16.22 -9.56
N ALA A 22 18.96 -17.26 -10.33
CA ALA A 22 19.95 -17.87 -11.22
C ALA A 22 20.57 -16.91 -12.23
N PRO A 23 19.82 -16.01 -12.89
CA PRO A 23 20.48 -15.09 -13.82
C PRO A 23 21.49 -14.17 -13.18
N PHE A 24 21.42 -13.95 -11.86
CA PHE A 24 22.29 -13.02 -11.17
C PHE A 24 23.32 -13.72 -10.30
N LYS A 25 23.82 -14.88 -10.75
CA LYS A 25 24.87 -15.58 -10.01
C LYS A 25 26.22 -14.87 -10.12
N ALA A 26 26.42 -14.04 -11.14
CA ALA A 26 27.67 -13.31 -11.27
C ALA A 26 27.87 -12.36 -10.10
N GLY A 27 26.80 -11.66 -9.69
CA GLY A 27 26.92 -10.79 -8.52
C GLY A 27 27.29 -11.55 -7.28
N LEU A 28 26.70 -12.72 -7.07
CA LEU A 28 27.01 -13.53 -5.89
C LEU A 28 28.45 -14.01 -5.90
N ILE A 29 28.94 -14.48 -7.06
CA ILE A 29 30.31 -14.98 -7.10
C ILE A 29 31.31 -13.83 -6.95
N VAL A 30 31.00 -12.66 -7.49
CA VAL A 30 31.88 -11.51 -7.31
C VAL A 30 31.87 -11.09 -5.84
N ALA A 31 30.72 -11.13 -5.19
CA ALA A 31 30.66 -10.84 -3.75
C ALA A 31 31.50 -11.84 -2.96
N GLY A 32 31.45 -13.12 -3.33
CA GLY A 32 32.24 -14.11 -2.64
C GLY A 32 33.73 -13.90 -2.79
N VAL A 33 34.18 -13.61 -4.02
CA VAL A 33 35.60 -13.39 -4.24
C VAL A 33 36.04 -12.11 -3.53
N ALA A 34 35.19 -11.10 -3.49
CA ALA A 34 35.50 -9.90 -2.72
C ALA A 34 35.62 -10.22 -1.23
N LEU A 35 34.73 -11.08 -0.71
CA LEU A 35 34.81 -11.46 0.68
C LEU A 35 36.11 -12.19 1.01
N ILE A 36 36.52 -13.14 0.16
CA ILE A 36 37.76 -13.86 0.47
C ILE A 36 38.97 -12.93 0.33
N LEU A 37 38.94 -12.03 -0.65
CA LEU A 37 40.03 -11.06 -0.77
C LEU A 37 40.09 -10.15 0.45
N ASN A 38 38.94 -9.69 0.93
CA ASN A 38 38.91 -8.84 2.12
C ASN A 38 39.40 -9.60 3.35
N ALA A 39 39.03 -10.88 3.48
CA ALA A 39 39.51 -11.67 4.61
C ALA A 39 41.02 -11.84 4.54
N ALA A 40 41.56 -12.09 3.34
CA ALA A 40 43.01 -12.20 3.20
C ALA A 40 43.70 -10.89 3.55
N SER A 41 43.14 -9.76 3.12
CA SER A 41 43.73 -8.46 3.44
C SER A 41 43.68 -8.20 4.95
N ASP A 42 42.58 -8.57 5.59
CA ASP A 42 42.46 -8.38 7.04
C ASP A 42 43.47 -9.26 7.78
N THR A 43 43.66 -10.49 7.32
CA THR A 43 44.67 -11.35 7.93
C THR A 43 46.06 -10.78 7.74
N PHE A 44 46.35 -10.26 6.56
CA PHE A 44 47.64 -9.61 6.30
C PHE A 44 47.85 -8.44 7.25
N MET A 45 46.83 -7.58 7.39
CA MET A 45 46.93 -6.42 8.27
C MET A 45 47.15 -6.84 9.71
N LEU A 46 46.39 -7.83 10.20
CA LEU A 46 46.54 -8.28 11.58
C LEU A 46 47.92 -8.89 11.81
N SER A 47 48.40 -9.68 10.85
CA SER A 47 49.71 -10.31 11.00
C SER A 47 50.82 -9.26 11.06
N LEU A 48 50.72 -8.21 10.25
CA LEU A 48 51.73 -7.16 10.29
C LEU A 48 51.57 -6.23 11.49
N LEU A 49 50.35 -6.11 12.03
CA LEU A 49 50.12 -5.20 13.14
C LEU A 49 50.45 -5.82 14.49
N LYS A 50 50.31 -7.14 14.62
CA LYS A 50 50.53 -7.77 15.91
C LYS A 50 51.93 -7.53 16.48
N PRO A 51 53.02 -7.72 15.73
CA PRO A 51 54.33 -7.38 16.31
C PRO A 51 54.50 -5.91 16.65
N LEU A 52 53.87 -5.02 15.88
CA LEU A 52 54.00 -3.59 16.15
C LEU A 52 53.28 -3.19 17.44
N LEU A 53 52.16 -3.85 17.73
CA LEU A 53 51.36 -3.49 18.89
C LEU A 53 51.79 -4.25 20.15
N ASP A 54 51.77 -5.58 20.09
CA ASP A 54 52.03 -6.37 21.29
C ASP A 54 53.48 -6.25 21.73
N ASP A 55 54.42 -6.42 20.80
CA ASP A 55 55.84 -6.38 21.16
C ASP A 55 56.29 -4.97 21.49
N GLY A 56 55.90 -3.99 20.67
CA GLY A 56 56.29 -2.61 20.90
C GLY A 56 56.98 -1.98 19.70
N PHE A 57 56.87 -0.66 19.59
CA PHE A 57 57.49 0.04 18.47
C PHE A 57 59.01 -0.06 18.50
N GLY A 58 59.60 0.03 19.70
CA GLY A 58 61.05 -0.07 19.81
C GLY A 58 61.57 -1.43 19.38
N LYS A 59 60.83 -2.49 19.69
CA LYS A 59 61.25 -3.83 19.30
C LYS A 59 61.25 -3.99 17.78
N THR A 60 60.24 -3.42 17.11
CA THR A 60 60.13 -3.55 15.67
C THR A 60 61.23 -2.77 14.96
N ASP A 61 61.62 -3.26 13.79
CA ASP A 61 62.66 -2.62 12.99
C ASP A 61 62.16 -1.29 12.44
N ARG A 62 63.05 -0.30 12.42
CA ARG A 62 62.68 1.02 11.88
C ARG A 62 62.62 1.01 10.36
N SER A 63 63.37 0.12 9.71
CA SER A 63 63.40 0.09 8.25
C SER A 63 62.03 -0.25 7.68
N VAL A 64 61.39 -1.29 8.21
CA VAL A 64 60.04 -1.62 7.77
C VAL A 64 59.04 -0.60 8.27
N LEU A 65 59.28 -0.03 9.45
CA LEU A 65 58.36 0.96 10.01
C LEU A 65 58.33 2.23 9.16
N VAL A 66 59.40 2.51 8.43
CA VAL A 66 59.43 3.69 7.57
C VAL A 66 58.36 3.58 6.49
N TRP A 67 58.27 2.41 5.85
CA TRP A 67 57.27 2.18 4.81
C TRP A 67 55.94 1.68 5.37
N MET A 68 55.87 1.38 6.65
CA MET A 68 54.62 0.91 7.25
C MET A 68 53.41 1.81 7.01
N PRO A 69 53.49 3.14 7.15
CA PRO A 69 52.26 3.94 6.91
C PRO A 69 51.69 3.79 5.51
N LEU A 70 52.53 3.91 4.48
CA LEU A 70 52.04 3.78 3.11
C LEU A 70 51.52 2.37 2.85
N VAL A 71 52.22 1.36 3.37
CA VAL A 71 51.80 -0.03 3.17
C VAL A 71 50.43 -0.26 3.79
N VAL A 72 50.23 0.22 5.02
CA VAL A 72 48.94 0.00 5.69
C VAL A 72 47.85 0.80 4.98
N ILE A 73 48.18 2.00 4.48
CA ILE A 73 47.19 2.80 3.76
C ILE A 73 46.73 2.08 2.51
N GLY A 74 47.69 1.56 1.73
CA GLY A 74 47.32 0.84 0.52
C GLY A 74 46.56 -0.44 0.82
N LEU A 75 46.99 -1.17 1.86
CA LEU A 75 46.31 -2.40 2.23
C LEU A 75 44.87 -2.15 2.62
N MET A 76 44.62 -1.13 3.44
CA MET A 76 43.25 -0.89 3.85
C MET A 76 42.45 -0.25 2.72
N ILE A 77 43.10 0.46 1.81
CA ILE A 77 42.39 0.95 0.62
C ILE A 77 41.88 -0.22 -0.20
N LEU A 78 42.72 -1.24 -0.39
CA LEU A 78 42.26 -2.44 -1.07
C LEU A 78 41.13 -3.11 -0.30
N ARG A 79 41.26 -3.17 1.03
CA ARG A 79 40.19 -3.73 1.86
C ARG A 79 38.87 -2.99 1.65
N GLY A 80 38.92 -1.66 1.68
CA GLY A 80 37.72 -0.86 1.54
C GLY A 80 37.10 -0.99 0.16
N ILE A 81 37.93 -1.05 -0.88
CA ILE A 81 37.38 -1.20 -2.23
C ILE A 81 36.75 -2.58 -2.38
N THR A 82 37.34 -3.61 -1.77
CA THR A 82 36.72 -4.93 -1.81
C THR A 82 35.40 -4.95 -1.05
N SER A 83 35.35 -4.29 0.12
CA SER A 83 34.11 -4.22 0.87
C SER A 83 33.02 -3.48 0.10
N TYR A 84 33.39 -2.38 -0.55
CA TYR A 84 32.44 -1.65 -1.38
C TYR A 84 31.92 -2.51 -2.52
N VAL A 85 32.83 -3.23 -3.19
CA VAL A 85 32.41 -4.07 -4.30
C VAL A 85 31.45 -5.16 -3.83
N SER A 86 31.78 -5.82 -2.72
CA SER A 86 30.93 -6.89 -2.22
C SER A 86 29.57 -6.38 -1.79
N SER A 87 29.54 -5.27 -1.04
CA SER A 87 28.27 -4.74 -0.58
C SER A 87 27.41 -4.28 -1.74
N TYR A 88 28.01 -3.61 -2.73
CA TYR A 88 27.25 -3.19 -3.90
C TYR A 88 26.72 -4.39 -4.67
N CYS A 89 27.52 -5.45 -4.78
CA CYS A 89 27.08 -6.63 -5.52
C CYS A 89 25.92 -7.32 -4.81
N ILE A 90 26.00 -7.50 -3.50
CA ILE A 90 24.91 -8.17 -2.79
C ILE A 90 23.65 -7.31 -2.83
N SER A 91 23.79 -5.99 -2.69
CA SER A 91 22.63 -5.12 -2.77
C SER A 91 22.03 -5.15 -4.17
N TRP A 92 22.87 -5.18 -5.21
CA TRP A 92 22.38 -5.26 -6.58
C TRP A 92 21.62 -6.56 -6.81
N VAL A 93 22.14 -7.67 -6.31
CA VAL A 93 21.44 -8.94 -6.43
C VAL A 93 20.10 -8.89 -5.73
N SER A 94 20.07 -8.33 -4.51
CA SER A 94 18.83 -8.21 -3.75
C SER A 94 17.81 -7.35 -4.48
N GLY A 95 18.25 -6.22 -5.01
CA GLY A 95 17.38 -5.31 -5.73
C GLY A 95 16.84 -5.90 -7.02
N LYS A 96 17.70 -6.60 -7.77
CA LYS A 96 17.27 -7.21 -9.02
C LYS A 96 16.41 -8.44 -8.80
N VAL A 97 16.50 -9.10 -7.64
CA VAL A 97 15.63 -10.22 -7.33
C VAL A 97 14.34 -9.78 -6.66
N VAL A 98 14.30 -8.58 -6.09
CA VAL A 98 13.06 -8.01 -5.57
C VAL A 98 12.30 -7.26 -6.65
N MET A 99 13.00 -6.84 -7.70
CA MET A 99 12.32 -6.22 -8.84
C MET A 99 11.55 -7.25 -9.65
N THR A 100 12.20 -8.39 -9.92
CA THR A 100 11.55 -9.46 -10.69
C THR A 100 10.34 -10.00 -9.95
N MET A 101 10.41 -10.07 -8.63
CA MET A 101 9.29 -10.56 -7.83
C MET A 101 8.07 -9.67 -8.02
N ARG A 102 8.27 -8.35 -7.97
CA ARG A 102 7.18 -7.41 -8.19
C ARG A 102 6.64 -7.50 -9.61
N ARG A 103 7.54 -7.64 -10.59
CA ARG A 103 7.12 -7.79 -11.98
C ARG A 103 6.22 -9.00 -12.15
N ARG A 104 6.63 -10.15 -11.61
CA ARG A 104 5.84 -11.37 -11.73
C ARG A 104 4.53 -11.26 -10.99
N LEU A 105 4.52 -10.67 -9.79
CA LEU A 105 3.27 -10.48 -9.06
C LEU A 105 2.30 -9.62 -9.85
N PHE A 106 2.79 -8.52 -10.42
CA PHE A 106 1.94 -7.64 -11.21
C PHE A 106 1.38 -8.37 -12.43
N GLY A 107 2.25 -9.02 -13.20
CA GLY A 107 1.83 -9.70 -14.41
C GLY A 107 0.95 -10.91 -14.17
N HIS A 108 1.02 -11.49 -12.97
CA HIS A 108 0.18 -12.63 -12.65
C HIS A 108 -1.16 -12.22 -12.07
N MET A 109 -1.17 -11.28 -11.11
CA MET A 109 -2.43 -10.80 -10.56
C MET A 109 -3.26 -10.04 -11.59
N MET A 110 -2.62 -9.41 -12.58
CA MET A 110 -3.37 -8.68 -13.59
C MET A 110 -4.10 -9.61 -14.55
N GLY A 111 -3.62 -10.83 -14.73
CA GLY A 111 -4.29 -11.82 -15.55
C GLY A 111 -5.27 -12.71 -14.82
N MET A 112 -5.60 -12.39 -13.57
CA MET A 112 -6.54 -13.19 -12.80
C MET A 112 -7.94 -13.10 -13.40
N PRO A 113 -8.76 -14.14 -13.20
CA PRO A 113 -10.16 -14.06 -13.65
C PRO A 113 -10.94 -13.04 -12.84
N VAL A 114 -12.02 -12.55 -13.46
CA VAL A 114 -12.86 -11.55 -12.80
C VAL A 114 -13.49 -12.14 -11.55
N SER A 115 -13.81 -13.44 -11.56
CA SER A 115 -14.42 -14.08 -10.40
C SER A 115 -13.50 -14.13 -9.19
N PHE A 116 -12.21 -13.86 -9.37
CA PHE A 116 -11.28 -13.80 -8.24
C PHE A 116 -11.19 -12.41 -7.63
N PHE A 117 -11.43 -11.36 -8.42
CA PHE A 117 -11.26 -9.99 -7.94
C PHE A 117 -12.39 -9.53 -7.03
N ASP A 118 -13.59 -10.06 -7.19
CA ASP A 118 -14.72 -9.67 -6.36
C ASP A 118 -14.75 -10.38 -5.01
N LYS A 119 -13.89 -11.39 -4.82
CA LYS A 119 -13.79 -12.08 -3.54
C LYS A 119 -12.73 -11.47 -2.63
N GLN A 120 -11.57 -11.12 -3.18
CA GLN A 120 -10.51 -10.47 -2.41
C GLN A 120 -10.73 -8.96 -2.37
N SER A 121 -10.05 -8.32 -1.43
CA SER A 121 -10.08 -6.87 -1.30
C SER A 121 -8.89 -6.25 -2.02
N THR A 122 -9.11 -5.06 -2.57
CA THR A 122 -8.04 -4.37 -3.30
C THR A 122 -6.86 -4.08 -2.39
N GLY A 123 -7.12 -3.76 -1.12
CA GLY A 123 -6.05 -3.46 -0.20
C GLY A 123 -5.13 -4.64 0.05
N THR A 124 -5.71 -5.82 0.28
CA THR A 124 -4.89 -6.99 0.58
C THR A 124 -4.13 -7.47 -0.66
N LEU A 125 -4.64 -7.18 -1.86
CA LEU A 125 -3.89 -7.51 -3.07
C LEU A 125 -2.76 -6.51 -3.31
N LEU A 126 -3.01 -5.23 -3.03
CA LEU A 126 -1.98 -4.21 -3.19
C LEU A 126 -0.86 -4.37 -2.17
N SER A 127 -1.20 -4.83 -0.96
CA SER A 127 -0.21 -4.94 0.10
C SER A 127 0.85 -6.00 -0.18
N ARG A 128 0.61 -6.90 -1.14
CA ARG A 128 1.58 -7.93 -1.46
C ARG A 128 2.65 -7.46 -2.45
N ILE A 129 2.48 -6.29 -3.04
CA ILE A 129 3.49 -5.76 -3.96
C ILE A 129 4.43 -4.77 -3.28
N THR A 130 4.01 -4.18 -2.15
CA THR A 130 4.83 -3.21 -1.44
C THR A 130 5.50 -3.77 -0.20
N TYR A 131 4.90 -4.76 0.45
CA TYR A 131 5.44 -5.34 1.67
C TYR A 131 5.86 -6.79 1.53
N ASP A 132 4.99 -7.65 0.99
CA ASP A 132 5.31 -9.07 0.90
C ASP A 132 6.51 -9.31 0.00
N SER A 133 6.59 -8.61 -1.13
CA SER A 133 7.71 -8.79 -2.05
C SER A 133 9.01 -8.28 -1.44
N GLU A 134 8.95 -7.19 -0.69
CA GLU A 134 10.17 -6.57 -0.18
C GLU A 134 10.90 -7.46 0.82
N GLN A 135 10.17 -8.35 1.52
CA GLN A 135 10.80 -9.17 2.54
C GLN A 135 11.76 -10.20 1.95
N VAL A 136 11.54 -10.61 0.70
CA VAL A 136 12.45 -11.57 0.06
C VAL A 136 13.83 -10.97 -0.15
N ALA A 137 13.93 -9.64 -0.22
CA ALA A 137 15.21 -9.00 -0.51
C ALA A 137 16.25 -9.31 0.55
N SER A 138 15.86 -9.27 1.83
CA SER A 138 16.81 -9.50 2.90
C SER A 138 17.33 -10.95 2.89
N SER A 139 16.44 -11.90 2.66
CA SER A 139 16.80 -13.32 2.72
C SER A 139 17.36 -13.85 1.42
N SER A 140 17.33 -13.07 0.33
CA SER A 140 17.78 -13.59 -0.95
C SER A 140 19.30 -13.68 -1.02
N SER A 141 20.00 -12.56 -0.80
CA SER A 141 21.43 -12.48 -1.05
C SER A 141 22.25 -12.31 0.22
N GLY A 142 21.98 -11.27 1.01
CA GLY A 142 22.80 -11.02 2.18
C GLY A 142 22.71 -12.11 3.22
N ALA A 143 21.48 -12.54 3.53
CA ALA A 143 21.30 -13.60 4.51
C ALA A 143 21.92 -14.91 4.04
N LEU A 144 21.76 -15.24 2.76
CA LEU A 144 22.34 -16.47 2.23
C LEU A 144 23.86 -16.43 2.30
N ILE A 145 24.47 -15.30 1.94
CA ILE A 145 25.93 -15.18 1.98
C ILE A 145 26.41 -15.30 3.42
N THR A 146 25.74 -14.62 4.35
CA THR A 146 26.15 -14.70 5.75
C THR A 146 26.02 -16.12 6.29
N VAL A 147 24.92 -16.81 5.95
CA VAL A 147 24.72 -18.17 6.42
C VAL A 147 25.80 -19.09 5.86
N VAL A 148 26.12 -18.94 4.58
CA VAL A 148 27.17 -19.76 3.97
C VAL A 148 28.51 -19.52 4.65
N ARG A 149 28.84 -18.25 4.90
CA ARG A 149 30.13 -17.93 5.52
C ARG A 149 30.22 -18.50 6.92
N GLU A 150 29.16 -18.35 7.72
CA GLU A 150 29.20 -18.85 9.09
C GLU A 150 29.20 -20.38 9.11
N GLY A 151 28.48 -21.02 8.18
CA GLY A 151 28.55 -22.47 8.09
C GLY A 151 29.93 -22.96 7.72
N ALA A 152 30.60 -22.28 6.78
CA ALA A 152 31.97 -22.63 6.43
C ALA A 152 32.89 -22.47 7.63
N SER A 153 32.73 -21.38 8.38
CA SER A 153 33.54 -21.18 9.57
C SER A 153 33.30 -22.28 10.60
N ILE A 154 32.04 -22.65 10.81
CA ILE A 154 31.71 -23.70 11.77
C ILE A 154 32.32 -25.03 11.35
N ILE A 155 32.22 -25.36 10.05
CA ILE A 155 32.80 -26.60 9.55
C ILE A 155 34.32 -26.58 9.72
N GLY A 156 34.95 -25.43 9.47
CA GLY A 156 36.39 -25.33 9.66
C GLY A 156 36.79 -25.56 11.11
N LEU A 157 36.06 -24.95 12.04
CA LEU A 157 36.35 -25.17 13.46
C LEU A 157 36.08 -26.61 13.87
N PHE A 158 35.05 -27.23 13.29
CA PHE A 158 34.78 -28.64 13.58
C PHE A 158 35.94 -29.53 13.12
N ILE A 159 36.46 -29.26 11.93
CA ILE A 159 37.61 -30.02 11.42
C ILE A 159 38.83 -29.78 12.28
N MET A 160 39.02 -28.53 12.74
CA MET A 160 40.14 -28.23 13.62
C MET A 160 40.04 -29.01 14.92
N MET A 161 38.83 -29.09 15.50
CA MET A 161 38.63 -29.90 16.70
C MET A 161 38.91 -31.38 16.42
N PHE A 162 38.42 -31.89 15.29
CA PHE A 162 38.61 -33.30 14.97
C PHE A 162 40.09 -33.63 14.84
N TYR A 163 40.86 -32.75 14.21
CA TYR A 163 42.30 -32.98 14.07
C TYR A 163 43.01 -32.84 15.41
N TYR A 164 42.71 -31.77 16.15
CA TYR A 164 43.45 -31.48 17.38
C TYR A 164 43.17 -32.54 18.45
N SER A 165 41.90 -32.81 18.73
CA SER A 165 41.54 -33.74 19.81
C SER A 165 40.12 -34.22 19.59
N TRP A 166 39.96 -35.50 19.28
CA TRP A 166 38.65 -36.11 19.12
C TRP A 166 37.99 -36.48 20.44
N GLN A 167 38.75 -36.48 21.55
CA GLN A 167 38.17 -36.81 22.85
C GLN A 167 37.24 -35.73 23.34
N LEU A 168 37.65 -34.46 23.24
CA LEU A 168 36.85 -33.36 23.74
C LEU A 168 35.79 -32.88 22.75
N SER A 169 35.81 -33.38 21.52
CA SER A 169 34.84 -32.99 20.52
C SER A 169 33.57 -33.84 20.54
N ILE A 170 33.51 -34.83 21.43
CA ILE A 170 32.34 -35.70 21.49
C ILE A 170 31.11 -34.95 21.98
N ILE A 171 31.29 -33.97 22.86
CA ILE A 171 30.13 -33.23 23.38
C ILE A 171 29.50 -32.39 22.28
N LEU A 172 30.30 -31.85 21.37
CA LEU A 172 29.71 -31.11 20.25
C LEU A 172 28.88 -32.04 19.37
N ILE A 173 29.37 -33.26 19.15
CA ILE A 173 28.62 -34.24 18.37
C ILE A 173 27.31 -34.58 19.07
N VAL A 174 27.34 -34.77 20.39
CA VAL A 174 26.12 -35.18 21.09
C VAL A 174 25.14 -34.02 21.26
N LEU A 175 25.60 -32.77 21.25
CA LEU A 175 24.70 -31.63 21.36
C LEU A 175 24.28 -31.07 20.01
N ALA A 176 24.91 -31.49 18.92
CA ALA A 176 24.48 -31.03 17.60
C ALA A 176 23.01 -31.36 17.31
N PRO A 177 22.48 -32.56 17.63
CA PRO A 177 21.03 -32.74 17.47
C PRO A 177 20.21 -31.76 18.27
N ILE A 178 20.62 -31.43 19.49
CA ILE A 178 19.84 -30.54 20.34
C ILE A 178 19.79 -29.14 19.75
N VAL A 179 20.95 -28.59 19.38
CA VAL A 179 20.99 -27.24 18.83
C VAL A 179 20.32 -27.22 17.46
N SER A 180 20.45 -28.29 16.68
CA SER A 180 19.78 -28.34 15.38
C SER A 180 18.26 -28.34 15.55
N ILE A 181 17.75 -29.11 16.50
CA ILE A 181 16.30 -29.13 16.76
C ILE A 181 15.82 -27.77 17.23
N ALA A 182 16.59 -27.14 18.14
CA ALA A 182 16.22 -25.81 18.62
C ALA A 182 16.18 -24.81 17.48
N ILE A 183 17.19 -24.84 16.61
CA ILE A 183 17.22 -23.92 15.46
C ILE A 183 16.03 -24.20 14.55
N ARG A 184 15.69 -25.48 14.34
CA ARG A 184 14.59 -25.83 13.46
C ARG A 184 13.26 -25.30 14.00
N VAL A 185 13.00 -25.51 15.29
CA VAL A 185 11.72 -25.06 15.85
C VAL A 185 11.67 -23.54 15.88
N VAL A 186 12.80 -22.89 16.20
CA VAL A 186 12.84 -21.44 16.20
C VAL A 186 12.57 -20.90 14.80
N SER A 187 13.16 -21.53 13.78
CA SER A 187 12.96 -21.08 12.40
C SER A 187 11.50 -21.28 11.97
N LYS A 188 10.91 -22.42 12.33
CA LYS A 188 9.51 -22.66 11.97
C LYS A 188 8.60 -21.64 12.65
N ARG A 189 8.85 -21.34 13.93
CA ARG A 189 8.06 -20.32 14.61
C ARG A 189 8.26 -18.95 13.96
N PHE A 190 9.51 -18.62 13.63
CA PHE A 190 9.81 -17.35 12.99
C PHE A 190 9.03 -17.21 11.69
N ARG A 191 9.03 -18.25 10.87
CA ARG A 191 8.24 -18.26 9.65
C ARG A 191 6.76 -18.11 9.95
N ASN A 192 6.30 -18.69 11.07
CA ASN A 192 4.89 -18.57 11.43
C ASN A 192 4.50 -17.12 11.68
N ILE A 193 5.23 -16.43 12.55
CA ILE A 193 4.84 -15.03 12.79
C ILE A 193 5.14 -14.16 11.57
N SER A 194 6.15 -14.52 10.76
CA SER A 194 6.42 -13.74 9.56
C SER A 194 5.25 -13.83 8.59
N LYS A 195 4.69 -15.02 8.40
CA LYS A 195 3.53 -15.17 7.54
C LYS A 195 2.29 -14.52 8.14
N ASN A 196 2.13 -14.60 9.45
CA ASN A 196 0.94 -14.03 10.09
C ASN A 196 0.97 -12.50 10.07
N MET A 197 2.13 -11.89 10.29
CA MET A 197 2.22 -10.45 10.41
C MET A 197 2.10 -9.76 9.06
N GLN A 198 2.71 -10.32 8.01
CA GLN A 198 2.55 -9.75 6.68
C GLN A 198 1.14 -9.94 6.14
N ASN A 199 0.36 -10.85 6.73
CA ASN A 199 -1.04 -10.99 6.35
C ASN A 199 -1.89 -9.88 6.94
N THR A 200 -1.57 -9.42 8.15
CA THR A 200 -2.35 -8.36 8.78
C THR A 200 -1.94 -6.97 8.29
N MET A 201 -0.80 -6.84 7.59
CA MET A 201 -0.51 -5.59 6.91
C MET A 201 -1.48 -5.36 5.75
N GLY A 202 -1.95 -6.45 5.13
CA GLY A 202 -3.03 -6.32 4.18
C GLY A 202 -4.29 -5.74 4.82
N GLN A 203 -4.55 -6.11 6.07
CA GLN A 203 -5.66 -5.49 6.80
C GLN A 203 -5.42 -4.00 7.02
N VAL A 204 -4.17 -3.62 7.31
CA VAL A 204 -3.84 -2.21 7.47
C VAL A 204 -4.13 -1.46 6.18
N THR A 205 -3.67 -2.00 5.06
CA THR A 205 -3.86 -1.35 3.77
C THR A 205 -5.34 -1.27 3.41
N THR A 206 -6.09 -2.33 3.68
CA THR A 206 -7.53 -2.33 3.40
C THR A 206 -8.26 -1.29 4.25
N SER A 207 -7.92 -1.21 5.53
CA SER A 207 -8.55 -0.23 6.41
C SER A 207 -8.23 1.19 5.96
N ALA A 208 -6.98 1.43 5.55
CA ALA A 208 -6.63 2.75 5.04
C ALA A 208 -7.38 3.06 3.74
N GLU A 209 -7.47 2.06 2.84
CA GLU A 209 -8.09 2.28 1.53
C GLU A 209 -9.58 2.55 1.67
N GLN A 210 -10.25 1.89 2.63
CA GLN A 210 -11.67 2.10 2.81
C GLN A 210 -11.98 3.56 3.15
N MET A 211 -11.17 4.17 4.01
CA MET A 211 -11.36 5.58 4.32
C MET A 211 -10.87 6.48 3.20
N LEU A 212 -9.78 6.10 2.53
CA LEU A 212 -9.26 6.93 1.44
C LEU A 212 -10.26 7.07 0.30
N LYS A 213 -10.90 5.96 -0.08
CA LYS A 213 -11.81 5.94 -1.22
C LYS A 213 -13.26 6.20 -0.83
N GLY A 214 -13.54 6.37 0.47
CA GLY A 214 -14.89 6.63 0.91
C GLY A 214 -14.99 7.83 1.83
N HIS A 215 -14.19 8.86 1.54
CA HIS A 215 -14.15 10.03 2.41
C HIS A 215 -15.48 10.77 2.41
N LYS A 216 -16.12 10.88 1.24
CA LYS A 216 -17.34 11.68 1.13
C LYS A 216 -18.43 11.16 2.06
N GLU A 217 -18.73 9.86 1.99
CA GLU A 217 -19.80 9.31 2.80
C GLU A 217 -19.40 9.16 4.26
N VAL A 218 -18.11 8.96 4.55
CA VAL A 218 -17.68 8.91 5.94
C VAL A 218 -17.69 10.30 6.56
N LEU A 219 -17.76 11.36 5.74
CA LEU A 219 -18.02 12.70 6.26
C LEU A 219 -19.52 12.93 6.41
N ILE A 220 -20.29 12.56 5.39
CA ILE A 220 -21.73 12.83 5.35
C ILE A 220 -22.45 12.11 6.47
N PHE A 221 -22.21 10.80 6.60
CA PHE A 221 -22.95 9.95 7.53
C PHE A 221 -22.32 9.90 8.91
N GLY A 222 -21.53 10.92 9.26
CA GLY A 222 -20.89 10.92 10.55
C GLY A 222 -19.90 9.77 10.70
N GLY A 223 -19.82 9.25 11.91
CA GLY A 223 -18.91 8.15 12.17
C GLY A 223 -17.45 8.51 12.05
N GLN A 224 -17.07 9.67 12.58
CA GLN A 224 -15.67 10.06 12.59
C GLN A 224 -14.83 9.24 13.57
N GLU A 225 -15.47 8.41 14.40
CA GLU A 225 -14.76 7.62 15.39
C GLU A 225 -14.75 6.12 15.09
N VAL A 226 -15.71 5.61 14.31
CA VAL A 226 -15.76 4.18 14.05
C VAL A 226 -14.57 3.74 13.19
N GLU A 227 -14.27 4.49 12.13
CA GLU A 227 -13.11 4.17 11.30
C GLU A 227 -11.81 4.31 12.09
N THR A 228 -11.74 5.33 12.95
CA THR A 228 -10.56 5.50 13.79
C THR A 228 -10.38 4.31 14.72
N LYS A 229 -11.47 3.83 15.32
CA LYS A 229 -11.38 2.67 16.20
C LYS A 229 -10.96 1.42 15.43
N ARG A 230 -11.52 1.23 14.23
CA ARG A 230 -11.15 0.06 13.43
C ARG A 230 -9.67 0.08 13.07
N PHE A 231 -9.19 1.23 12.60
CA PHE A 231 -7.77 1.35 12.26
C PHE A 231 -6.88 1.21 13.50
N ASP A 232 -7.35 1.71 14.65
CA ASP A 232 -6.60 1.57 15.88
C ASP A 232 -6.45 0.10 16.27
N LYS A 233 -7.55 -0.66 16.18
CA LYS A 233 -7.48 -2.08 16.50
C LYS A 233 -6.55 -2.81 15.53
N VAL A 234 -6.64 -2.49 14.23
CA VAL A 234 -5.79 -3.16 13.24
C VAL A 234 -4.32 -2.84 13.47
N SER A 235 -4.00 -1.56 13.73
CA SER A 235 -2.62 -1.17 14.01
C SER A 235 -2.11 -1.80 15.29
N ASN A 236 -2.94 -1.91 16.33
CA ASN A 236 -2.54 -2.60 17.54
C ASN A 236 -2.24 -4.07 17.27
N ARG A 237 -3.06 -4.70 16.43
CA ARG A 237 -2.80 -6.09 16.05
C ARG A 237 -1.45 -6.22 15.36
N MET A 238 -1.16 -5.32 14.42
CA MET A 238 0.12 -5.37 13.72
C MET A 238 1.28 -5.14 14.69
N ARG A 239 1.14 -4.16 15.59
CA ARG A 239 2.21 -3.88 16.53
C ARG A 239 2.48 -5.05 17.45
N LEU A 240 1.42 -5.72 17.92
CA LEU A 240 1.63 -6.87 18.78
C LEU A 240 2.18 -8.06 18.02
N GLN A 241 1.84 -8.21 16.73
CA GLN A 241 2.49 -9.24 15.93
C GLN A 241 3.99 -8.98 15.81
N GLY A 242 4.37 -7.73 15.55
CA GLY A 242 5.78 -7.39 15.54
C GLY A 242 6.45 -7.63 16.88
N MET A 243 5.73 -7.33 17.96
CA MET A 243 6.26 -7.58 19.29
C MET A 243 6.50 -9.07 19.53
N LYS A 244 5.56 -9.91 19.09
CA LYS A 244 5.75 -11.35 19.20
C LYS A 244 6.97 -11.81 18.40
N MET A 245 7.13 -11.28 17.19
CA MET A 245 8.28 -11.65 16.36
C MET A 245 9.58 -11.28 17.06
N VAL A 246 9.66 -10.04 17.57
CA VAL A 246 10.90 -9.61 18.21
C VAL A 246 11.13 -10.36 19.52
N SER A 247 10.06 -10.73 20.23
CA SER A 247 10.21 -11.50 21.45
C SER A 247 10.77 -12.89 21.16
N ALA A 248 10.26 -13.54 20.11
CA ALA A 248 10.82 -14.82 19.72
C ALA A 248 12.28 -14.68 19.29
N SER A 249 12.60 -13.60 18.56
CA SER A 249 13.97 -13.36 18.14
C SER A 249 14.90 -13.19 19.33
N SER A 250 14.47 -12.43 20.34
CA SER A 250 15.29 -12.19 21.52
C SER A 250 15.30 -13.37 22.49
N ILE A 251 14.35 -14.29 22.34
CA ILE A 251 14.35 -15.51 23.15
C ILE A 251 15.28 -16.57 22.54
N SER A 252 15.35 -16.63 21.21
CA SER A 252 16.08 -17.70 20.56
C SER A 252 17.58 -17.66 20.91
N ASP A 253 18.17 -16.47 20.92
CA ASP A 253 19.61 -16.37 21.13
C ASP A 253 20.06 -16.90 22.49
N PRO A 254 19.41 -16.56 23.61
CA PRO A 254 19.86 -17.11 24.90
C PRO A 254 19.94 -18.63 24.94
N ILE A 255 19.03 -19.34 24.28
CA ILE A 255 19.03 -20.81 24.38
C ILE A 255 20.25 -21.39 23.68
N ILE A 256 20.55 -20.91 22.46
CA ILE A 256 21.73 -21.38 21.75
C ILE A 256 22.99 -21.03 22.52
N GLN A 257 23.05 -19.80 23.05
CA GLN A 257 24.21 -19.41 23.84
C GLN A 257 24.35 -20.31 25.08
N LEU A 258 23.24 -20.66 25.71
CA LEU A 258 23.27 -21.50 26.90
C LEU A 258 23.74 -22.90 26.57
N ILE A 259 23.35 -23.43 25.41
CA ILE A 259 23.86 -24.72 24.98
C ILE A 259 25.37 -24.66 24.80
N ALA A 260 25.85 -23.60 24.15
CA ALA A 260 27.30 -23.43 23.98
C ALA A 260 28.01 -23.33 25.33
N SER A 261 27.42 -22.61 26.28
CA SER A 261 28.02 -22.48 27.59
C SER A 261 27.96 -23.79 28.38
N LEU A 262 26.95 -24.62 28.13
CA LEU A 262 26.92 -25.93 28.74
C LEU A 262 28.07 -26.79 28.22
N ALA A 263 28.36 -26.69 26.91
CA ALA A 263 29.55 -27.34 26.38
C ALA A 263 30.82 -26.80 27.02
N LEU A 264 30.88 -25.47 27.22
CA LEU A 264 32.03 -24.85 27.87
C LEU A 264 32.21 -25.38 29.31
N ALA A 265 31.10 -25.49 30.04
CA ALA A 265 31.17 -26.02 31.39
C ALA A 265 31.62 -27.47 31.38
N PHE A 266 31.15 -28.26 30.43
CA PHE A 266 31.55 -29.67 30.36
C PHE A 266 33.05 -29.79 30.11
N VAL A 267 33.57 -29.00 29.16
CA VAL A 267 34.99 -29.12 28.85
C VAL A 267 35.84 -28.60 29.99
N LEU A 268 35.38 -27.55 30.68
CA LEU A 268 36.10 -27.07 31.86
C LEU A 268 36.12 -28.14 32.96
N TYR A 269 34.99 -28.82 33.16
CA TYR A 269 34.93 -29.88 34.15
C TYR A 269 35.83 -31.04 33.78
N ALA A 270 35.88 -31.39 32.49
CA ALA A 270 36.78 -32.45 32.03
C ALA A 270 38.23 -32.07 32.26
N ALA A 271 38.59 -30.81 31.97
CA ALA A 271 39.95 -30.35 32.26
C ALA A 271 40.23 -30.28 33.76
N SER A 272 39.19 -30.19 34.59
CA SER A 272 39.38 -30.17 36.03
C SER A 272 39.97 -31.48 36.52
N PHE A 273 39.52 -32.59 35.97
CA PHE A 273 40.01 -33.90 36.40
C PHE A 273 41.48 -34.07 35.99
N PRO A 274 42.37 -34.40 36.92
CA PRO A 274 43.79 -34.58 36.58
C PRO A 274 44.06 -35.97 35.97
N SER A 275 43.43 -36.23 34.83
CA SER A 275 43.60 -37.51 34.16
C SER A 275 44.97 -37.56 33.48
N VAL A 276 45.40 -38.80 33.18
CA VAL A 276 46.69 -38.99 32.52
C VAL A 276 46.68 -38.35 31.13
N MET A 277 45.59 -38.53 30.38
CA MET A 277 45.48 -37.91 29.07
C MET A 277 45.46 -36.39 29.21
N ASP A 278 44.72 -35.87 30.19
CA ASP A 278 44.70 -34.44 30.43
C ASP A 278 46.08 -33.91 30.81
N SER A 279 46.79 -34.64 31.68
CA SER A 279 48.12 -34.21 32.10
C SER A 279 49.11 -34.21 30.95
N LEU A 280 49.07 -35.24 30.10
CA LEU A 280 50.01 -35.32 28.99
C LEU A 280 49.68 -34.30 27.90
N THR A 281 48.39 -34.09 27.63
CA THR A 281 47.94 -33.19 26.59
C THR A 281 47.39 -31.89 27.18
N ALA A 282 48.02 -31.39 28.24
CA ALA A 282 47.56 -30.16 28.87
C ALA A 282 47.65 -28.96 27.94
N GLY A 283 48.67 -28.94 27.07
CA GLY A 283 48.80 -27.84 26.13
C GLY A 283 47.65 -27.78 25.13
N THR A 284 47.19 -28.94 24.68
CA THR A 284 46.09 -28.98 23.72
C THR A 284 44.78 -28.52 24.31
N ILE A 285 44.62 -28.60 25.64
CA ILE A 285 43.38 -28.15 26.28
C ILE A 285 43.19 -26.65 26.07
N THR A 286 44.25 -25.87 26.24
CA THR A 286 44.15 -24.43 25.99
C THR A 286 43.83 -24.15 24.53
N VAL A 287 44.41 -24.92 23.61
CA VAL A 287 44.16 -24.71 22.19
C VAL A 287 42.69 -24.97 21.86
N VAL A 288 42.15 -26.08 22.34
CA VAL A 288 40.76 -26.40 22.02
C VAL A 288 39.82 -25.42 22.70
N PHE A 289 40.14 -24.99 23.93
CA PHE A 289 39.31 -24.00 24.60
C PHE A 289 39.30 -22.68 23.85
N SER A 290 40.46 -22.23 23.38
CA SER A 290 40.53 -20.99 22.61
C SER A 290 39.79 -21.13 21.28
N SER A 291 39.89 -22.29 20.64
CA SER A 291 39.17 -22.51 19.39
C SER A 291 37.66 -22.48 19.61
N MET A 292 37.19 -23.09 20.69
CA MET A 292 35.75 -23.19 20.91
C MET A 292 35.18 -21.86 21.41
N ILE A 293 35.94 -21.08 22.17
CA ILE A 293 35.48 -19.76 22.58
C ILE A 293 35.31 -18.84 21.38
N ALA A 294 35.91 -19.17 20.24
CA ALA A 294 35.77 -18.39 19.03
C ALA A 294 34.56 -18.80 18.19
N LEU A 295 33.83 -19.84 18.62
CA LEU A 295 32.61 -20.25 17.92
C LEU A 295 31.40 -19.42 18.34
N MET A 296 31.52 -18.69 19.45
CA MET A 296 30.40 -17.90 19.96
C MET A 296 29.95 -16.87 18.94
N ARG A 297 30.90 -16.14 18.34
CA ARG A 297 30.54 -15.12 17.36
C ARG A 297 29.89 -15.70 16.11
N PRO A 298 30.43 -16.75 15.46
CA PRO A 298 29.71 -17.32 14.32
C PRO A 298 28.35 -17.87 14.68
N LEU A 299 28.21 -18.53 15.83
CA LEU A 299 26.91 -19.05 16.23
C LEU A 299 25.91 -17.92 16.43
N LYS A 300 26.32 -16.86 17.12
CA LYS A 300 25.43 -15.73 17.35
C LYS A 300 25.04 -15.06 16.04
N SER A 301 26.01 -14.87 15.14
CA SER A 301 25.70 -14.22 13.87
C SER A 301 24.73 -15.06 13.04
N LEU A 302 24.96 -16.37 12.95
CA LEU A 302 24.08 -17.24 12.19
C LEU A 302 22.67 -17.24 12.78
N THR A 303 22.57 -17.38 14.11
CA THR A 303 21.26 -17.44 14.73
C THR A 303 20.52 -16.11 14.61
N ASN A 304 21.24 -14.98 14.70
CA ASN A 304 20.61 -13.68 14.55
C ASN A 304 20.13 -13.44 13.12
N VAL A 305 20.95 -13.80 12.12
CA VAL A 305 20.54 -13.62 10.74
C VAL A 305 19.44 -14.62 10.36
N ASN A 306 19.29 -15.69 11.14
CA ASN A 306 18.21 -16.64 10.88
C ASN A 306 16.84 -15.99 10.94
N ALA A 307 16.66 -14.96 11.78
CA ALA A 307 15.37 -14.30 11.88
C ALA A 307 14.98 -13.65 10.55
N GLN A 308 15.88 -12.82 10.00
CA GLN A 308 15.62 -12.19 8.71
C GLN A 308 15.50 -13.22 7.60
N PHE A 309 16.37 -14.25 7.63
CA PHE A 309 16.31 -15.28 6.60
C PHE A 309 14.96 -15.99 6.60
N GLN A 310 14.45 -16.33 7.79
CA GLN A 310 13.17 -17.03 7.87
C GLN A 310 12.00 -16.13 7.53
N ARG A 311 12.06 -14.85 7.91
CA ARG A 311 11.01 -13.92 7.51
C ARG A 311 10.94 -13.83 5.98
N GLY A 312 12.09 -13.64 5.34
CA GLY A 312 12.11 -13.62 3.89
C GLY A 312 11.67 -14.94 3.27
N MET A 313 12.03 -16.05 3.90
CA MET A 313 11.67 -17.35 3.35
C MET A 313 10.16 -17.59 3.44
N ALA A 314 9.54 -17.17 4.54
CA ALA A 314 8.10 -17.28 4.66
C ALA A 314 7.39 -16.37 3.66
N ALA A 315 7.90 -15.15 3.47
CA ALA A 315 7.34 -14.29 2.44
C ALA A 315 7.45 -14.94 1.06
N CYS A 316 8.60 -15.55 0.77
CA CYS A 316 8.78 -16.27 -0.48
C CYS A 316 7.80 -17.43 -0.61
N GLN A 317 7.59 -18.16 0.48
CA GLN A 317 6.66 -19.29 0.47
C GLN A 317 5.25 -18.84 0.10
N THR A 318 4.74 -17.83 0.80
CA THR A 318 3.39 -17.37 0.48
C THR A 318 3.33 -16.72 -0.90
N LEU A 319 4.42 -16.08 -1.34
CA LEU A 319 4.41 -15.43 -2.64
C LEU A 319 4.34 -16.46 -3.76
N PHE A 320 5.11 -17.55 -3.64
CA PHE A 320 4.99 -18.63 -4.61
C PHE A 320 3.66 -19.36 -4.47
N THR A 321 3.07 -19.35 -3.27
CA THR A 321 1.73 -19.93 -3.12
C THR A 321 0.72 -19.17 -3.94
N ILE A 322 0.73 -17.84 -3.86
CA ILE A 322 -0.22 -17.06 -4.66
C ILE A 322 0.14 -17.11 -6.14
N LEU A 323 1.44 -17.12 -6.46
CA LEU A 323 1.87 -17.13 -7.86
C LEU A 323 1.42 -18.40 -8.59
N ASP A 324 1.12 -19.48 -7.88
CA ASP A 324 0.67 -20.73 -8.48
C ASP A 324 -0.83 -20.92 -8.34
N SER A 325 -1.59 -19.82 -8.43
CA SER A 325 -3.03 -19.89 -8.36
C SER A 325 -3.60 -20.20 -9.74
N GLU A 326 -4.93 -20.26 -9.83
CA GLU A 326 -5.62 -20.56 -11.07
C GLU A 326 -5.85 -19.26 -11.85
N GLN A 327 -5.21 -19.13 -13.01
CA GLN A 327 -5.34 -17.96 -13.83
C GLN A 327 -6.54 -18.11 -14.77
N GLU A 328 -6.74 -17.11 -15.63
CA GLU A 328 -7.83 -17.16 -16.59
C GLU A 328 -7.60 -18.27 -17.61
N LYS A 329 -8.68 -18.89 -18.05
CA LYS A 329 -8.59 -19.99 -19.01
C LYS A 329 -8.12 -19.45 -20.35
N ASP A 330 -7.10 -20.10 -20.93
CA ASP A 330 -6.52 -19.70 -22.20
C ASP A 330 -6.25 -20.92 -23.08
N GLU A 331 -7.14 -21.90 -23.02
CA GLU A 331 -6.96 -23.11 -23.82
C GLU A 331 -7.12 -22.82 -25.30
N GLY A 332 -8.17 -22.09 -25.67
CA GLY A 332 -8.41 -21.76 -27.06
C GLY A 332 -7.36 -20.88 -27.68
N LYS A 333 -6.87 -21.28 -28.86
CA LYS A 333 -5.86 -20.51 -29.61
C LYS A 333 -6.34 -20.36 -31.04
N ARG A 334 -7.16 -19.34 -31.30
CA ARG A 334 -7.71 -19.07 -32.62
C ARG A 334 -7.81 -17.56 -32.78
N VAL A 335 -6.82 -16.97 -33.45
CA VAL A 335 -6.81 -15.53 -33.69
C VAL A 335 -7.82 -15.19 -34.77
N ILE A 336 -8.67 -14.21 -34.50
CA ILE A 336 -9.70 -13.77 -35.43
C ILE A 336 -9.62 -12.26 -35.57
N GLU A 337 -9.62 -11.78 -36.81
CA GLU A 337 -9.51 -10.36 -37.11
C GLU A 337 -10.83 -9.86 -37.72
N ARG A 338 -11.41 -8.85 -37.09
CA ARG A 338 -12.63 -8.20 -37.58
C ARG A 338 -13.75 -9.21 -37.81
N ALA A 339 -14.17 -9.85 -36.73
CA ALA A 339 -15.26 -10.81 -36.80
C ALA A 339 -16.58 -10.10 -37.10
N THR A 340 -17.48 -10.83 -37.76
CA THR A 340 -18.79 -10.25 -38.11
C THR A 340 -19.58 -9.90 -36.85
N GLY A 341 -19.56 -10.76 -35.84
CA GLY A 341 -20.25 -10.52 -34.60
C GLY A 341 -21.59 -11.19 -34.44
N ASP A 342 -21.79 -12.37 -35.03
CA ASP A 342 -23.06 -13.09 -34.93
C ASP A 342 -23.07 -13.89 -33.62
N VAL A 343 -23.26 -13.15 -32.52
CA VAL A 343 -23.30 -13.76 -31.20
C VAL A 343 -24.66 -14.42 -31.01
N GLU A 344 -24.66 -15.71 -30.67
CA GLU A 344 -25.88 -16.48 -30.51
C GLU A 344 -25.77 -17.37 -29.28
N PHE A 345 -26.87 -17.51 -28.55
CA PHE A 345 -26.92 -18.26 -27.30
C PHE A 345 -27.76 -19.51 -27.47
N ARG A 346 -27.29 -20.63 -26.93
CA ARG A 346 -28.01 -21.91 -26.99
C ARG A 346 -28.11 -22.49 -25.58
N ASN A 347 -29.27 -22.28 -24.94
CA ASN A 347 -29.63 -22.96 -23.70
C ASN A 347 -28.54 -22.83 -22.64
N VAL A 348 -27.96 -21.64 -22.53
CA VAL A 348 -26.88 -21.39 -21.60
C VAL A 348 -27.46 -20.93 -20.26
N THR A 349 -27.06 -21.61 -19.19
CA THR A 349 -27.44 -21.24 -17.83
C THR A 349 -26.17 -20.91 -17.06
N PHE A 350 -26.13 -19.71 -16.48
CA PHE A 350 -24.95 -19.23 -15.78
C PHE A 350 -25.26 -19.05 -14.30
N THR A 351 -24.29 -19.41 -13.46
CA THR A 351 -24.41 -19.27 -12.01
C THR A 351 -23.17 -18.54 -11.50
N TYR A 352 -23.38 -17.43 -10.79
CA TYR A 352 -22.28 -16.71 -10.19
C TYR A 352 -21.67 -17.53 -9.05
N PRO A 353 -20.35 -17.45 -8.87
CA PRO A 353 -19.71 -18.18 -7.77
C PRO A 353 -20.27 -17.76 -6.42
N GLY A 354 -20.47 -18.75 -5.55
CA GLY A 354 -21.01 -18.51 -4.23
C GLY A 354 -22.50 -18.35 -4.16
N ARG A 355 -23.21 -18.47 -5.29
CA ARG A 355 -24.66 -18.31 -5.34
C ARG A 355 -25.31 -19.63 -5.73
N ASP A 356 -26.28 -20.07 -4.92
CA ASP A 356 -26.99 -21.30 -5.26
C ASP A 356 -27.98 -21.08 -6.40
N VAL A 357 -28.70 -19.97 -6.38
CA VAL A 357 -29.71 -19.66 -7.40
C VAL A 357 -29.01 -19.18 -8.66
N PRO A 358 -29.25 -19.81 -9.81
CA PRO A 358 -28.63 -19.35 -11.06
C PRO A 358 -29.09 -17.95 -11.42
N ALA A 359 -28.17 -17.16 -11.97
CA ALA A 359 -28.52 -15.81 -12.41
C ALA A 359 -29.32 -15.84 -13.70
N LEU A 360 -28.95 -16.72 -14.63
CA LEU A 360 -29.65 -16.88 -15.90
C LEU A 360 -30.09 -18.33 -16.06
N ARG A 361 -31.32 -18.52 -16.53
CA ARG A 361 -31.89 -19.85 -16.71
C ARG A 361 -32.34 -20.00 -18.16
N ASN A 362 -31.56 -20.76 -18.94
CA ASN A 362 -31.87 -21.07 -20.33
C ASN A 362 -32.09 -19.78 -21.15
N ILE A 363 -31.20 -18.80 -20.95
CA ILE A 363 -31.29 -17.56 -21.72
C ILE A 363 -30.94 -17.84 -23.18
N ASN A 364 -31.77 -17.34 -24.08
CA ASN A 364 -31.62 -17.60 -25.52
C ASN A 364 -31.93 -16.32 -26.27
N LEU A 365 -30.94 -15.81 -27.00
CA LEU A 365 -31.12 -14.63 -27.82
C LEU A 365 -30.15 -14.67 -28.99
N LYS A 366 -30.46 -13.91 -30.03
CA LYS A 366 -29.65 -13.86 -31.24
C LYS A 366 -29.27 -12.41 -31.54
N ILE A 367 -28.01 -12.21 -31.92
CA ILE A 367 -27.51 -10.89 -32.30
C ILE A 367 -26.88 -11.00 -33.68
N PRO A 368 -27.66 -10.92 -34.75
CA PRO A 368 -27.10 -11.04 -36.10
C PRO A 368 -26.31 -9.81 -36.49
N ALA A 369 -25.60 -9.93 -37.60
CA ALA A 369 -24.73 -8.85 -38.07
C ALA A 369 -25.55 -7.62 -38.46
N GLY A 370 -25.03 -6.44 -38.09
CA GLY A 370 -25.69 -5.19 -38.44
C GLY A 370 -27.07 -5.03 -37.83
N LYS A 371 -27.23 -5.43 -36.57
CA LYS A 371 -28.50 -5.31 -35.87
C LYS A 371 -28.26 -4.79 -34.47
N THR A 372 -29.19 -3.97 -33.97
CA THR A 372 -29.13 -3.44 -32.62
C THR A 372 -30.23 -4.10 -31.79
N VAL A 373 -29.82 -4.80 -30.74
CA VAL A 373 -30.74 -5.50 -29.84
C VAL A 373 -30.75 -4.81 -28.49
N ALA A 374 -31.95 -4.64 -27.93
CA ALA A 374 -32.14 -3.90 -26.69
C ALA A 374 -32.68 -4.82 -25.62
N LEU A 375 -32.11 -4.76 -24.43
CA LEU A 375 -32.57 -5.54 -23.29
C LEU A 375 -33.22 -4.63 -22.25
N VAL A 376 -34.43 -5.02 -21.82
CA VAL A 376 -35.16 -4.29 -20.79
C VAL A 376 -35.76 -5.31 -19.82
N GLY A 377 -36.34 -4.80 -18.75
CA GLY A 377 -37.01 -5.63 -17.77
C GLY A 377 -36.80 -5.11 -16.38
N ARG A 378 -37.01 -5.99 -15.40
CA ARG A 378 -36.83 -5.62 -14.01
C ARG A 378 -35.37 -5.30 -13.71
N SER A 379 -35.16 -4.41 -12.74
CA SER A 379 -33.80 -4.02 -12.39
C SER A 379 -33.05 -5.18 -11.76
N GLY A 380 -31.84 -5.43 -12.24
CA GLY A 380 -31.00 -6.47 -11.67
C GLY A 380 -31.42 -7.89 -11.94
N SER A 381 -32.16 -8.13 -13.02
CA SER A 381 -32.61 -9.50 -13.31
C SER A 381 -31.54 -10.30 -14.03
N GLY A 382 -31.21 -9.91 -15.26
CA GLY A 382 -30.23 -10.64 -16.04
C GLY A 382 -29.42 -9.80 -17.01
N LYS A 383 -29.53 -8.48 -16.92
CA LYS A 383 -29.08 -7.61 -18.01
C LYS A 383 -27.57 -7.57 -18.13
N SER A 384 -26.87 -7.10 -17.09
CA SER A 384 -25.41 -6.97 -17.18
C SER A 384 -24.72 -8.32 -17.24
N THR A 385 -25.38 -9.37 -16.75
CA THR A 385 -24.76 -10.70 -16.75
C THR A 385 -24.51 -11.18 -18.17
N ILE A 386 -25.46 -10.93 -19.08
CA ILE A 386 -25.30 -11.37 -20.46
C ILE A 386 -24.09 -10.68 -21.11
N ALA A 387 -23.96 -9.38 -20.90
CA ALA A 387 -22.80 -8.65 -21.41
C ALA A 387 -21.51 -9.15 -20.78
N SER A 388 -21.57 -9.56 -19.51
CA SER A 388 -20.38 -10.12 -18.87
C SER A 388 -19.96 -11.43 -19.51
N LEU A 389 -20.93 -12.31 -19.80
CA LEU A 389 -20.58 -13.59 -20.42
C LEU A 389 -20.18 -13.42 -21.89
N ILE A 390 -20.69 -12.39 -22.56
CA ILE A 390 -20.35 -12.22 -23.98
C ILE A 390 -18.85 -12.00 -24.16
N THR A 391 -18.25 -11.17 -23.31
CA THR A 391 -16.80 -10.96 -23.36
C THR A 391 -16.05 -11.99 -22.51
N ARG A 392 -16.76 -12.92 -21.90
CA ARG A 392 -16.18 -13.96 -21.03
C ARG A 392 -15.47 -13.34 -19.83
N PHE A 393 -16.13 -12.40 -19.16
CA PHE A 393 -15.69 -12.01 -17.83
C PHE A 393 -15.78 -13.19 -16.87
N TYR A 394 -16.84 -13.98 -16.97
CA TYR A 394 -17.02 -15.22 -16.24
C TYR A 394 -17.06 -16.38 -17.22
N ASP A 395 -17.31 -17.58 -16.70
CA ASP A 395 -17.36 -18.78 -17.51
C ASP A 395 -18.77 -19.37 -17.45
N ILE A 396 -19.30 -19.76 -18.62
CA ILE A 396 -20.62 -20.36 -18.67
C ILE A 396 -20.59 -21.76 -18.10
N ASP A 397 -21.77 -22.26 -17.71
CA ASP A 397 -21.91 -23.59 -17.13
C ASP A 397 -22.49 -24.59 -18.11
N GLU A 398 -23.64 -24.28 -18.71
CA GLU A 398 -24.29 -25.12 -19.71
C GLU A 398 -24.52 -24.29 -20.97
N GLY A 399 -25.05 -24.94 -22.00
CA GLY A 399 -25.33 -24.25 -23.24
C GLY A 399 -24.05 -23.91 -24.00
N GLU A 400 -24.23 -23.08 -25.03
CA GLU A 400 -23.10 -22.66 -25.85
C GLU A 400 -23.33 -21.24 -26.36
N ILE A 401 -22.29 -20.42 -26.29
CA ILE A 401 -22.31 -19.08 -26.84
C ILE A 401 -21.39 -19.05 -28.05
N LEU A 402 -21.95 -18.79 -29.22
CA LEU A 402 -21.22 -18.84 -30.49
C LEU A 402 -21.00 -17.42 -31.00
N MET A 403 -19.75 -17.09 -31.30
CA MET A 403 -19.39 -15.82 -31.92
C MET A 403 -18.88 -16.12 -33.33
N ASP A 404 -19.55 -15.53 -34.34
CA ASP A 404 -19.26 -15.80 -35.75
C ASP A 404 -19.35 -17.29 -36.05
N GLY A 405 -20.32 -17.97 -35.46
CA GLY A 405 -20.58 -19.37 -35.73
C GLY A 405 -19.72 -20.36 -34.96
N HIS A 406 -18.78 -19.90 -34.15
CA HIS A 406 -17.91 -20.78 -33.39
C HIS A 406 -17.91 -20.39 -31.92
N ASP A 407 -17.56 -21.36 -31.08
CA ASP A 407 -17.62 -21.17 -29.63
C ASP A 407 -16.63 -20.10 -29.17
N LEU A 408 -17.01 -19.39 -28.12
CA LEU A 408 -16.13 -18.36 -27.56
C LEU A 408 -14.86 -18.97 -26.98
N ARG A 409 -14.97 -20.13 -26.34
CA ARG A 409 -13.81 -20.75 -25.73
C ARG A 409 -12.76 -21.16 -26.75
N GLU A 410 -13.14 -21.30 -28.02
CA GLU A 410 -12.18 -21.69 -29.05
C GLU A 410 -11.24 -20.54 -29.41
N TYR A 411 -11.74 -19.30 -29.40
CA TYR A 411 -10.91 -18.15 -29.76
C TYR A 411 -9.96 -17.78 -28.62
N THR A 412 -8.83 -17.20 -29.00
CA THR A 412 -7.89 -16.70 -28.01
C THR A 412 -8.46 -15.46 -27.31
N LEU A 413 -8.03 -15.26 -26.06
CA LEU A 413 -8.64 -14.22 -25.23
C LEU A 413 -8.36 -12.83 -25.78
N ALA A 414 -7.14 -12.57 -26.24
CA ALA A 414 -6.77 -11.23 -26.70
C ALA A 414 -7.59 -10.83 -27.92
N SER A 415 -7.76 -11.74 -28.88
CA SER A 415 -8.55 -11.43 -30.06
C SER A 415 -10.01 -11.18 -29.71
N LEU A 416 -10.56 -11.97 -28.80
CA LEU A 416 -11.95 -11.77 -28.40
C LEU A 416 -12.15 -10.44 -27.71
N ARG A 417 -11.23 -10.06 -26.81
CA ARG A 417 -11.36 -8.77 -26.14
C ARG A 417 -11.12 -7.60 -27.08
N ASN A 418 -10.26 -7.79 -28.09
CA ASN A 418 -10.00 -6.72 -29.04
C ASN A 418 -11.19 -6.46 -29.96
N GLN A 419 -12.12 -7.40 -30.07
CA GLN A 419 -13.27 -7.26 -30.95
C GLN A 419 -14.54 -6.90 -30.19
N VAL A 420 -14.45 -6.63 -28.89
CA VAL A 420 -15.59 -6.23 -28.09
C VAL A 420 -15.18 -5.03 -27.24
N ALA A 421 -15.92 -3.94 -27.37
CA ALA A 421 -15.73 -2.74 -26.56
C ALA A 421 -17.07 -2.26 -26.06
N LEU A 422 -17.17 -2.02 -24.75
CA LEU A 422 -18.44 -1.64 -24.13
C LEU A 422 -18.22 -0.45 -23.20
N VAL A 423 -19.34 0.11 -22.76
CA VAL A 423 -19.35 1.16 -21.73
C VAL A 423 -19.84 0.54 -20.44
N SER A 424 -18.96 0.47 -19.45
CA SER A 424 -19.30 -0.17 -18.19
C SER A 424 -20.40 0.62 -17.46
N GLN A 425 -21.21 -0.11 -16.68
CA GLN A 425 -22.27 0.54 -15.92
C GLN A 425 -21.69 1.51 -14.90
N ASN A 426 -20.63 1.11 -14.21
CA ASN A 426 -19.92 1.97 -13.26
C ASN A 426 -18.58 2.34 -13.89
N VAL A 427 -18.58 3.43 -14.66
CA VAL A 427 -17.39 3.83 -15.39
C VAL A 427 -16.32 4.29 -14.42
N HIS A 428 -15.10 3.81 -14.62
CA HIS A 428 -13.95 4.13 -13.79
C HIS A 428 -12.85 4.70 -14.68
N LEU A 429 -12.85 6.02 -14.87
CA LEU A 429 -11.87 6.66 -15.72
C LEU A 429 -10.50 6.66 -15.05
N PHE A 430 -9.46 6.72 -15.88
CA PHE A 430 -8.09 6.70 -15.40
C PHE A 430 -7.59 8.12 -15.13
N ASN A 431 -6.67 8.23 -14.19
CA ASN A 431 -6.06 9.51 -13.84
C ASN A 431 -5.02 9.88 -14.87
N ASP A 432 -5.46 10.50 -15.96
CA ASP A 432 -4.58 10.93 -17.03
C ASP A 432 -5.26 12.05 -17.81
N THR A 433 -4.69 12.41 -18.95
CA THR A 433 -5.27 13.45 -19.78
C THR A 433 -6.56 12.94 -20.45
N VAL A 434 -7.38 13.89 -20.89
CA VAL A 434 -8.64 13.53 -21.54
C VAL A 434 -8.37 12.78 -22.85
N ALA A 435 -7.35 13.22 -23.60
CA ALA A 435 -7.00 12.52 -24.83
C ALA A 435 -6.54 11.09 -24.55
N ASN A 436 -5.73 10.91 -23.51
CA ASN A 436 -5.27 9.57 -23.16
C ASN A 436 -6.40 8.70 -22.65
N ASN A 437 -7.37 9.28 -21.96
CA ASN A 437 -8.51 8.50 -21.47
C ASN A 437 -9.45 8.11 -22.60
N ILE A 438 -9.65 9.01 -23.56
CA ILE A 438 -10.52 8.69 -24.70
C ILE A 438 -9.92 7.56 -25.52
N ALA A 439 -8.62 7.63 -25.81
CA ALA A 439 -7.91 6.56 -26.49
C ALA A 439 -6.97 5.92 -25.47
N TYR A 440 -7.50 4.97 -24.70
CA TYR A 440 -6.74 4.31 -23.65
C TYR A 440 -6.04 3.08 -24.22
N ALA A 441 -4.77 2.91 -23.84
CA ALA A 441 -3.93 1.78 -24.24
C ALA A 441 -3.67 1.74 -25.74
N ARG A 442 -4.12 2.74 -26.49
CA ARG A 442 -3.90 2.81 -27.93
C ARG A 442 -3.49 4.21 -28.36
N THR A 443 -2.78 4.94 -27.50
CA THR A 443 -2.41 6.31 -27.81
C THR A 443 -1.45 6.38 -28.99
N GLU A 444 -0.66 5.33 -29.22
CA GLU A 444 0.27 5.30 -30.34
C GLU A 444 -0.39 4.90 -31.65
N GLN A 445 -1.60 4.35 -31.60
CA GLN A 445 -2.28 3.87 -32.80
C GLN A 445 -3.28 4.88 -33.36
N TYR A 446 -3.78 5.79 -32.53
CA TYR A 446 -4.80 6.75 -32.95
C TYR A 446 -4.24 8.15 -32.88
N SER A 447 -4.47 8.93 -33.93
CA SER A 447 -3.98 10.30 -34.00
C SER A 447 -4.91 11.25 -33.24
N ARG A 448 -4.47 12.50 -33.13
CA ARG A 448 -5.27 13.50 -32.43
C ARG A 448 -6.58 13.78 -33.16
N GLU A 449 -6.55 13.78 -34.49
CA GLU A 449 -7.77 14.04 -35.26
C GLU A 449 -8.81 12.95 -35.01
N GLN A 450 -8.38 11.69 -34.96
CA GLN A 450 -9.32 10.61 -34.66
C GLN A 450 -9.91 10.75 -33.27
N ILE A 451 -9.08 11.14 -32.29
CA ILE A 451 -9.58 11.34 -30.93
C ILE A 451 -10.62 12.46 -30.90
N GLU A 452 -10.33 13.56 -31.59
CA GLU A 452 -11.28 14.68 -31.63
C GLU A 452 -12.58 14.28 -32.30
N GLU A 453 -12.49 13.52 -33.40
CA GLU A 453 -13.70 13.08 -34.09
C GLU A 453 -14.52 12.14 -33.22
N ALA A 454 -13.86 11.22 -32.50
CA ALA A 454 -14.56 10.32 -31.60
C ALA A 454 -15.24 11.09 -30.48
N ALA A 455 -14.55 12.10 -29.93
CA ALA A 455 -15.15 12.92 -28.88
C ALA A 455 -16.35 13.69 -29.40
N ARG A 456 -16.26 14.20 -30.63
CA ARG A 456 -17.39 14.90 -31.23
C ARG A 456 -18.57 13.97 -31.47
N MET A 457 -18.30 12.72 -31.87
CA MET A 457 -19.38 11.76 -32.08
C MET A 457 -20.12 11.45 -30.78
N ALA A 458 -19.46 11.62 -29.64
CA ALA A 458 -20.05 11.34 -28.34
C ALA A 458 -20.65 12.58 -27.70
N TYR A 459 -20.73 13.69 -28.42
CA TYR A 459 -21.25 14.96 -27.90
C TYR A 459 -20.47 15.41 -26.67
N ALA A 460 -19.15 15.18 -26.70
CA ALA A 460 -18.28 15.53 -25.59
C ALA A 460 -17.37 16.71 -25.88
N MET A 461 -17.31 17.18 -27.12
CA MET A 461 -16.44 18.31 -27.46
C MET A 461 -16.97 19.63 -26.94
N ASP A 462 -18.24 19.70 -26.54
CA ASP A 462 -18.80 20.95 -26.06
C ASP A 462 -18.17 21.37 -24.73
N PHE A 463 -18.11 20.46 -23.77
CA PHE A 463 -17.52 20.76 -22.47
C PHE A 463 -16.02 20.60 -22.43
N ILE A 464 -15.44 19.90 -23.41
CA ILE A 464 -13.99 19.71 -23.44
C ILE A 464 -13.29 21.03 -23.71
N ASN A 465 -13.81 21.82 -24.65
CA ASN A 465 -13.19 23.11 -24.96
C ASN A 465 -13.33 24.10 -23.80
N LYS A 466 -14.33 23.91 -22.95
CA LYS A 466 -14.52 24.80 -21.80
C LYS A 466 -13.47 24.57 -20.72
N MET A 467 -12.68 23.51 -20.80
CA MET A 467 -11.66 23.23 -19.81
C MET A 467 -10.46 24.17 -20.00
N ASP A 468 -9.56 24.14 -19.02
CA ASP A 468 -8.37 24.98 -19.10
C ASP A 468 -7.49 24.58 -20.28
N ASN A 469 -7.32 23.28 -20.51
CA ASN A 469 -6.56 22.76 -21.64
C ASN A 469 -7.43 21.75 -22.37
N GLY A 470 -7.82 22.08 -23.60
CA GLY A 470 -8.66 21.19 -24.39
C GLY A 470 -7.99 19.87 -24.70
N LEU A 471 -8.63 18.77 -24.30
CA LEU A 471 -8.14 17.41 -24.54
C LEU A 471 -6.77 17.17 -23.91
N ASP A 472 -6.35 18.01 -22.96
CA ASP A 472 -5.05 17.84 -22.33
C ASP A 472 -5.09 18.10 -20.83
N THR A 473 -6.26 18.13 -20.21
CA THR A 473 -6.40 18.45 -18.79
C THR A 473 -6.54 17.17 -17.98
N VAL A 474 -5.69 17.02 -16.96
CA VAL A 474 -5.80 15.88 -16.06
C VAL A 474 -7.11 15.97 -15.29
N ILE A 475 -7.70 14.81 -15.02
CA ILE A 475 -9.02 14.74 -14.40
C ILE A 475 -8.99 14.07 -13.03
N GLY A 476 -7.80 13.76 -12.52
CA GLY A 476 -7.69 13.20 -11.20
C GLY A 476 -8.12 11.74 -11.12
N GLU A 477 -8.17 11.24 -9.89
CA GLU A 477 -8.53 9.85 -9.65
C GLU A 477 -10.00 9.63 -9.99
N ASN A 478 -10.27 8.56 -10.74
CA ASN A 478 -11.62 8.14 -11.11
C ASN A 478 -12.41 9.24 -11.83
N GLY A 479 -11.72 10.22 -12.40
CA GLY A 479 -12.38 11.31 -13.09
C GLY A 479 -13.25 12.15 -12.18
N VAL A 480 -12.72 12.53 -11.02
CA VAL A 480 -13.48 13.36 -10.09
C VAL A 480 -13.65 14.77 -10.65
N LEU A 481 -12.63 15.27 -11.36
CA LEU A 481 -12.64 16.65 -11.83
C LEU A 481 -13.87 16.96 -12.67
N LEU A 482 -14.14 16.13 -13.68
CA LEU A 482 -15.36 16.25 -14.47
C LEU A 482 -16.39 15.27 -13.93
N SER A 483 -17.57 15.80 -13.63
CA SER A 483 -18.55 15.08 -12.80
C SER A 483 -19.75 14.64 -13.62
N GLY A 484 -20.34 13.53 -13.22
CA GLY A 484 -21.60 13.06 -13.76
C GLY A 484 -21.60 12.62 -15.20
N GLY A 485 -22.44 13.26 -16.02
CA GLY A 485 -22.64 12.81 -17.38
C GLY A 485 -21.42 12.95 -18.26
N GLN A 486 -20.49 13.82 -17.88
CA GLN A 486 -19.27 13.98 -18.68
C GLN A 486 -18.43 12.71 -18.66
N ARG A 487 -18.40 12.01 -17.53
CA ARG A 487 -17.70 10.73 -17.47
C ARG A 487 -18.33 9.73 -18.43
N GLN A 488 -19.66 9.68 -18.46
CA GLN A 488 -20.35 8.77 -19.38
C GLN A 488 -20.10 9.14 -20.84
N ARG A 489 -20.06 10.43 -21.14
CA ARG A 489 -19.76 10.85 -22.51
C ARG A 489 -18.33 10.49 -22.91
N ILE A 490 -17.38 10.63 -21.98
CA ILE A 490 -16.01 10.24 -22.26
C ILE A 490 -15.91 8.73 -22.48
N ALA A 491 -16.65 7.95 -21.69
CA ALA A 491 -16.68 6.51 -21.89
C ALA A 491 -17.29 6.14 -23.24
N ILE A 492 -18.34 6.86 -23.65
CA ILE A 492 -18.94 6.63 -24.96
C ILE A 492 -17.93 6.93 -26.06
N ALA A 493 -17.19 8.03 -25.92
CA ALA A 493 -16.16 8.36 -26.89
C ALA A 493 -15.08 7.29 -26.94
N ARG A 494 -14.69 6.77 -25.77
CA ARG A 494 -13.70 5.70 -25.72
C ARG A 494 -14.19 4.46 -26.44
N ALA A 495 -15.45 4.08 -26.22
CA ALA A 495 -16.02 2.92 -26.89
C ALA A 495 -16.09 3.13 -28.39
N LEU A 496 -16.48 4.33 -28.83
CA LEU A 496 -16.62 4.60 -30.25
C LEU A 496 -15.28 4.64 -30.96
N LEU A 497 -14.24 5.17 -30.29
CA LEU A 497 -12.93 5.29 -30.92
C LEU A 497 -12.34 3.93 -31.26
N ARG A 498 -12.74 2.87 -30.54
CA ARG A 498 -12.20 1.54 -30.83
C ARG A 498 -12.64 1.04 -32.20
N ASP A 499 -13.78 1.52 -32.70
CA ASP A 499 -14.37 1.02 -33.95
C ASP A 499 -14.55 -0.50 -33.88
N SER A 500 -14.96 -0.97 -32.71
CA SER A 500 -15.08 -2.40 -32.48
C SER A 500 -16.23 -2.98 -33.28
N PRO A 501 -16.09 -4.22 -33.77
CA PRO A 501 -17.22 -4.88 -34.46
C PRO A 501 -18.43 -5.04 -33.58
N ILE A 502 -18.25 -5.27 -32.28
CA ILE A 502 -19.35 -5.44 -31.33
C ILE A 502 -19.25 -4.33 -30.30
N LEU A 503 -20.33 -3.58 -30.13
CA LEU A 503 -20.39 -2.47 -29.18
C LEU A 503 -21.56 -2.69 -28.25
N ILE A 504 -21.30 -2.63 -26.95
CA ILE A 504 -22.31 -2.89 -25.92
C ILE A 504 -22.49 -1.60 -25.11
N LEU A 505 -23.73 -1.15 -24.98
CA LEU A 505 -24.05 0.04 -24.21
C LEU A 505 -24.78 -0.38 -22.94
N ASP A 506 -24.02 -0.63 -21.88
CA ASP A 506 -24.59 -0.99 -20.59
C ASP A 506 -24.94 0.31 -19.85
N GLU A 507 -26.19 0.75 -20.01
CA GLU A 507 -26.66 2.01 -19.45
C GLU A 507 -25.78 3.17 -19.92
N ALA A 508 -25.77 3.37 -21.24
CA ALA A 508 -24.94 4.39 -21.85
C ALA A 508 -25.33 5.79 -21.38
N THR A 509 -26.63 6.04 -21.26
CA THR A 509 -27.15 7.35 -20.87
C THR A 509 -27.83 7.30 -19.51
N SER A 510 -27.22 6.55 -18.57
CA SER A 510 -27.79 6.46 -17.23
C SER A 510 -27.78 7.81 -16.53
N ALA A 511 -26.69 8.55 -16.65
CA ALA A 511 -26.54 9.85 -16.02
C ALA A 511 -26.46 10.98 -17.04
N LEU A 512 -27.22 10.89 -18.13
CA LEU A 512 -27.23 11.89 -19.17
C LEU A 512 -28.65 12.41 -19.38
N ASP A 513 -28.76 13.73 -19.54
CA ASP A 513 -30.06 14.33 -19.78
C ASP A 513 -30.57 13.97 -21.17
N THR A 514 -31.87 14.15 -21.36
CA THR A 514 -32.51 13.78 -22.63
C THR A 514 -32.03 14.64 -23.80
N GLU A 515 -31.51 15.83 -23.52
CA GLU A 515 -31.06 16.72 -24.60
C GLU A 515 -29.90 16.09 -25.37
N SER A 516 -28.94 15.50 -24.66
CA SER A 516 -27.78 14.88 -25.29
C SER A 516 -27.95 13.38 -25.51
N GLU A 517 -28.88 12.74 -24.81
CA GLU A 517 -29.08 11.30 -24.96
C GLU A 517 -29.49 10.94 -26.39
N ARG A 518 -30.52 11.62 -26.91
CA ARG A 518 -30.96 11.34 -28.27
C ARG A 518 -29.96 11.84 -29.31
N ALA A 519 -29.19 12.88 -29.02
CA ALA A 519 -28.14 13.29 -29.93
C ALA A 519 -27.08 12.20 -30.07
N ILE A 520 -26.68 11.62 -28.94
CA ILE A 520 -25.72 10.51 -28.97
C ILE A 520 -26.33 9.31 -29.69
N GLN A 521 -27.62 9.03 -29.44
CA GLN A 521 -28.29 7.92 -30.11
C GLN A 521 -28.31 8.12 -31.62
N ALA A 522 -28.62 9.34 -32.08
CA ALA A 522 -28.63 9.64 -33.49
C ALA A 522 -27.23 9.50 -34.10
N ALA A 523 -26.20 9.97 -33.37
CA ALA A 523 -24.84 9.80 -33.85
C ALA A 523 -24.48 8.33 -34.01
N LEU A 524 -24.86 7.51 -33.03
CA LEU A 524 -24.62 6.07 -33.13
C LEU A 524 -25.36 5.46 -34.31
N ASP A 525 -26.61 5.87 -34.51
CA ASP A 525 -27.41 5.31 -35.60
C ASP A 525 -26.85 5.69 -36.96
N GLU A 526 -26.33 6.92 -37.09
CA GLU A 526 -25.89 7.40 -38.39
C GLU A 526 -24.47 6.93 -38.71
N LEU A 527 -23.53 7.14 -37.78
CA LEU A 527 -22.13 6.88 -38.07
C LEU A 527 -21.70 5.43 -37.83
N GLN A 528 -22.57 4.60 -37.26
CA GLN A 528 -22.24 3.20 -36.97
C GLN A 528 -23.25 2.27 -37.63
N LYS A 529 -23.56 2.51 -38.90
CA LYS A 529 -24.48 1.66 -39.62
C LYS A 529 -23.87 0.29 -39.88
N ASN A 530 -24.73 -0.74 -39.85
CA ASN A 530 -24.34 -2.12 -40.10
C ASN A 530 -23.30 -2.62 -39.10
N ARG A 531 -23.32 -2.07 -37.88
CA ARG A 531 -22.48 -2.52 -36.78
C ARG A 531 -23.33 -3.23 -35.75
N THR A 532 -22.84 -4.38 -35.28
CA THR A 532 -23.55 -5.14 -34.24
C THR A 532 -23.54 -4.35 -32.94
N SER A 533 -24.72 -4.08 -32.40
CA SER A 533 -24.87 -3.28 -31.19
C SER A 533 -25.69 -4.04 -30.15
N LEU A 534 -25.25 -3.94 -28.89
CA LEU A 534 -25.94 -4.54 -27.75
C LEU A 534 -26.25 -3.41 -26.77
N VAL A 535 -27.37 -2.74 -26.98
CA VAL A 535 -27.74 -1.58 -26.15
C VAL A 535 -28.56 -2.06 -24.97
N ILE A 536 -28.21 -1.56 -23.79
CA ILE A 536 -28.92 -1.88 -22.55
C ILE A 536 -29.28 -0.56 -21.87
N ALA A 537 -30.57 -0.37 -21.61
CA ALA A 537 -31.02 0.86 -20.98
C ALA A 537 -32.37 0.64 -20.33
N HIS A 538 -32.64 1.39 -19.27
CA HIS A 538 -33.94 1.38 -18.61
C HIS A 538 -34.90 2.42 -19.19
N ARG A 539 -34.44 3.25 -20.11
CA ARG A 539 -35.27 4.26 -20.77
C ARG A 539 -35.66 3.72 -22.14
N LEU A 540 -36.95 3.43 -22.32
CA LEU A 540 -37.41 2.89 -23.60
C LEU A 540 -37.34 3.92 -24.71
N SER A 541 -37.39 5.21 -24.39
CA SER A 541 -37.38 6.25 -25.41
C SER A 541 -36.09 6.21 -26.23
N THR A 542 -34.99 5.77 -25.63
CA THR A 542 -33.73 5.67 -26.35
C THR A 542 -33.63 4.43 -27.23
N ILE A 543 -34.58 3.50 -27.12
CA ILE A 543 -34.55 2.28 -27.93
C ILE A 543 -35.84 2.19 -28.73
N GLU A 544 -36.45 3.34 -29.03
CA GLU A 544 -37.67 3.35 -29.83
C GLU A 544 -37.40 2.87 -31.26
N LYS A 545 -36.20 3.13 -31.78
CA LYS A 545 -35.83 2.73 -33.13
C LYS A 545 -34.96 1.47 -33.14
N ALA A 546 -34.89 0.75 -32.02
CA ALA A 546 -34.11 -0.47 -31.97
C ALA A 546 -34.69 -1.52 -32.90
N ASP A 547 -33.82 -2.33 -33.50
CA ASP A 547 -34.27 -3.37 -34.43
C ASP A 547 -35.16 -4.39 -33.73
N GLU A 548 -34.79 -4.81 -32.53
CA GLU A 548 -35.62 -5.71 -31.74
C GLU A 548 -35.31 -5.49 -30.27
N ILE A 549 -36.29 -5.82 -29.42
CA ILE A 549 -36.19 -5.67 -27.99
C ILE A 549 -36.47 -7.01 -27.34
N VAL A 550 -35.71 -7.31 -26.28
CA VAL A 550 -35.86 -8.54 -25.50
C VAL A 550 -36.05 -8.14 -24.03
N VAL A 551 -37.06 -8.72 -23.40
CA VAL A 551 -37.39 -8.43 -22.01
C VAL A 551 -36.83 -9.54 -21.14
N VAL A 552 -36.03 -9.17 -20.14
CA VAL A 552 -35.41 -10.12 -19.22
C VAL A 552 -36.04 -9.93 -17.85
N GLU A 553 -36.55 -11.03 -17.28
CA GLU A 553 -37.17 -10.99 -15.96
C GLU A 553 -36.75 -12.26 -15.22
N ASP A 554 -36.03 -12.08 -14.11
CA ASP A 554 -35.45 -13.20 -13.35
C ASP A 554 -34.53 -14.04 -14.24
N GLY A 555 -33.88 -13.39 -15.20
CA GLY A 555 -32.90 -14.06 -16.02
C GLY A 555 -33.45 -15.05 -17.02
N VAL A 556 -34.71 -14.89 -17.44
CA VAL A 556 -35.33 -15.79 -18.40
C VAL A 556 -35.94 -14.98 -19.52
N ILE A 557 -36.19 -15.64 -20.66
CA ILE A 557 -36.81 -14.98 -21.80
C ILE A 557 -38.30 -14.81 -21.53
N VAL A 558 -38.79 -13.58 -21.72
CA VAL A 558 -40.19 -13.26 -21.53
C VAL A 558 -40.86 -12.85 -22.85
N GLU A 559 -40.38 -11.77 -23.46
CA GLU A 559 -40.96 -11.26 -24.70
C GLU A 559 -39.87 -10.68 -25.58
N ARG A 560 -39.86 -11.10 -26.84
CA ARG A 560 -38.88 -10.61 -27.81
C ARG A 560 -39.61 -10.18 -29.07
N GLY A 561 -39.09 -9.15 -29.72
CA GLY A 561 -39.62 -8.73 -31.01
C GLY A 561 -39.49 -7.24 -31.20
N THR A 562 -40.11 -6.75 -32.28
CA THR A 562 -40.04 -5.34 -32.59
C THR A 562 -40.89 -4.52 -31.62
N HIS A 563 -40.67 -3.21 -31.63
CA HIS A 563 -41.40 -2.32 -30.73
C HIS A 563 -42.89 -2.33 -31.02
N ASN A 564 -43.27 -2.29 -32.30
CA ASN A 564 -44.69 -2.32 -32.66
C ASN A 564 -45.32 -3.66 -32.28
N ASP A 565 -44.59 -4.76 -32.51
CA ASP A 565 -45.11 -6.07 -32.14
C ASP A 565 -45.29 -6.18 -30.63
N LEU A 566 -44.32 -5.68 -29.87
CA LEU A 566 -44.44 -5.70 -28.41
C LEU A 566 -45.61 -4.84 -27.92
N LEU A 567 -45.79 -3.68 -28.54
CA LEU A 567 -46.90 -2.82 -28.15
C LEU A 567 -48.25 -3.47 -28.46
N GLU A 568 -48.35 -4.12 -29.62
CA GLU A 568 -49.59 -4.81 -29.97
C GLU A 568 -49.83 -6.04 -29.10
N HIS A 569 -48.74 -6.63 -28.58
CA HIS A 569 -48.88 -7.80 -27.71
C HIS A 569 -49.55 -7.40 -26.39
N ARG A 570 -49.25 -6.21 -25.89
CA ARG A 570 -49.80 -5.71 -24.62
C ARG A 570 -49.38 -6.60 -23.45
N GLY A 571 -48.08 -6.90 -23.41
CA GLY A 571 -47.48 -7.71 -22.36
C GLY A 571 -46.77 -6.86 -21.32
N VAL A 572 -45.62 -7.35 -20.86
CA VAL A 572 -44.86 -6.63 -19.85
C VAL A 572 -44.23 -5.37 -20.45
N TYR A 573 -43.75 -5.46 -21.69
CA TYR A 573 -43.14 -4.29 -22.33
C TYR A 573 -44.14 -3.16 -22.50
N ALA A 574 -45.36 -3.48 -22.94
CA ALA A 574 -46.40 -2.45 -23.03
C ALA A 574 -46.80 -1.94 -21.67
N GLN A 575 -46.77 -2.80 -20.65
CA GLN A 575 -47.04 -2.37 -19.29
C GLN A 575 -46.03 -1.33 -18.82
N LEU A 576 -44.75 -1.55 -19.15
CA LEU A 576 -43.72 -0.56 -18.81
C LEU A 576 -43.86 0.70 -19.65
N HIS A 577 -44.19 0.56 -20.93
CA HIS A 577 -44.29 1.72 -21.81
C HIS A 577 -45.44 2.62 -21.41
N LYS A 578 -46.59 2.04 -21.04
CA LYS A 578 -47.71 2.84 -20.57
C LYS A 578 -47.39 3.55 -19.27
N MET A 579 -46.52 2.99 -18.45
CA MET A 579 -46.08 3.62 -17.21
C MET A 579 -45.03 4.70 -17.43
N GLN A 580 -44.24 4.59 -18.50
CA GLN A 580 -43.23 5.61 -18.81
C GLN A 580 -43.82 6.76 -19.61
N PHE A 581 -44.64 6.47 -20.62
CA PHE A 581 -45.23 7.48 -21.50
C PHE A 581 -44.16 8.35 -22.14
N LYS B 6 13.36 21.75 1.56
CA LYS B 6 12.82 21.53 2.89
C LYS B 6 13.67 20.56 3.69
N ASP B 7 14.97 20.53 3.39
CA ASP B 7 15.92 19.65 4.07
C ASP B 7 16.27 20.26 5.42
N LEU B 8 15.41 20.00 6.40
CA LEU B 8 15.58 20.54 7.74
C LEU B 8 16.79 19.90 8.43
N SER B 9 17.39 20.66 9.33
CA SER B 9 18.52 20.14 10.10
C SER B 9 18.06 19.06 11.07
N THR B 10 18.94 18.08 11.29
CA THR B 10 18.55 16.86 12.00
C THR B 10 18.13 17.14 13.44
N TRP B 11 18.86 18.01 14.14
CA TRP B 11 18.58 18.23 15.55
C TRP B 11 17.22 18.88 15.76
N GLN B 12 16.88 19.86 14.93
CA GLN B 12 15.65 20.61 15.17
C GLN B 12 14.41 19.84 14.74
N THR B 13 14.56 18.79 13.90
CA THR B 13 13.42 17.92 13.63
C THR B 13 13.35 16.78 14.64
N PHE B 14 14.50 16.32 15.15
CA PHE B 14 14.48 15.37 16.26
C PHE B 14 13.83 15.99 17.49
N ARG B 15 14.02 17.30 17.70
CA ARG B 15 13.36 17.98 18.79
C ARG B 15 11.84 17.90 18.66
N ARG B 16 11.33 18.07 17.44
CA ARG B 16 9.89 17.97 17.20
C ARG B 16 9.39 16.54 17.27
N LEU B 17 10.24 15.57 16.94
CA LEU B 17 9.86 14.16 17.08
C LEU B 17 9.84 13.72 18.54
N TRP B 18 10.65 14.36 19.38
CA TRP B 18 10.74 13.93 20.78
C TRP B 18 9.42 13.87 21.53
N PRO B 19 8.49 14.82 21.40
CA PRO B 19 7.22 14.70 22.14
C PRO B 19 6.45 13.43 21.82
N THR B 20 6.57 12.89 20.61
CA THR B 20 5.89 11.65 20.29
C THR B 20 6.45 10.48 21.09
N ILE B 21 7.76 10.46 21.35
CA ILE B 21 8.38 9.40 22.13
C ILE B 21 8.41 9.72 23.62
N ALA B 22 8.02 10.92 24.02
CA ALA B 22 8.06 11.29 25.43
C ALA B 22 7.26 10.35 26.34
N PRO B 23 6.04 9.93 26.01
CA PRO B 23 5.33 9.00 26.92
C PRO B 23 6.05 7.68 27.13
N PHE B 24 6.95 7.28 26.23
CA PHE B 24 7.62 5.99 26.31
C PHE B 24 9.08 6.11 26.72
N LYS B 25 9.40 7.07 27.59
CA LYS B 25 10.76 7.20 28.08
C LYS B 25 11.15 6.10 29.05
N ALA B 26 10.17 5.45 29.68
CA ALA B 26 10.46 4.35 30.58
C ALA B 26 11.13 3.19 29.85
N GLY B 27 10.65 2.86 28.65
CA GLY B 27 11.29 1.82 27.88
C GLY B 27 12.74 2.16 27.55
N LEU B 28 12.99 3.42 27.17
CA LEU B 28 14.35 3.82 26.84
C LEU B 28 15.27 3.75 28.06
N ILE B 29 14.80 4.22 29.22
CA ILE B 29 15.67 4.20 30.40
C ILE B 29 15.91 2.76 30.86
N VAL B 30 14.89 1.89 30.74
CA VAL B 30 15.10 0.48 31.09
C VAL B 30 16.09 -0.17 30.12
N ALA B 31 16.00 0.18 28.83
CA ALA B 31 16.97 -0.32 27.86
C ALA B 31 18.38 0.15 28.22
N GLY B 32 18.51 1.41 28.64
CA GLY B 32 19.82 1.93 29.00
C GLY B 32 20.41 1.23 30.22
N VAL B 33 19.59 1.02 31.26
CA VAL B 33 20.10 0.33 32.45
C VAL B 33 20.43 -1.12 32.13
N ALA B 34 19.64 -1.75 31.25
CA ALA B 34 19.98 -3.09 30.80
C ALA B 34 21.30 -3.11 30.04
N LEU B 35 21.55 -2.09 29.21
CA LEU B 35 22.82 -2.02 28.49
C LEU B 35 24.00 -1.88 29.43
N ILE B 36 23.89 -1.00 30.44
CA ILE B 36 25.04 -0.83 31.33
C ILE B 36 25.24 -2.10 32.18
N LEU B 37 24.15 -2.74 32.60
CA LEU B 37 24.28 -4.00 33.32
C LEU B 37 24.93 -5.07 32.46
N ASN B 38 24.54 -5.16 31.19
CA ASN B 38 25.15 -6.14 30.29
C ASN B 38 26.62 -5.85 30.06
N ALA B 39 26.98 -4.56 29.93
CA ALA B 39 28.38 -4.20 29.77
C ALA B 39 29.19 -4.57 31.01
N ALA B 40 28.63 -4.33 32.20
CA ALA B 40 29.31 -4.72 33.42
C ALA B 40 29.49 -6.23 33.50
N SER B 41 28.46 -6.99 33.13
CA SER B 41 28.56 -8.45 33.14
C SER B 41 29.60 -8.94 32.14
N ASP B 42 29.65 -8.32 30.96
CA ASP B 42 30.65 -8.70 29.96
C ASP B 42 32.06 -8.40 30.45
N THR B 43 32.25 -7.24 31.10
CA THR B 43 33.55 -6.92 31.67
C THR B 43 33.94 -7.92 32.75
N PHE B 44 32.99 -8.29 33.60
CA PHE B 44 33.23 -9.30 34.63
C PHE B 44 33.67 -10.62 34.00
N MET B 45 32.94 -11.06 32.97
CA MET B 45 33.26 -12.31 32.30
C MET B 45 34.64 -12.27 31.66
N LEU B 46 34.96 -11.18 30.97
CA LEU B 46 36.27 -11.07 30.33
C LEU B 46 37.39 -11.03 31.36
N SER B 47 37.18 -10.30 32.47
CA SER B 47 38.21 -10.23 33.50
C SER B 47 38.46 -11.59 34.13
N LEU B 48 37.40 -12.37 34.35
CA LEU B 48 37.61 -13.71 34.91
C LEU B 48 38.11 -14.72 33.88
N LEU B 49 37.85 -14.48 32.60
CA LEU B 49 38.27 -15.44 31.58
C LEU B 49 39.70 -15.23 31.12
N LYS B 50 40.19 -13.99 31.17
CA LYS B 50 41.54 -13.71 30.68
C LYS B 50 42.63 -14.54 31.36
N PRO B 51 42.70 -14.63 32.70
CA PRO B 51 43.71 -15.51 33.30
C PRO B 51 43.53 -16.97 32.95
N LEU B 52 42.29 -17.43 32.77
CA LEU B 52 42.06 -18.84 32.45
C LEU B 52 42.54 -19.17 31.04
N LEU B 53 42.41 -18.22 30.11
CA LEU B 53 42.76 -18.47 28.71
C LEU B 53 44.22 -18.15 28.43
N ASP B 54 44.65 -16.92 28.69
CA ASP B 54 45.99 -16.49 28.31
C ASP B 54 47.05 -17.19 29.14
N ASP B 55 46.89 -17.22 30.47
CA ASP B 55 47.90 -17.82 31.32
C ASP B 55 47.89 -19.34 31.21
N GLY B 56 46.70 -19.95 31.22
CA GLY B 56 46.60 -21.39 31.14
C GLY B 56 45.80 -22.00 32.28
N PHE B 57 45.20 -23.16 32.03
CA PHE B 57 44.40 -23.82 33.06
C PHE B 57 45.27 -24.27 34.23
N GLY B 58 46.47 -24.78 33.94
CA GLY B 58 47.35 -25.23 35.01
C GLY B 58 47.77 -24.10 35.93
N LYS B 59 48.01 -22.91 35.36
CA LYS B 59 48.40 -21.77 36.17
C LYS B 59 47.27 -21.34 37.11
N THR B 60 46.03 -21.40 36.65
CA THR B 60 44.90 -20.98 37.46
C THR B 60 44.65 -21.97 38.60
N ASP B 61 44.13 -21.45 39.70
CA ASP B 61 43.83 -22.27 40.87
C ASP B 61 42.67 -23.20 40.58
N ARG B 62 42.77 -24.43 41.10
CA ARG B 62 41.70 -25.41 40.90
C ARG B 62 40.49 -25.11 41.78
N SER B 63 40.70 -24.45 42.92
CA SER B 63 39.59 -24.18 43.83
C SER B 63 38.55 -23.28 43.18
N VAL B 64 38.99 -22.18 42.56
CA VAL B 64 38.06 -21.31 41.85
C VAL B 64 37.56 -21.99 40.57
N LEU B 65 38.40 -22.80 39.93
CA LEU B 65 37.99 -23.48 38.71
C LEU B 65 36.88 -24.48 38.96
N VAL B 66 36.77 -25.00 40.19
CA VAL B 66 35.70 -25.94 40.52
C VAL B 66 34.34 -25.26 40.37
N TRP B 67 34.21 -24.05 40.90
CA TRP B 67 32.96 -23.29 40.80
C TRP B 67 32.87 -22.45 39.54
N MET B 68 33.94 -22.38 38.74
CA MET B 68 33.91 -21.61 37.51
C MET B 68 32.78 -21.96 36.56
N PRO B 69 32.44 -23.23 36.29
CA PRO B 69 31.34 -23.49 35.35
C PRO B 69 30.01 -22.90 35.78
N LEU B 70 29.61 -23.13 37.03
CA LEU B 70 28.34 -22.59 37.51
C LEU B 70 28.36 -21.06 37.53
N VAL B 71 29.48 -20.47 37.93
CA VAL B 71 29.61 -19.02 37.98
C VAL B 71 29.45 -18.42 36.59
N VAL B 72 30.12 -19.00 35.60
CA VAL B 72 30.04 -18.47 34.25
C VAL B 72 28.63 -18.69 33.67
N ILE B 73 28.00 -19.81 34.02
CA ILE B 73 26.64 -20.07 33.55
C ILE B 73 25.69 -19.02 34.09
N GLY B 74 25.76 -18.75 35.40
CA GLY B 74 24.90 -17.74 35.99
C GLY B 74 25.19 -16.34 35.45
N LEU B 75 26.47 -16.02 35.28
CA LEU B 75 26.84 -14.71 34.76
C LEU B 75 26.29 -14.49 33.36
N MET B 76 26.44 -15.49 32.48
CA MET B 76 25.94 -15.29 31.13
C MET B 76 24.42 -15.39 31.09
N ILE B 77 23.81 -16.11 32.02
CA ILE B 77 22.35 -16.10 32.09
C ILE B 77 21.86 -14.70 32.42
N LEU B 78 22.51 -14.03 33.36
CA LEU B 78 22.17 -12.64 33.65
C LEU B 78 22.41 -11.75 32.42
N ARG B 79 23.52 -11.99 31.73
CA ARG B 79 23.80 -11.23 30.51
C ARG B 79 22.69 -11.42 29.47
N GLY B 80 22.27 -12.66 29.26
CA GLY B 80 21.24 -12.92 28.27
C GLY B 80 19.89 -12.35 28.65
N ILE B 81 19.55 -12.41 29.93
CA ILE B 81 18.27 -11.83 30.36
C ILE B 81 18.30 -10.31 30.21
N THR B 82 19.46 -9.68 30.48
CA THR B 82 19.57 -8.24 30.27
C THR B 82 19.47 -7.89 28.80
N SER B 83 20.11 -8.68 27.93
CA SER B 83 20.02 -8.44 26.50
C SER B 83 18.59 -8.59 26.00
N TYR B 84 17.88 -9.62 26.47
CA TYR B 84 16.49 -9.81 26.11
C TYR B 84 15.64 -8.62 26.56
N VAL B 85 15.85 -8.17 27.80
CA VAL B 85 15.07 -7.05 28.32
C VAL B 85 15.31 -5.81 27.48
N SER B 86 16.58 -5.51 27.18
CA SER B 86 16.90 -4.30 26.42
C SER B 86 16.33 -4.37 25.01
N SER B 87 16.51 -5.50 24.33
CA SER B 87 16.01 -5.61 22.97
C SER B 87 14.49 -5.52 22.93
N TYR B 88 13.81 -6.18 23.87
CA TYR B 88 12.36 -6.09 23.92
C TYR B 88 11.91 -4.66 24.20
N CYS B 89 12.62 -3.96 25.09
CA CYS B 89 12.24 -2.59 25.41
C CYS B 89 12.41 -1.66 24.21
N ILE B 90 13.54 -1.77 23.50
CA ILE B 90 13.75 -0.88 22.36
C ILE B 90 12.75 -1.21 21.24
N SER B 91 12.47 -2.49 21.03
CA SER B 91 11.48 -2.86 20.02
C SER B 91 10.09 -2.38 20.42
N TRP B 92 9.75 -2.47 21.70
CA TRP B 92 8.46 -1.97 22.17
C TRP B 92 8.33 -0.47 21.96
N VAL B 93 9.40 0.28 22.26
CA VAL B 93 9.39 1.72 22.03
C VAL B 93 9.20 2.02 20.56
N SER B 94 9.93 1.30 19.69
CA SER B 94 9.83 1.50 18.26
C SER B 94 8.42 1.21 17.75
N GLY B 95 7.84 0.11 18.20
CA GLY B 95 6.50 -0.28 17.80
C GLY B 95 5.44 0.67 18.28
N LYS B 96 5.55 1.14 19.53
CA LYS B 96 4.58 2.07 20.07
C LYS B 96 4.72 3.47 19.50
N VAL B 97 5.90 3.83 18.98
CA VAL B 97 6.09 5.12 18.33
C VAL B 97 5.77 5.06 16.84
N VAL B 98 5.77 3.87 16.25
CA VAL B 98 5.32 3.70 14.86
C VAL B 98 3.81 3.47 14.80
N MET B 99 3.21 3.03 15.90
CA MET B 99 1.76 2.90 15.96
C MET B 99 1.10 4.28 16.05
N THR B 100 1.63 5.13 16.92
CA THR B 100 1.08 6.47 17.08
C THR B 100 1.20 7.28 15.79
N MET B 101 2.29 7.07 15.06
CA MET B 101 2.49 7.79 13.81
C MET B 101 1.39 7.45 12.82
N ARG B 102 1.07 6.16 12.69
CA ARG B 102 -0.01 5.72 11.80
C ARG B 102 -1.35 6.26 12.28
N ARG B 103 -1.59 6.23 13.59
CA ARG B 103 -2.84 6.76 14.14
C ARG B 103 -3.02 8.23 13.77
N ARG B 104 -1.97 9.03 13.96
CA ARG B 104 -2.05 10.45 13.66
C ARG B 104 -2.21 10.70 12.17
N LEU B 105 -1.50 9.94 11.33
CA LEU B 105 -1.66 10.08 9.89
C LEU B 105 -3.08 9.78 9.46
N PHE B 106 -3.65 8.70 9.98
CA PHE B 106 -5.03 8.34 9.65
C PHE B 106 -6.00 9.42 10.10
N GLY B 107 -5.91 9.85 11.36
CA GLY B 107 -6.83 10.83 11.89
C GLY B 107 -6.67 12.21 11.28
N HIS B 108 -5.50 12.51 10.71
CA HIS B 108 -5.29 13.80 10.08
C HIS B 108 -5.70 13.80 8.61
N MET B 109 -5.29 12.78 7.86
CA MET B 109 -5.70 12.68 6.46
C MET B 109 -7.19 12.46 6.31
N MET B 110 -7.85 11.84 7.28
CA MET B 110 -9.28 11.61 7.19
C MET B 110 -10.08 12.90 7.38
N GLY B 111 -9.54 13.88 8.08
CA GLY B 111 -10.16 15.17 8.25
C GLY B 111 -9.80 16.20 7.21
N MET B 112 -9.12 15.81 6.14
CA MET B 112 -8.74 16.75 5.10
C MET B 112 -9.97 17.27 4.36
N PRO B 113 -9.88 18.48 3.80
CA PRO B 113 -10.99 18.99 2.98
C PRO B 113 -11.14 18.19 1.69
N VAL B 114 -12.35 18.22 1.15
CA VAL B 114 -12.64 17.51 -0.10
C VAL B 114 -11.79 18.05 -1.23
N SER B 115 -11.52 19.35 -1.24
CA SER B 115 -10.71 19.96 -2.29
C SER B 115 -9.27 19.46 -2.31
N PHE B 116 -8.83 18.77 -1.25
CA PHE B 116 -7.49 18.19 -1.23
C PHE B 116 -7.46 16.77 -1.79
N PHE B 117 -8.58 16.04 -1.69
CA PHE B 117 -8.60 14.64 -2.10
C PHE B 117 -8.65 14.46 -3.61
N ASP B 118 -9.22 15.41 -4.34
CA ASP B 118 -9.30 15.29 -5.79
C ASP B 118 -8.02 15.73 -6.50
N LYS B 119 -7.07 16.30 -5.78
CA LYS B 119 -5.78 16.68 -6.34
C LYS B 119 -4.74 15.59 -6.19
N GLN B 120 -4.68 14.94 -5.03
CA GLN B 120 -3.76 13.83 -4.80
C GLN B 120 -4.38 12.52 -5.27
N SER B 121 -3.52 11.53 -5.42
CA SER B 121 -3.94 10.18 -5.80
C SER B 121 -4.09 9.32 -4.56
N THR B 122 -5.06 8.40 -4.62
CA THR B 122 -5.31 7.52 -3.48
C THR B 122 -4.09 6.67 -3.17
N GLY B 123 -3.35 6.24 -4.21
CA GLY B 123 -2.18 5.41 -3.99
C GLY B 123 -1.08 6.13 -3.22
N THR B 124 -0.80 7.38 -3.59
CA THR B 124 0.28 8.10 -2.91
C THR B 124 -0.11 8.48 -1.49
N LEU B 125 -1.41 8.62 -1.21
CA LEU B 125 -1.84 8.86 0.17
C LEU B 125 -1.78 7.59 1.00
N LEU B 126 -2.15 6.45 0.40
CA LEU B 126 -2.09 5.19 1.11
C LEU B 126 -0.66 4.75 1.37
N SER B 127 0.27 5.07 0.47
CA SER B 127 1.64 4.63 0.61
C SER B 127 2.36 5.27 1.79
N ARG B 128 1.81 6.35 2.35
CA ARG B 128 2.43 7.01 3.49
C ARG B 128 2.07 6.38 4.82
N ILE B 129 1.10 5.46 4.84
CA ILE B 129 0.74 4.78 6.08
C ILE B 129 1.41 3.42 6.21
N THR B 130 1.85 2.83 5.10
CA THR B 130 2.48 1.52 5.12
C THR B 130 3.99 1.57 4.99
N TYR B 131 4.54 2.59 4.31
CA TYR B 131 5.97 2.69 4.08
C TYR B 131 6.60 3.91 4.77
N ASP B 132 6.02 5.10 4.58
CA ASP B 132 6.62 6.30 5.14
C ASP B 132 6.65 6.25 6.67
N SER B 133 5.56 5.79 7.28
CA SER B 133 5.50 5.71 8.73
C SER B 133 6.47 4.68 9.28
N GLU B 134 6.64 3.56 8.57
CA GLU B 134 7.45 2.46 9.08
C GLU B 134 8.93 2.84 9.21
N GLN B 135 9.40 3.78 8.39
CA GLN B 135 10.81 4.14 8.41
C GLN B 135 11.22 4.85 9.68
N VAL B 136 10.29 5.53 10.37
CA VAL B 136 10.61 6.19 11.62
C VAL B 136 10.96 5.19 12.71
N ALA B 137 10.49 3.95 12.59
CA ALA B 137 10.71 2.95 13.62
C ALA B 137 12.18 2.67 13.84
N SER B 138 12.95 2.55 12.75
CA SER B 138 14.38 2.24 12.89
C SER B 138 15.13 3.37 13.55
N SER B 139 14.84 4.61 13.18
CA SER B 139 15.57 5.77 13.68
C SER B 139 15.05 6.29 15.01
N SER B 140 13.93 5.77 15.51
CA SER B 140 13.34 6.31 16.73
C SER B 140 14.12 5.86 17.96
N SER B 141 14.26 4.56 18.15
CA SER B 141 14.79 4.01 19.40
C SER B 141 16.15 3.34 19.22
N GLY B 142 16.25 2.35 18.34
CA GLY B 142 17.49 1.61 18.22
C GLY B 142 18.64 2.46 17.72
N ALA B 143 18.39 3.24 16.67
CA ALA B 143 19.43 4.10 16.11
C ALA B 143 19.85 5.16 17.12
N LEU B 144 18.89 5.75 17.84
CA LEU B 144 19.22 6.75 18.84
C LEU B 144 20.07 6.18 19.96
N ILE B 145 19.70 4.99 20.44
CA ILE B 145 20.46 4.34 21.52
C ILE B 145 21.87 4.02 21.05
N THR B 146 22.00 3.47 19.84
CA THR B 146 23.32 3.16 19.31
C THR B 146 24.17 4.40 19.15
N VAL B 147 23.59 5.48 18.62
CA VAL B 147 24.31 6.73 18.44
C VAL B 147 24.78 7.28 19.78
N VAL B 148 23.90 7.25 20.78
CA VAL B 148 24.27 7.74 22.10
C VAL B 148 25.42 6.92 22.68
N ARG B 149 25.33 5.59 22.55
CA ARG B 149 26.38 4.73 23.11
C ARG B 149 27.71 4.98 22.43
N GLU B 150 27.71 5.07 21.10
CA GLU B 150 28.98 5.28 20.40
C GLU B 150 29.53 6.67 20.66
N GLY B 151 28.67 7.68 20.80
CA GLY B 151 29.15 9.01 21.16
C GLY B 151 29.76 9.03 22.55
N ALA B 152 29.13 8.33 23.50
CA ALA B 152 29.71 8.22 24.84
C ALA B 152 31.07 7.53 24.80
N SER B 153 31.18 6.46 24.01
CA SER B 153 32.46 5.77 23.88
C SER B 153 33.52 6.69 23.28
N ILE B 154 33.15 7.44 22.24
CA ILE B 154 34.09 8.35 21.58
C ILE B 154 34.55 9.42 22.57
N ILE B 155 33.61 9.99 23.34
CA ILE B 155 33.97 11.02 24.32
C ILE B 155 34.90 10.42 25.39
N GLY B 156 34.63 9.19 25.81
CA GLY B 156 35.50 8.55 26.78
C GLY B 156 36.91 8.35 26.26
N LEU B 157 37.03 7.90 25.01
CA LEU B 157 38.36 7.74 24.42
C LEU B 157 39.05 9.08 24.22
N PHE B 158 38.28 10.13 23.90
CA PHE B 158 38.85 11.46 23.77
C PHE B 158 39.42 11.94 25.10
N ILE B 159 38.68 11.72 26.18
CA ILE B 159 39.15 12.11 27.52
C ILE B 159 40.38 11.28 27.90
N MET B 160 40.39 9.99 27.54
CA MET B 160 41.56 9.16 27.81
C MET B 160 42.79 9.68 27.08
N MET B 161 42.62 10.09 25.82
CA MET B 161 43.73 10.69 25.09
C MET B 161 44.19 11.99 25.73
N PHE B 162 43.24 12.84 26.13
CA PHE B 162 43.59 14.12 26.74
C PHE B 162 44.39 13.92 28.02
N TYR B 163 43.99 12.95 28.84
CA TYR B 163 44.72 12.67 30.07
C TYR B 163 46.08 12.04 29.78
N TYR B 164 46.12 11.04 28.90
CA TYR B 164 47.35 10.30 28.66
C TYR B 164 48.41 11.17 28.00
N SER B 165 48.06 11.83 26.89
CA SER B 165 49.03 12.62 26.14
C SER B 165 48.27 13.60 25.26
N TRP B 166 48.42 14.90 25.55
CA TRP B 166 47.81 15.95 24.75
C TRP B 166 48.63 16.28 23.51
N GLN B 167 49.88 15.81 23.42
CA GLN B 167 50.70 16.11 22.26
C GLN B 167 50.20 15.36 21.03
N LEU B 168 49.89 14.06 21.17
CA LEU B 168 49.47 13.25 20.05
C LEU B 168 47.99 13.37 19.74
N SER B 169 47.21 14.03 20.60
CA SER B 169 45.78 14.20 20.39
C SER B 169 45.45 15.43 19.55
N ILE B 170 46.46 16.21 19.14
CA ILE B 170 46.19 17.42 18.37
C ILE B 170 45.66 17.07 16.98
N ILE B 171 46.08 15.95 16.40
CA ILE B 171 45.62 15.60 15.06
C ILE B 171 44.13 15.26 15.08
N LEU B 172 43.66 14.63 16.15
CA LEU B 172 42.23 14.36 16.25
C LEU B 172 41.44 15.66 16.32
N ILE B 173 41.96 16.64 17.05
CA ILE B 173 41.31 17.95 17.12
C ILE B 173 41.27 18.61 15.75
N VAL B 174 42.39 18.54 15.01
CA VAL B 174 42.43 19.22 13.72
C VAL B 174 41.64 18.49 12.64
N LEU B 175 41.43 17.17 12.77
CA LEU B 175 40.63 16.43 11.80
C LEU B 175 39.17 16.31 12.19
N ALA B 176 38.80 16.66 13.43
CA ALA B 176 37.40 16.64 13.80
C ALA B 176 36.52 17.51 12.91
N PRO B 177 36.90 18.74 12.54
CA PRO B 177 36.09 19.46 11.55
C PRO B 177 35.92 18.70 10.24
N ILE B 178 36.97 18.03 9.75
CA ILE B 178 36.90 17.36 8.47
C ILE B 178 35.92 16.18 8.53
N VAL B 179 36.06 15.34 9.55
CA VAL B 179 35.17 14.19 9.67
C VAL B 179 33.74 14.64 9.97
N SER B 180 33.59 15.72 10.76
CA SER B 180 32.25 16.23 11.04
C SER B 180 31.58 16.75 9.76
N ILE B 181 32.33 17.47 8.93
CA ILE B 181 31.77 17.96 7.66
C ILE B 181 31.41 16.79 6.75
N ALA B 182 32.29 15.79 6.68
CA ALA B 182 32.00 14.62 5.86
C ALA B 182 30.74 13.91 6.33
N ILE B 183 30.60 13.73 7.65
CA ILE B 183 29.41 13.09 8.19
C ILE B 183 28.17 13.93 7.89
N ARG B 184 28.30 15.25 7.99
CA ARG B 184 27.15 16.12 7.74
C ARG B 184 26.69 16.03 6.30
N VAL B 185 27.62 16.08 5.34
CA VAL B 185 27.22 16.03 3.93
C VAL B 185 26.68 14.65 3.59
N VAL B 186 27.30 13.59 4.15
CA VAL B 186 26.80 12.24 3.93
C VAL B 186 25.39 12.09 4.46
N SER B 187 25.12 12.63 5.65
CA SER B 187 23.79 12.55 6.25
C SER B 187 22.77 13.32 5.43
N LYS B 188 23.14 14.52 4.96
CA LYS B 188 22.21 15.30 4.14
C LYS B 188 21.89 14.56 2.84
N ARG B 189 22.91 13.99 2.20
CA ARG B 189 22.65 13.21 0.99
C ARG B 189 21.78 12.00 1.29
N PHE B 190 22.06 11.31 2.39
CA PHE B 190 21.26 10.14 2.78
C PHE B 190 19.80 10.52 2.94
N ARG B 191 19.54 11.63 3.64
CA ARG B 191 18.18 12.14 3.76
C ARG B 191 17.59 12.48 2.41
N ASN B 192 18.41 12.98 1.48
CA ASN B 192 17.91 13.31 0.15
C ASN B 192 17.38 12.07 -0.57
N ILE B 193 18.20 11.01 -0.66
CA ILE B 193 17.68 9.82 -1.36
C ILE B 193 16.59 9.15 -0.54
N SER B 194 16.62 9.25 0.79
CA SER B 194 15.56 8.66 1.59
C SER B 194 14.22 9.33 1.30
N LYS B 195 14.21 10.65 1.18
CA LYS B 195 12.98 11.36 0.85
C LYS B 195 12.56 11.09 -0.59
N ASN B 196 13.53 10.99 -1.51
CA ASN B 196 13.19 10.78 -2.91
C ASN B 196 12.65 9.38 -3.17
N MET B 197 13.22 8.37 -2.51
CA MET B 197 12.84 6.99 -2.78
C MET B 197 11.48 6.64 -2.18
N GLN B 198 11.20 7.11 -0.96
CA GLN B 198 9.89 6.88 -0.38
C GLN B 198 8.80 7.65 -1.10
N ASN B 199 9.16 8.67 -1.90
CA ASN B 199 8.18 9.37 -2.72
C ASN B 199 7.80 8.55 -3.95
N THR B 200 8.74 7.80 -4.52
CA THR B 200 8.44 6.98 -5.70
C THR B 200 7.79 5.66 -5.34
N MET B 201 7.80 5.26 -4.06
CA MET B 201 6.98 4.13 -3.64
C MET B 201 5.50 4.48 -3.73
N GLY B 202 5.15 5.75 -3.51
CA GLY B 202 3.80 6.19 -3.80
C GLY B 202 3.43 5.99 -5.26
N GLN B 203 4.39 6.20 -6.17
CA GLN B 203 4.14 5.91 -7.58
C GLN B 203 3.92 4.41 -7.79
N VAL B 204 4.67 3.56 -7.09
CA VAL B 204 4.47 2.12 -7.18
C VAL B 204 3.05 1.76 -6.75
N THR B 205 2.62 2.30 -5.61
CA THR B 205 1.29 2.00 -5.10
C THR B 205 0.20 2.52 -6.04
N THR B 206 0.40 3.72 -6.60
CA THR B 206 -0.58 4.27 -7.53
C THR B 206 -0.68 3.43 -8.79
N SER B 207 0.48 3.01 -9.33
CA SER B 207 0.47 2.18 -10.54
C SER B 207 -0.20 0.84 -10.28
N ALA B 208 0.04 0.24 -9.11
CA ALA B 208 -0.64 -1.00 -8.76
C ALA B 208 -2.15 -0.77 -8.61
N GLU B 209 -2.54 0.32 -7.95
CA GLU B 209 -3.95 0.58 -7.68
C GLU B 209 -4.72 0.84 -8.96
N GLN B 210 -4.10 1.51 -9.94
CA GLN B 210 -4.78 1.80 -11.19
C GLN B 210 -5.19 0.51 -11.90
N MET B 211 -4.32 -0.49 -11.90
CA MET B 211 -4.68 -1.77 -12.50
C MET B 211 -5.61 -2.59 -11.61
N LEU B 212 -5.42 -2.50 -10.28
CA LEU B 212 -6.28 -3.26 -9.37
C LEU B 212 -7.73 -2.81 -9.48
N LYS B 213 -7.98 -1.51 -9.54
CA LYS B 213 -9.32 -0.97 -9.54
C LYS B 213 -9.87 -0.75 -10.94
N GLY B 214 -9.09 -1.03 -11.98
CA GLY B 214 -9.55 -0.87 -13.34
C GLY B 214 -9.31 -2.09 -14.19
N HIS B 215 -9.48 -3.28 -13.59
CA HIS B 215 -9.20 -4.52 -14.31
C HIS B 215 -10.17 -4.73 -15.47
N LYS B 216 -11.44 -4.38 -15.27
CA LYS B 216 -12.45 -4.67 -16.29
C LYS B 216 -12.13 -3.96 -17.60
N GLU B 217 -11.88 -2.65 -17.55
CA GLU B 217 -11.62 -1.90 -18.78
C GLU B 217 -10.22 -2.17 -19.32
N VAL B 218 -9.25 -2.49 -18.47
CA VAL B 218 -7.93 -2.85 -18.98
C VAL B 218 -7.95 -4.24 -19.62
N LEU B 219 -8.99 -5.03 -19.36
CA LEU B 219 -9.20 -6.27 -20.12
C LEU B 219 -9.95 -5.95 -21.42
N ILE B 220 -11.02 -5.17 -21.32
CA ILE B 220 -11.89 -4.89 -22.46
C ILE B 220 -11.16 -4.16 -23.57
N PHE B 221 -10.47 -3.08 -23.22
CA PHE B 221 -9.84 -2.20 -24.21
C PHE B 221 -8.42 -2.63 -24.55
N GLY B 222 -8.10 -3.90 -24.34
CA GLY B 222 -6.76 -4.37 -24.63
C GLY B 222 -5.73 -3.70 -23.74
N GLY B 223 -4.56 -3.45 -24.32
CA GLY B 223 -3.49 -2.81 -23.58
C GLY B 223 -2.94 -3.65 -22.44
N GLN B 224 -2.74 -4.95 -22.68
CA GLN B 224 -2.13 -5.81 -21.67
C GLN B 224 -0.65 -5.53 -21.49
N GLU B 225 -0.05 -4.69 -22.32
CA GLU B 225 1.37 -4.38 -22.23
C GLU B 225 1.68 -2.97 -21.77
N VAL B 226 0.75 -2.02 -21.93
CA VAL B 226 1.03 -0.64 -21.55
C VAL B 226 1.14 -0.51 -20.03
N GLU B 227 0.22 -1.12 -19.29
CA GLU B 227 0.30 -1.09 -17.84
C GLU B 227 1.54 -1.82 -17.35
N THR B 228 1.88 -2.94 -17.99
CA THR B 228 3.09 -3.66 -17.63
C THR B 228 4.33 -2.80 -17.83
N LYS B 229 4.39 -2.08 -18.96
CA LYS B 229 5.53 -1.19 -19.21
C LYS B 229 5.60 -0.06 -18.19
N ARG B 230 4.45 0.53 -17.85
CA ARG B 230 4.44 1.60 -16.87
C ARG B 230 4.92 1.11 -15.51
N PHE B 231 4.40 -0.04 -15.05
CA PHE B 231 4.85 -0.58 -13.78
C PHE B 231 6.32 -0.99 -13.83
N ASP B 232 6.79 -1.48 -14.98
CA ASP B 232 8.19 -1.83 -15.12
C ASP B 232 9.08 -0.62 -14.97
N LYS B 233 8.72 0.48 -15.63
CA LYS B 233 9.49 1.72 -15.50
C LYS B 233 9.49 2.22 -14.06
N VAL B 234 8.33 2.19 -13.40
CA VAL B 234 8.24 2.68 -12.03
C VAL B 234 9.07 1.81 -11.08
N SER B 235 8.99 0.48 -11.23
CA SER B 235 9.80 -0.42 -10.41
C SER B 235 11.28 -0.26 -10.68
N ASN B 236 11.68 -0.04 -11.94
CA ASN B 236 13.08 0.23 -12.24
C ASN B 236 13.54 1.52 -11.57
N ARG B 237 12.69 2.55 -11.57
CA ARG B 237 13.03 3.78 -10.88
C ARG B 237 13.24 3.55 -9.40
N MET B 238 12.35 2.78 -8.77
CA MET B 238 12.49 2.49 -7.34
C MET B 238 13.77 1.70 -7.07
N ARG B 239 14.06 0.70 -7.91
CA ARG B 239 15.25 -0.12 -7.71
C ARG B 239 16.51 0.70 -7.86
N LEU B 240 16.56 1.61 -8.84
CA LEU B 240 17.74 2.44 -8.99
C LEU B 240 17.87 3.47 -7.88
N GLN B 241 16.75 3.95 -7.33
CA GLN B 241 16.83 4.80 -6.15
C GLN B 241 17.43 4.06 -4.97
N GLY B 242 16.99 2.82 -4.75
CA GLY B 242 17.60 2.00 -3.71
C GLY B 242 19.07 1.75 -3.97
N MET B 243 19.43 1.54 -5.23
CA MET B 243 20.83 1.34 -5.60
C MET B 243 21.66 2.58 -5.28
N LYS B 244 21.13 3.77 -5.57
CA LYS B 244 21.82 5.00 -5.23
C LYS B 244 22.00 5.12 -3.73
N MET B 245 20.96 4.79 -2.96
CA MET B 245 21.05 4.87 -1.51
C MET B 245 22.15 3.94 -0.99
N VAL B 246 22.15 2.69 -1.46
CA VAL B 246 23.14 1.74 -0.97
C VAL B 246 24.55 2.11 -1.47
N SER B 247 24.66 2.70 -2.65
CA SER B 247 25.96 3.14 -3.13
C SER B 247 26.52 4.26 -2.27
N ALA B 248 25.67 5.22 -1.90
CA ALA B 248 26.12 6.27 -1.00
C ALA B 248 26.50 5.69 0.36
N SER B 249 25.72 4.72 0.84
CA SER B 249 26.03 4.10 2.13
C SER B 249 27.38 3.39 2.09
N SER B 250 27.66 2.66 1.00
CA SER B 250 28.92 1.95 0.88
C SER B 250 30.09 2.86 0.50
N ILE B 251 29.81 4.06 0.04
CA ILE B 251 30.87 5.04 -0.23
C ILE B 251 31.25 5.78 1.04
N SER B 252 30.29 6.05 1.92
CA SER B 252 30.55 6.89 3.09
C SER B 252 31.59 6.26 4.01
N ASP B 253 31.49 4.94 4.25
CA ASP B 253 32.38 4.30 5.21
C ASP B 253 33.85 4.39 4.82
N PRO B 254 34.26 4.11 3.58
CA PRO B 254 35.68 4.22 3.24
C PRO B 254 36.30 5.57 3.56
N ILE B 255 35.56 6.68 3.38
CA ILE B 255 36.15 7.99 3.60
C ILE B 255 36.46 8.23 5.07
N ILE B 256 35.51 7.89 5.95
CA ILE B 256 35.74 8.03 7.38
C ILE B 256 36.87 7.11 7.83
N GLN B 257 36.88 5.88 7.33
CA GLN B 257 37.97 4.96 7.66
C GLN B 257 39.30 5.52 7.19
N LEU B 258 39.33 6.12 6.01
CA LEU B 258 40.58 6.67 5.46
C LEU B 258 41.06 7.86 6.28
N ILE B 259 40.14 8.69 6.79
CA ILE B 259 40.54 9.76 7.68
C ILE B 259 41.18 9.19 8.96
N ALA B 260 40.55 8.16 9.51
CA ALA B 260 41.12 7.52 10.71
C ALA B 260 42.50 6.94 10.41
N SER B 261 42.67 6.31 9.25
CA SER B 261 43.96 5.75 8.89
C SER B 261 45.00 6.83 8.61
N LEU B 262 44.56 8.00 8.13
CA LEU B 262 45.49 9.11 7.98
C LEU B 262 45.99 9.57 9.34
N ALA B 263 45.11 9.61 10.34
CA ALA B 263 45.54 9.88 11.71
C ALA B 263 46.52 8.81 12.19
N LEU B 264 46.23 7.54 11.88
CA LEU B 264 47.12 6.44 12.25
C LEU B 264 48.50 6.61 11.62
N ALA B 265 48.53 6.97 10.33
CA ALA B 265 49.81 7.19 9.66
C ALA B 265 50.55 8.36 10.28
N PHE B 266 49.84 9.44 10.64
CA PHE B 266 50.50 10.58 11.25
C PHE B 266 51.13 10.21 12.59
N VAL B 267 50.39 9.47 13.41
CA VAL B 267 50.93 9.12 14.73
C VAL B 267 52.10 8.14 14.59
N LEU B 268 52.00 7.22 13.63
CA LEU B 268 53.13 6.32 13.37
C LEU B 268 54.36 7.10 12.92
N TYR B 269 54.17 8.10 12.04
CA TYR B 269 55.28 8.91 11.59
C TYR B 269 55.88 9.72 12.73
N ALA B 270 55.03 10.24 13.62
CA ALA B 270 55.53 10.97 14.78
C ALA B 270 56.33 10.07 15.70
N ALA B 271 55.86 8.84 15.92
CA ALA B 271 56.62 7.87 16.71
C ALA B 271 57.90 7.45 16.00
N SER B 272 57.97 7.58 14.67
CA SER B 272 59.17 7.23 13.95
C SER B 272 60.34 8.15 14.34
N PHE B 273 60.06 9.43 14.52
CA PHE B 273 61.12 10.38 14.89
C PHE B 273 61.63 10.07 16.30
N PRO B 274 62.93 9.90 16.48
CA PRO B 274 63.48 9.62 17.81
C PRO B 274 63.65 10.89 18.66
N SER B 275 62.53 11.57 18.90
CA SER B 275 62.55 12.79 19.69
C SER B 275 62.77 12.48 21.16
N VAL B 276 63.19 13.51 21.91
CA VAL B 276 63.43 13.34 23.34
C VAL B 276 62.12 13.00 24.06
N MET B 277 61.03 13.69 23.71
CA MET B 277 59.74 13.39 24.31
C MET B 277 59.30 11.98 23.93
N ASP B 278 59.48 11.59 22.66
CA ASP B 278 59.15 10.24 22.24
C ASP B 278 59.99 9.21 22.98
N SER B 279 61.28 9.47 23.14
CA SER B 279 62.16 8.51 23.81
C SER B 279 61.78 8.37 25.28
N LEU B 280 61.48 9.48 25.96
CA LEU B 280 61.14 9.41 27.37
C LEU B 280 59.77 8.78 27.60
N THR B 281 58.80 9.11 26.73
CA THR B 281 57.43 8.62 26.85
C THR B 281 57.13 7.53 25.83
N ALA B 282 58.12 6.66 25.58
CA ALA B 282 57.93 5.58 24.61
C ALA B 282 56.84 4.62 25.02
N GLY B 283 56.69 4.38 26.33
CA GLY B 283 55.64 3.49 26.80
C GLY B 283 54.25 4.02 26.51
N THR B 284 54.06 5.33 26.65
CA THR B 284 52.75 5.93 26.40
C THR B 284 52.36 5.87 24.93
N ILE B 285 53.34 5.76 24.02
CA ILE B 285 53.02 5.69 22.59
C ILE B 285 52.22 4.42 22.30
N THR B 286 52.64 3.30 22.87
CA THR B 286 51.88 2.05 22.68
C THR B 286 50.48 2.18 23.26
N VAL B 287 50.36 2.84 24.41
CA VAL B 287 49.05 2.99 25.05
C VAL B 287 48.12 3.80 24.17
N VAL B 288 48.60 4.93 23.65
CA VAL B 288 47.73 5.78 22.84
C VAL B 288 47.41 5.09 21.51
N PHE B 289 48.38 4.37 20.94
CA PHE B 289 48.11 3.64 19.70
C PHE B 289 47.05 2.57 19.91
N SER B 290 47.15 1.82 21.01
CA SER B 290 46.15 0.79 21.31
C SER B 290 44.78 1.41 21.57
N SER B 291 44.75 2.56 22.25
CA SER B 291 43.47 3.24 22.50
C SER B 291 42.84 3.71 21.19
N MET B 292 43.65 4.26 20.29
CA MET B 292 43.11 4.82 19.05
C MET B 292 42.71 3.73 18.06
N ILE B 293 43.42 2.59 18.05
CA ILE B 293 43.03 1.48 17.20
C ILE B 293 41.69 0.90 17.63
N ALA B 294 41.25 1.20 18.85
CA ALA B 294 39.95 0.75 19.34
C ALA B 294 38.82 1.70 18.98
N LEU B 295 39.12 2.84 18.35
CA LEU B 295 38.10 3.78 17.92
C LEU B 295 37.49 3.37 16.57
N MET B 296 38.16 2.47 15.85
CA MET B 296 37.67 2.06 14.53
C MET B 296 36.28 1.45 14.61
N ARG B 297 36.07 0.55 15.58
CA ARG B 297 34.76 -0.08 15.71
C ARG B 297 33.65 0.91 16.08
N PRO B 298 33.80 1.77 17.08
CA PRO B 298 32.75 2.77 17.33
C PRO B 298 32.50 3.70 16.15
N LEU B 299 33.56 4.14 15.47
CA LEU B 299 33.38 5.02 14.32
C LEU B 299 32.60 4.31 13.21
N LYS B 300 32.97 3.06 12.92
CA LYS B 300 32.28 2.30 11.88
C LYS B 300 30.83 2.05 12.25
N SER B 301 30.56 1.70 13.51
CA SER B 301 29.19 1.44 13.94
C SER B 301 28.34 2.70 13.85
N LEU B 302 28.86 3.83 14.32
CA LEU B 302 28.11 5.09 14.26
C LEU B 302 27.83 5.48 12.81
N THR B 303 28.85 5.41 11.96
CA THR B 303 28.67 5.82 10.57
C THR B 303 27.72 4.89 9.83
N ASN B 304 27.76 3.59 10.14
CA ASN B 304 26.85 2.65 9.49
C ASN B 304 25.42 2.85 9.95
N VAL B 305 25.20 3.05 11.25
CA VAL B 305 23.84 3.29 11.74
C VAL B 305 23.33 4.66 11.32
N ASN B 306 24.23 5.56 10.91
CA ASN B 306 23.81 6.86 10.42
C ASN B 306 22.90 6.74 9.21
N ALA B 307 23.10 5.73 8.37
CA ALA B 307 22.25 5.56 7.19
C ALA B 307 20.79 5.33 7.59
N GLN B 308 20.55 4.36 8.46
CA GLN B 308 19.19 4.09 8.92
C GLN B 308 18.64 5.28 9.70
N PHE B 309 19.48 5.91 10.53
CA PHE B 309 19.01 7.05 11.30
C PHE B 309 18.55 8.19 10.39
N GLN B 310 19.33 8.47 9.34
CA GLN B 310 18.97 9.56 8.44
C GLN B 310 17.77 9.21 7.56
N ARG B 311 17.64 7.94 7.15
CA ARG B 311 16.45 7.53 6.41
C ARG B 311 15.20 7.75 7.26
N GLY B 312 15.23 7.29 8.52
CA GLY B 312 14.11 7.52 9.40
C GLY B 312 13.87 8.99 9.68
N MET B 313 14.95 9.78 9.78
CA MET B 313 14.80 11.19 10.08
C MET B 313 14.16 11.92 8.91
N ALA B 314 14.54 11.57 7.68
CA ALA B 314 13.90 12.18 6.50
C ALA B 314 12.44 11.77 6.41
N ALA B 315 12.13 10.50 6.70
CA ALA B 315 10.73 10.09 6.73
C ALA B 315 9.95 10.88 7.78
N CYS B 316 10.56 11.09 8.95
CA CYS B 316 9.92 11.91 9.98
C CYS B 316 9.73 13.34 9.52
N GLN B 317 10.73 13.90 8.81
CA GLN B 317 10.62 15.26 8.33
C GLN B 317 9.43 15.42 7.39
N THR B 318 9.34 14.55 6.38
CA THR B 318 8.23 14.67 5.44
C THR B 318 6.89 14.34 6.11
N LEU B 319 6.91 13.44 7.09
CA LEU B 319 5.67 13.09 7.77
C LEU B 319 5.13 14.25 8.59
N PHE B 320 6.01 14.95 9.31
CA PHE B 320 5.57 16.16 10.00
C PHE B 320 5.25 17.28 9.02
N THR B 321 5.87 17.27 7.84
CA THR B 321 5.49 18.25 6.82
C THR B 321 4.04 18.06 6.39
N ILE B 322 3.64 16.82 6.12
CA ILE B 322 2.25 16.58 5.72
C ILE B 322 1.31 16.78 6.91
N LEU B 323 1.75 16.37 8.11
CA LEU B 323 0.89 16.48 9.29
C LEU B 323 0.55 17.93 9.63
N ASP B 324 1.32 18.89 9.15
CA ASP B 324 1.06 20.31 9.41
C ASP B 324 0.45 21.00 8.20
N SER B 325 -0.41 20.28 7.48
CA SER B 325 -1.09 20.84 6.32
C SER B 325 -2.35 21.58 6.79
N GLU B 326 -3.09 22.12 5.82
CA GLU B 326 -4.31 22.86 6.10
C GLU B 326 -5.49 21.89 6.16
N GLN B 327 -6.09 21.75 7.33
CA GLN B 327 -7.22 20.87 7.52
C GLN B 327 -8.52 21.60 7.18
N GLU B 328 -9.65 20.91 7.37
CA GLU B 328 -10.95 21.51 7.13
C GLU B 328 -11.21 22.63 8.14
N LYS B 329 -11.90 23.67 7.67
CA LYS B 329 -12.22 24.81 8.53
C LYS B 329 -13.19 24.39 9.62
N ASP B 330 -12.88 24.72 10.86
CA ASP B 330 -13.70 24.37 12.02
C ASP B 330 -13.80 25.54 12.98
N GLU B 331 -13.87 26.76 12.45
CA GLU B 331 -13.97 27.95 13.29
C GLU B 331 -15.30 28.00 14.03
N GLY B 332 -16.39 27.76 13.30
CA GLY B 332 -17.72 27.80 13.89
C GLY B 332 -17.96 26.73 14.92
N LYS B 333 -18.47 27.12 16.09
CA LYS B 333 -18.79 26.19 17.19
C LYS B 333 -20.21 26.49 17.66
N ARG B 334 -21.19 25.88 17.00
CA ARG B 334 -22.60 26.07 17.33
C ARG B 334 -23.32 24.74 17.07
N VAL B 335 -23.52 23.97 18.13
CA VAL B 335 -24.20 22.68 18.03
C VAL B 335 -25.70 22.93 17.84
N ILE B 336 -26.29 22.27 16.83
CA ILE B 336 -27.70 22.41 16.52
C ILE B 336 -28.30 21.02 16.41
N GLU B 337 -29.43 20.80 17.07
CA GLU B 337 -30.11 19.51 17.07
C GLU B 337 -31.44 19.64 16.33
N ARG B 338 -31.63 18.81 15.31
CA ARG B 338 -32.88 18.73 14.54
C ARG B 338 -33.29 20.11 14.01
N ALA B 339 -32.44 20.65 13.15
CA ALA B 339 -32.74 21.93 12.52
C ALA B 339 -33.91 21.80 11.56
N THR B 340 -34.64 22.90 11.39
CA THR B 340 -35.79 22.91 10.49
C THR B 340 -35.36 22.65 9.05
N GLY B 341 -34.27 23.26 8.62
CA GLY B 341 -33.76 23.06 7.29
C GLY B 341 -34.11 24.12 6.27
N ASP B 342 -34.25 25.38 6.69
CA ASP B 342 -34.58 26.48 5.79
C ASP B 342 -33.29 26.98 5.13
N VAL B 343 -32.80 26.18 4.19
CA VAL B 343 -31.58 26.53 3.46
C VAL B 343 -31.91 27.58 2.40
N GLU B 344 -31.18 28.69 2.43
CA GLU B 344 -31.43 29.81 1.54
C GLU B 344 -30.11 30.38 1.05
N PHE B 345 -30.07 30.78 -0.23
CA PHE B 345 -28.87 31.25 -0.88
C PHE B 345 -29.00 32.73 -1.21
N ARG B 346 -27.94 33.49 -0.96
CA ARG B 346 -27.91 34.93 -1.25
C ARG B 346 -26.67 35.24 -2.08
N ASN B 347 -26.86 35.35 -3.40
CA ASN B 347 -25.84 35.89 -4.31
C ASN B 347 -24.49 35.19 -4.14
N VAL B 348 -24.53 33.88 -3.97
CA VAL B 348 -23.32 33.09 -3.75
C VAL B 348 -22.76 32.64 -5.09
N THR B 349 -21.48 32.93 -5.32
CA THR B 349 -20.76 32.50 -6.51
C THR B 349 -19.62 31.60 -6.06
N PHE B 350 -19.57 30.38 -6.60
CA PHE B 350 -18.58 29.39 -6.21
C PHE B 350 -17.66 29.07 -7.38
N THR B 351 -16.38 28.91 -7.08
CA THR B 351 -15.37 28.57 -8.07
C THR B 351 -14.58 27.37 -7.56
N TYR B 352 -14.54 26.30 -8.36
CA TYR B 352 -13.75 25.14 -8.00
C TYR B 352 -12.25 25.47 -8.07
N PRO B 353 -11.45 24.88 -7.19
CA PRO B 353 -10.00 25.14 -7.21
C PRO B 353 -9.40 24.72 -8.55
N GLY B 354 -8.49 25.54 -9.06
CA GLY B 354 -7.83 25.28 -10.32
C GLY B 354 -8.63 25.65 -11.55
N ARG B 355 -9.82 26.21 -11.39
CA ARG B 355 -10.68 26.59 -12.50
C ARG B 355 -10.85 28.11 -12.52
N ASP B 356 -10.59 28.72 -13.67
CA ASP B 356 -10.78 30.16 -13.80
C ASP B 356 -12.26 30.51 -13.91
N VAL B 357 -13.02 29.75 -14.69
CA VAL B 357 -14.44 30.01 -14.90
C VAL B 357 -15.22 29.54 -13.68
N PRO B 358 -16.02 30.42 -13.05
CA PRO B 358 -16.82 29.98 -11.90
C PRO B 358 -17.84 28.92 -12.29
N ALA B 359 -18.06 27.97 -11.39
CA ALA B 359 -19.06 26.94 -11.63
C ALA B 359 -20.48 27.48 -11.47
N LEU B 360 -20.68 28.32 -10.45
CA LEU B 360 -21.98 28.94 -10.19
C LEU B 360 -21.82 30.45 -10.17
N ARG B 361 -22.76 31.16 -10.79
CA ARG B 361 -22.73 32.61 -10.89
C ARG B 361 -24.03 33.16 -10.31
N ASN B 362 -23.96 33.72 -9.10
CA ASN B 362 -25.09 34.36 -8.44
C ASN B 362 -26.29 33.40 -8.34
N ILE B 363 -26.02 32.16 -7.95
CA ILE B 363 -27.09 31.19 -7.78
C ILE B 363 -27.94 31.57 -6.58
N ASN B 364 -29.26 31.58 -6.77
CA ASN B 364 -30.20 32.01 -5.73
C ASN B 364 -31.40 31.08 -5.74
N LEU B 365 -31.62 30.39 -4.62
CA LEU B 365 -32.77 29.52 -4.49
C LEU B 365 -33.14 29.41 -3.02
N LYS B 366 -34.38 29.01 -2.76
CA LYS B 366 -34.91 28.89 -1.41
C LYS B 366 -35.46 27.48 -1.20
N ILE B 367 -35.16 26.91 -0.03
CA ILE B 367 -35.66 25.59 0.34
C ILE B 367 -36.36 25.71 1.69
N PRO B 368 -37.63 26.11 1.72
CA PRO B 368 -38.32 26.25 3.00
C PRO B 368 -38.64 24.90 3.62
N ALA B 369 -39.09 24.96 4.87
CA ALA B 369 -39.39 23.74 5.62
C ALA B 369 -40.55 22.98 5.01
N GLY B 370 -40.41 21.66 4.96
CA GLY B 370 -41.47 20.80 4.44
C GLY B 370 -41.78 21.03 2.97
N LYS B 371 -40.75 21.23 2.16
CA LYS B 371 -40.92 21.46 0.74
C LYS B 371 -39.89 20.65 -0.03
N THR B 372 -40.28 20.15 -1.21
CA THR B 372 -39.40 19.39 -2.08
C THR B 372 -39.09 20.25 -3.31
N VAL B 373 -37.81 20.55 -3.51
CA VAL B 373 -37.37 21.36 -4.63
C VAL B 373 -36.58 20.48 -5.59
N ALA B 374 -36.82 20.67 -6.89
CA ALA B 374 -36.23 19.84 -7.92
C ALA B 374 -35.36 20.69 -8.82
N LEU B 375 -34.16 20.22 -9.12
CA LEU B 375 -33.25 20.90 -10.03
C LEU B 375 -33.11 20.12 -11.32
N VAL B 376 -33.26 20.82 -12.45
CA VAL B 376 -33.11 20.23 -13.78
C VAL B 376 -32.32 21.21 -14.64
N GLY B 377 -31.98 20.77 -15.85
CA GLY B 377 -31.29 21.60 -16.80
C GLY B 377 -30.27 20.79 -17.57
N ARG B 378 -29.32 21.49 -18.17
CA ARG B 378 -28.27 20.85 -18.96
C ARG B 378 -27.39 19.99 -18.07
N SER B 379 -26.84 18.93 -18.64
CA SER B 379 -25.99 18.01 -17.89
C SER B 379 -24.71 18.70 -17.49
N GLY B 380 -24.35 18.58 -16.21
CA GLY B 380 -23.10 19.12 -15.73
C GLY B 380 -23.03 20.63 -15.61
N SER B 381 -24.16 21.31 -15.49
CA SER B 381 -24.14 22.77 -15.41
C SER B 381 -23.85 23.26 -14.00
N GLY B 382 -24.77 23.00 -13.06
CA GLY B 382 -24.60 23.45 -11.70
C GLY B 382 -25.23 22.56 -10.63
N LYS B 383 -25.68 21.38 -11.02
CA LYS B 383 -26.59 20.61 -10.17
C LYS B 383 -25.90 20.06 -8.93
N SER B 384 -24.90 19.19 -9.11
CA SER B 384 -24.26 18.57 -7.96
C SER B 384 -23.46 19.57 -7.14
N THR B 385 -23.05 20.68 -7.76
CA THR B 385 -22.26 21.67 -7.03
C THR B 385 -23.06 22.28 -5.88
N ILE B 386 -24.35 22.55 -6.11
CA ILE B 386 -25.17 23.14 -5.06
C ILE B 386 -25.28 22.19 -3.87
N ALA B 387 -25.52 20.91 -4.13
CA ALA B 387 -25.56 19.93 -3.05
C ALA B 387 -24.21 19.81 -2.36
N SER B 388 -23.12 19.98 -3.10
CA SER B 388 -21.79 19.95 -2.47
C SER B 388 -21.62 21.12 -1.51
N LEU B 389 -22.03 22.33 -1.92
CA LEU B 389 -21.88 23.48 -1.04
C LEU B 389 -22.86 23.45 0.13
N ILE B 390 -24.01 22.79 -0.03
CA ILE B 390 -24.99 22.77 1.05
C ILE B 390 -24.42 22.06 2.28
N THR B 391 -23.75 20.94 2.08
CA THR B 391 -23.10 20.24 3.18
C THR B 391 -21.68 20.76 3.43
N ARG B 392 -21.25 21.76 2.68
CA ARG B 392 -19.90 22.35 2.80
C ARG B 392 -18.81 21.33 2.50
N PHE B 393 -18.99 20.57 1.41
CA PHE B 393 -17.86 19.82 0.87
C PHE B 393 -16.74 20.77 0.44
N TYR B 394 -17.10 21.88 -0.17
CA TYR B 394 -16.19 22.96 -0.53
C TYR B 394 -16.57 24.22 0.25
N ASP B 395 -15.87 25.31 -0.04
CA ASP B 395 -16.09 26.58 0.62
C ASP B 395 -16.57 27.60 -0.39
N ILE B 396 -17.62 28.36 -0.02
CA ILE B 396 -18.15 29.39 -0.89
C ILE B 396 -17.18 30.56 -0.96
N ASP B 397 -17.33 31.37 -2.01
CA ASP B 397 -16.49 32.55 -2.23
C ASP B 397 -17.20 33.85 -1.90
N GLU B 398 -18.37 34.08 -2.49
CA GLU B 398 -19.18 35.25 -2.21
C GLU B 398 -20.57 34.80 -1.79
N GLY B 399 -21.42 35.77 -1.44
CA GLY B 399 -22.77 35.45 -1.03
C GLY B 399 -22.81 34.82 0.35
N GLU B 400 -23.99 34.30 0.70
CA GLU B 400 -24.18 33.66 1.99
C GLU B 400 -25.20 32.53 1.86
N ILE B 401 -24.89 31.39 2.47
CA ILE B 401 -25.81 30.26 2.54
C ILE B 401 -26.26 30.13 3.98
N LEU B 402 -27.56 30.30 4.22
CA LEU B 402 -28.14 30.30 5.56
C LEU B 402 -28.92 29.01 5.78
N MET B 403 -28.61 28.33 6.86
CA MET B 403 -29.36 27.14 7.29
C MET B 403 -30.08 27.48 8.59
N ASP B 404 -31.40 27.35 8.58
CA ASP B 404 -32.25 27.74 9.71
C ASP B 404 -32.00 29.20 10.11
N GLY B 405 -31.82 30.07 9.12
CA GLY B 405 -31.67 31.49 9.35
C GLY B 405 -30.28 31.95 9.71
N HIS B 406 -29.31 31.04 9.86
CA HIS B 406 -27.95 31.41 10.24
C HIS B 406 -26.96 30.79 9.27
N ASP B 407 -25.78 31.40 9.20
CA ASP B 407 -24.76 31.00 8.25
C ASP B 407 -24.27 29.59 8.54
N LEU B 408 -23.90 28.88 7.46
CA LEU B 408 -23.37 27.53 7.60
C LEU B 408 -22.04 27.52 8.35
N ARG B 409 -21.19 28.51 8.09
CA ARG B 409 -19.88 28.56 8.74
C ARG B 409 -19.98 28.74 10.24
N GLU B 410 -21.11 29.25 10.75
CA GLU B 410 -21.27 29.43 12.19
C GLU B 410 -21.46 28.11 12.92
N TYR B 411 -22.15 27.15 12.31
CA TYR B 411 -22.40 25.87 12.94
C TYR B 411 -21.16 24.98 12.92
N THR B 412 -21.05 24.10 13.91
CA THR B 412 -19.97 23.13 13.94
C THR B 412 -20.17 22.08 12.86
N LEU B 413 -19.05 21.52 12.39
CA LEU B 413 -19.09 20.64 11.23
C LEU B 413 -19.87 19.36 11.51
N ALA B 414 -19.67 18.77 12.69
CA ALA B 414 -20.31 17.49 13.01
C ALA B 414 -21.83 17.63 13.04
N SER B 415 -22.33 18.69 13.66
CA SER B 415 -23.77 18.90 13.72
C SER B 415 -24.36 19.13 12.33
N LEU B 416 -23.66 19.89 11.49
CA LEU B 416 -24.15 20.14 10.15
C LEU B 416 -24.19 18.86 9.33
N ARG B 417 -23.15 18.03 9.41
CA ARG B 417 -23.16 16.78 8.67
C ARG B 417 -24.17 15.79 9.22
N ASN B 418 -24.43 15.83 10.52
CA ASN B 418 -25.42 14.92 11.11
C ASN B 418 -26.84 15.28 10.70
N GLN B 419 -27.08 16.49 10.23
CA GLN B 419 -28.41 16.93 9.85
C GLN B 419 -28.62 16.92 8.34
N VAL B 420 -27.66 16.41 7.57
CA VAL B 420 -27.79 16.31 6.12
C VAL B 420 -27.35 14.91 5.70
N ALA B 421 -28.22 14.19 5.01
CA ALA B 421 -27.91 12.89 4.46
C ALA B 421 -28.40 12.84 3.01
N LEU B 422 -27.53 12.41 2.11
CA LEU B 422 -27.85 12.41 0.69
C LEU B 422 -27.43 11.08 0.06
N VAL B 423 -27.88 10.88 -1.18
CA VAL B 423 -27.47 9.75 -2.00
C VAL B 423 -26.50 10.27 -3.05
N SER B 424 -25.25 9.84 -2.96
CA SER B 424 -24.23 10.32 -3.88
C SER B 424 -24.52 9.87 -5.31
N GLN B 425 -24.09 10.68 -6.28
CA GLN B 425 -24.28 10.33 -7.68
C GLN B 425 -23.54 9.06 -8.03
N ASN B 426 -22.30 8.92 -7.57
CA ASN B 426 -21.49 7.71 -7.75
C ASN B 426 -21.41 7.00 -6.40
N VAL B 427 -22.39 6.15 -6.14
CA VAL B 427 -22.48 5.48 -4.84
C VAL B 427 -21.32 4.50 -4.68
N HIS B 428 -20.67 4.54 -3.53
CA HIS B 428 -19.53 3.68 -3.22
C HIS B 428 -19.85 2.93 -1.92
N LEU B 429 -20.46 1.76 -2.06
CA LEU B 429 -20.84 0.97 -0.90
C LEU B 429 -19.59 0.35 -0.24
N PHE B 430 -19.71 0.08 1.05
CA PHE B 430 -18.62 -0.48 1.82
C PHE B 430 -18.65 -2.00 1.78
N ASN B 431 -17.47 -2.61 1.90
CA ASN B 431 -17.33 -4.06 1.91
C ASN B 431 -17.72 -4.59 3.28
N ASP B 432 -19.02 -4.80 3.50
CA ASP B 432 -19.53 -5.33 4.75
C ASP B 432 -20.88 -5.97 4.48
N THR B 433 -21.60 -6.30 5.55
CA THR B 433 -22.92 -6.90 5.42
C THR B 433 -23.92 -5.85 4.93
N VAL B 434 -25.03 -6.35 4.38
CA VAL B 434 -26.08 -5.46 3.88
C VAL B 434 -26.67 -4.64 5.02
N ALA B 435 -26.87 -5.26 6.18
CA ALA B 435 -27.40 -4.53 7.33
C ALA B 435 -26.43 -3.44 7.79
N ASN B 436 -25.13 -3.74 7.81
CA ASN B 436 -24.16 -2.74 8.20
C ASN B 436 -24.04 -1.63 7.17
N ASN B 437 -24.23 -1.94 5.89
CA ASN B 437 -24.16 -0.91 4.86
C ASN B 437 -25.40 -0.02 4.90
N ILE B 438 -26.57 -0.59 5.16
CA ILE B 438 -27.78 0.21 5.24
C ILE B 438 -27.72 1.17 6.41
N ALA B 439 -27.28 0.70 7.58
CA ALA B 439 -27.04 1.55 8.74
C ALA B 439 -25.54 1.61 8.95
N TYR B 440 -24.89 2.54 8.25
CA TYR B 440 -23.45 2.69 8.32
C TYR B 440 -23.08 3.67 9.44
N ALA B 441 -22.06 3.31 10.22
CA ALA B 441 -21.52 4.11 11.32
C ALA B 441 -22.54 4.32 12.44
N ARG B 442 -23.71 3.70 12.36
CA ARG B 442 -24.73 3.81 13.40
C ARG B 442 -25.35 2.46 13.71
N THR B 443 -24.56 1.38 13.60
CA THR B 443 -25.09 0.04 13.83
C THR B 443 -25.52 -0.15 15.28
N GLU B 444 -24.91 0.56 16.22
CA GLU B 444 -25.28 0.45 17.63
C GLU B 444 -26.50 1.29 17.99
N GLN B 445 -26.90 2.22 17.13
CA GLN B 445 -28.02 3.11 17.42
C GLN B 445 -29.33 2.64 16.80
N TYR B 446 -29.28 1.85 15.74
CA TYR B 446 -30.47 1.41 15.03
C TYR B 446 -30.63 -0.10 15.16
N SER B 447 -31.83 -0.54 15.48
CA SER B 447 -32.12 -1.96 15.65
C SER B 447 -32.35 -2.63 14.30
N ARG B 448 -32.49 -3.96 14.33
CA ARG B 448 -32.72 -4.70 13.11
C ARG B 448 -34.07 -4.37 12.49
N GLU B 449 -35.08 -4.15 13.33
CA GLU B 449 -36.41 -3.81 12.80
C GLU B 449 -36.38 -2.48 12.05
N GLN B 450 -35.66 -1.49 12.58
CA GLN B 450 -35.54 -0.21 11.88
C GLN B 450 -34.83 -0.38 10.55
N ILE B 451 -33.77 -1.20 10.51
CA ILE B 451 -33.05 -1.45 9.27
C ILE B 451 -33.97 -2.11 8.25
N GLU B 452 -34.75 -3.11 8.68
CA GLU B 452 -35.66 -3.78 7.77
C GLU B 452 -36.73 -2.83 7.25
N GLU B 453 -37.27 -1.98 8.13
CA GLU B 453 -38.28 -1.02 7.69
C GLU B 453 -37.70 -0.01 6.70
N ALA B 454 -36.48 0.46 6.95
CA ALA B 454 -35.83 1.38 6.02
C ALA B 454 -35.59 0.72 4.67
N ALA B 455 -35.15 -0.55 4.68
CA ALA B 455 -34.95 -1.27 3.43
C ALA B 455 -36.27 -1.46 2.68
N ARG B 456 -37.35 -1.75 3.41
CA ARG B 456 -38.66 -1.87 2.77
C ARG B 456 -39.13 -0.55 2.18
N MET B 457 -38.86 0.57 2.86
CA MET B 457 -39.25 1.87 2.33
C MET B 457 -38.52 2.20 1.02
N ALA B 458 -37.35 1.60 0.81
CA ALA B 458 -36.55 1.83 -0.39
C ALA B 458 -36.81 0.79 -1.47
N TYR B 459 -37.82 -0.07 -1.30
CA TYR B 459 -38.13 -1.13 -2.25
C TYR B 459 -36.92 -2.04 -2.47
N ALA B 460 -36.17 -2.30 -1.41
CA ALA B 460 -34.98 -3.13 -1.47
C ALA B 460 -35.14 -4.49 -0.81
N MET B 461 -36.24 -4.72 -0.09
CA MET B 461 -36.44 -6.00 0.58
C MET B 461 -36.79 -7.12 -0.38
N ASP B 462 -37.16 -6.80 -1.62
CA ASP B 462 -37.53 -7.84 -2.58
C ASP B 462 -36.33 -8.68 -2.98
N PHE B 463 -35.22 -8.03 -3.35
CA PHE B 463 -34.03 -8.75 -3.75
C PHE B 463 -33.14 -9.14 -2.57
N ILE B 464 -33.35 -8.54 -1.40
CA ILE B 464 -32.54 -8.88 -0.24
C ILE B 464 -32.85 -10.30 0.23
N ASN B 465 -34.13 -10.66 0.26
CA ASN B 465 -34.51 -12.01 0.69
C ASN B 465 -34.03 -13.07 -0.30
N LYS B 466 -33.83 -12.69 -1.56
CA LYS B 466 -33.35 -13.64 -2.56
C LYS B 466 -31.88 -14.01 -2.38
N MET B 467 -31.16 -13.29 -1.52
CA MET B 467 -29.76 -13.58 -1.29
C MET B 467 -29.61 -14.84 -0.42
N ASP B 468 -28.37 -15.31 -0.31
CA ASP B 468 -28.09 -16.49 0.51
C ASP B 468 -28.42 -16.22 1.96
N ASN B 469 -28.03 -15.05 2.48
CA ASN B 469 -28.32 -14.65 3.85
C ASN B 469 -28.99 -13.28 3.80
N GLY B 470 -30.26 -13.23 4.20
CA GLY B 470 -30.99 -11.98 4.20
C GLY B 470 -30.42 -10.94 5.14
N LEU B 471 -30.05 -9.78 4.61
CA LEU B 471 -29.50 -8.66 5.37
C LEU B 471 -28.21 -9.04 6.10
N ASP B 472 -27.56 -10.13 5.69
CA ASP B 472 -26.32 -10.55 6.33
C ASP B 472 -25.27 -11.05 5.35
N THR B 473 -25.42 -10.76 4.06
CA THR B 473 -24.51 -11.25 3.03
C THR B 473 -23.50 -10.17 2.67
N VAL B 474 -22.21 -10.52 2.73
CA VAL B 474 -21.18 -9.60 2.30
C VAL B 474 -21.29 -9.34 0.80
N ILE B 475 -20.98 -8.12 0.40
CA ILE B 475 -21.18 -7.69 -0.98
C ILE B 475 -19.86 -7.34 -1.67
N GLY B 476 -18.74 -7.57 -1.01
CA GLY B 476 -17.46 -7.33 -1.63
C GLY B 476 -17.11 -5.85 -1.73
N GLU B 477 -16.00 -5.59 -2.42
CA GLU B 477 -15.51 -4.23 -2.60
C GLU B 477 -16.48 -3.44 -3.48
N ASN B 478 -16.82 -2.22 -3.04
CA ASN B 478 -17.66 -1.30 -3.78
C ASN B 478 -19.02 -1.90 -4.16
N GLY B 479 -19.44 -2.94 -3.45
CA GLY B 479 -20.72 -3.57 -3.75
C GLY B 479 -20.77 -4.21 -5.12
N VAL B 480 -19.72 -4.94 -5.49
CA VAL B 480 -19.69 -5.60 -6.80
C VAL B 480 -20.72 -6.73 -6.84
N LEU B 481 -20.91 -7.43 -5.72
CA LEU B 481 -21.76 -8.61 -5.70
C LEU B 481 -23.18 -8.29 -6.19
N LEU B 482 -23.80 -7.27 -5.63
CA LEU B 482 -25.10 -6.81 -6.10
C LEU B 482 -24.88 -5.63 -7.06
N SER B 483 -25.45 -5.74 -8.25
CA SER B 483 -25.08 -4.89 -9.38
C SER B 483 -26.18 -3.90 -9.72
N GLY B 484 -25.79 -2.74 -10.22
CA GLY B 484 -26.70 -1.76 -10.79
C GLY B 484 -27.66 -1.11 -9.82
N GLY B 485 -28.96 -1.26 -10.09
CA GLY B 485 -29.96 -0.53 -9.33
C GLY B 485 -30.03 -0.93 -7.88
N GLN B 486 -29.57 -2.14 -7.55
CA GLN B 486 -29.61 -2.58 -6.16
C GLN B 486 -28.71 -1.71 -5.27
N ARG B 487 -27.56 -1.29 -5.81
CA ARG B 487 -26.70 -0.37 -5.07
C ARG B 487 -27.41 0.95 -4.80
N GLN B 488 -28.13 1.47 -5.80
CA GLN B 488 -28.87 2.71 -5.61
C GLN B 488 -29.99 2.54 -4.59
N ARG B 489 -30.67 1.39 -4.61
CA ARG B 489 -31.72 1.15 -3.62
C ARG B 489 -31.14 1.04 -2.22
N ILE B 490 -29.98 0.40 -2.07
CA ILE B 490 -29.33 0.32 -0.76
C ILE B 490 -28.92 1.71 -0.29
N ALA B 491 -28.42 2.55 -1.20
CA ALA B 491 -28.08 3.92 -0.83
C ALA B 491 -29.31 4.70 -0.41
N ILE B 492 -30.44 4.50 -1.10
CA ILE B 492 -31.69 5.15 -0.73
C ILE B 492 -32.12 4.72 0.67
N ALA B 493 -32.01 3.42 0.95
CA ALA B 493 -32.33 2.92 2.29
C ALA B 493 -31.42 3.53 3.34
N ARG B 494 -30.13 3.65 3.03
CA ARG B 494 -29.19 4.27 3.95
C ARG B 494 -29.56 5.72 4.24
N ALA B 495 -29.92 6.47 3.21
CA ALA B 495 -30.33 7.85 3.39
C ALA B 495 -31.61 7.96 4.21
N LEU B 496 -32.57 7.07 3.95
CA LEU B 496 -33.85 7.12 4.66
C LEU B 496 -33.70 6.73 6.12
N LEU B 497 -32.82 5.77 6.41
CA LEU B 497 -32.66 5.30 7.78
C LEU B 497 -32.13 6.39 8.70
N ARG B 498 -31.41 7.37 8.16
CA ARG B 498 -30.88 8.45 8.98
C ARG B 498 -31.99 9.30 9.57
N ASP B 499 -33.16 9.37 8.91
CA ASP B 499 -34.25 10.26 9.31
C ASP B 499 -33.75 11.69 9.40
N SER B 500 -32.90 12.08 8.46
CA SER B 500 -32.27 13.38 8.49
C SER B 500 -33.29 14.48 8.19
N PRO B 501 -33.16 15.64 8.83
CA PRO B 501 -34.05 16.77 8.50
C PRO B 501 -33.96 17.20 7.05
N ILE B 502 -32.77 17.12 6.45
CA ILE B 502 -32.56 17.50 5.05
C ILE B 502 -32.10 16.26 4.30
N LEU B 503 -32.81 15.93 3.23
CA LEU B 503 -32.50 14.77 2.40
C LEU B 503 -32.31 15.23 0.96
N ILE B 504 -31.19 14.84 0.36
CA ILE B 504 -30.83 15.26 -0.99
C ILE B 504 -30.75 14.00 -1.86
N LEU B 505 -31.47 14.01 -2.98
CA LEU B 505 -31.46 12.89 -3.92
C LEU B 505 -30.71 13.32 -5.17
N ASP B 506 -29.41 13.08 -5.19
CA ASP B 506 -28.57 13.38 -6.35
C ASP B 506 -28.64 12.20 -7.30
N GLU B 507 -29.57 12.27 -8.25
CA GLU B 507 -29.84 11.17 -9.18
C GLU B 507 -30.16 9.88 -8.43
N ALA B 508 -31.24 9.94 -7.67
CA ALA B 508 -31.64 8.80 -6.84
C ALA B 508 -31.97 7.58 -7.68
N THR B 509 -32.66 7.79 -8.80
CA THR B 509 -33.09 6.70 -9.68
C THR B 509 -32.37 6.76 -11.03
N SER B 510 -31.07 7.06 -11.00
CA SER B 510 -30.30 7.11 -12.23
C SER B 510 -30.23 5.75 -12.90
N ALA B 511 -30.01 4.69 -12.12
CA ALA B 511 -29.91 3.33 -12.63
C ALA B 511 -31.06 2.45 -12.16
N LEU B 512 -32.25 3.01 -12.05
CA LEU B 512 -33.43 2.28 -11.62
C LEU B 512 -34.51 2.33 -12.68
N ASP B 513 -35.18 1.21 -12.91
CA ASP B 513 -36.24 1.16 -13.88
C ASP B 513 -37.47 1.92 -13.36
N THR B 514 -38.37 2.25 -14.28
CA THR B 514 -39.54 3.05 -13.93
C THR B 514 -40.50 2.29 -13.01
N GLU B 515 -40.44 0.96 -13.00
CA GLU B 515 -41.34 0.19 -12.16
C GLU B 515 -41.11 0.47 -10.68
N SER B 516 -39.85 0.55 -10.26
CA SER B 516 -39.51 0.82 -8.87
C SER B 516 -39.25 2.29 -8.59
N GLU B 517 -38.96 3.09 -9.61
CA GLU B 517 -38.67 4.51 -9.41
C GLU B 517 -39.86 5.23 -8.80
N ARG B 518 -41.05 5.05 -9.39
CA ARG B 518 -42.22 5.72 -8.85
C ARG B 518 -42.69 5.09 -7.54
N ALA B 519 -42.43 3.81 -7.32
CA ALA B 519 -42.73 3.21 -6.02
C ALA B 519 -41.89 3.86 -4.92
N ILE B 520 -40.59 4.05 -5.19
CA ILE B 520 -39.73 4.74 -4.23
C ILE B 520 -40.18 6.18 -4.05
N GLN B 521 -40.56 6.86 -5.14
CA GLN B 521 -41.03 8.22 -5.04
C GLN B 521 -42.29 8.32 -4.18
N ALA B 522 -43.23 7.39 -4.37
CA ALA B 522 -44.45 7.37 -3.56
C ALA B 522 -44.13 7.10 -2.09
N ALA B 523 -43.19 6.19 -1.83
CA ALA B 523 -42.79 5.93 -0.45
C ALA B 523 -42.19 7.18 0.19
N LEU B 524 -41.35 7.90 -0.54
CA LEU B 524 -40.78 9.15 -0.04
C LEU B 524 -41.88 10.18 0.22
N ASP B 525 -42.84 10.29 -0.69
CA ASP B 525 -43.90 11.29 -0.55
C ASP B 525 -44.79 10.98 0.64
N GLU B 526 -45.06 9.68 0.89
CA GLU B 526 -46.00 9.31 1.94
C GLU B 526 -45.33 9.29 3.32
N LEU B 527 -44.20 8.61 3.45
CA LEU B 527 -43.60 8.39 4.74
C LEU B 527 -42.67 9.52 5.19
N GLN B 528 -42.39 10.49 4.33
CA GLN B 528 -41.50 11.60 4.66
C GLN B 528 -42.20 12.94 4.47
N LYS B 529 -43.44 13.05 4.94
CA LYS B 529 -44.18 14.29 4.84
C LYS B 529 -43.56 15.38 5.71
N ASN B 530 -43.64 16.62 5.22
CA ASN B 530 -43.13 17.80 5.92
C ASN B 530 -41.63 17.70 6.21
N ARG B 531 -40.90 16.99 5.35
CA ARG B 531 -39.45 16.91 5.42
C ARG B 531 -38.84 17.68 4.27
N THR B 532 -37.82 18.48 4.56
CA THR B 532 -37.12 19.24 3.52
C THR B 532 -36.39 18.28 2.59
N SER B 533 -36.69 18.36 1.30
CA SER B 533 -36.11 17.47 0.30
C SER B 533 -35.46 18.27 -0.81
N LEU B 534 -34.29 17.81 -1.26
CA LEU B 534 -33.56 18.40 -2.38
C LEU B 534 -33.38 17.30 -3.41
N VAL B 535 -34.36 17.11 -4.28
CA VAL B 535 -34.33 16.05 -5.28
C VAL B 535 -33.67 16.57 -6.55
N ILE B 536 -32.75 15.78 -7.10
CA ILE B 536 -32.04 16.10 -8.34
C ILE B 536 -32.18 14.90 -9.27
N ALA B 537 -32.73 15.14 -10.45
CA ALA B 537 -32.92 14.06 -11.41
C ALA B 537 -33.05 14.64 -12.81
N HIS B 538 -32.63 13.85 -13.80
CA HIS B 538 -32.80 14.20 -15.20
C HIS B 538 -34.11 13.70 -15.78
N ARG B 539 -34.89 12.94 -15.02
CA ARG B 539 -36.18 12.44 -15.45
C ARG B 539 -37.26 13.31 -14.81
N LEU B 540 -37.98 14.07 -15.64
CA LEU B 540 -39.01 14.95 -15.12
C LEU B 540 -40.21 14.18 -14.58
N SER B 541 -40.44 12.96 -15.07
CA SER B 541 -41.59 12.18 -14.61
C SER B 541 -41.54 11.90 -13.12
N THR B 542 -40.33 11.81 -12.55
CA THR B 542 -40.19 11.57 -11.12
C THR B 542 -40.38 12.83 -10.29
N ILE B 543 -40.46 14.00 -10.90
CA ILE B 543 -40.64 15.25 -10.17
C ILE B 543 -41.91 15.95 -10.66
N GLU B 544 -42.86 15.16 -11.17
CA GLU B 544 -44.13 15.73 -11.61
C GLU B 544 -44.92 16.32 -10.45
N LYS B 545 -44.80 15.75 -9.26
CA LYS B 545 -45.50 16.22 -8.08
C LYS B 545 -44.60 17.06 -7.16
N ALA B 546 -43.45 17.51 -7.67
CA ALA B 546 -42.57 18.34 -6.87
C ALA B 546 -43.23 19.67 -6.56
N ASP B 547 -42.93 20.21 -5.37
CA ASP B 547 -43.53 21.48 -4.96
C ASP B 547 -43.10 22.61 -5.88
N GLU B 548 -41.82 22.66 -6.24
CA GLU B 548 -41.33 23.64 -7.21
C GLU B 548 -40.10 23.07 -7.91
N ILE B 549 -39.84 23.58 -9.11
CA ILE B 549 -38.73 23.13 -9.94
C ILE B 549 -37.90 24.35 -10.30
N VAL B 550 -36.58 24.17 -10.31
CA VAL B 550 -35.62 25.21 -10.66
C VAL B 550 -34.73 24.66 -11.78
N VAL B 551 -34.56 25.44 -12.84
CA VAL B 551 -33.76 25.04 -13.99
C VAL B 551 -32.40 25.71 -13.88
N VAL B 552 -31.34 24.91 -13.94
CA VAL B 552 -29.96 25.40 -13.85
C VAL B 552 -29.30 25.20 -15.21
N GLU B 553 -28.74 26.29 -15.75
CA GLU B 553 -28.06 26.25 -17.04
C GLU B 553 -26.82 27.13 -16.94
N ASP B 554 -25.65 26.51 -17.09
CA ASP B 554 -24.36 27.19 -16.89
C ASP B 554 -24.27 27.79 -15.49
N GLY B 555 -24.89 27.12 -14.52
CA GLY B 555 -24.78 27.54 -13.14
C GLY B 555 -25.49 28.83 -12.77
N VAL B 556 -26.52 29.21 -13.53
CA VAL B 556 -27.28 30.42 -13.24
C VAL B 556 -28.76 30.09 -13.20
N ILE B 557 -29.53 30.98 -12.57
CA ILE B 557 -30.97 30.81 -12.48
C ILE B 557 -31.61 31.13 -13.82
N VAL B 558 -32.45 30.22 -14.30
CA VAL B 558 -33.15 30.39 -15.57
C VAL B 558 -34.66 30.48 -15.36
N GLU B 559 -35.27 29.44 -14.81
CA GLU B 559 -36.71 29.40 -14.60
C GLU B 559 -37.03 28.63 -13.34
N ARG B 560 -37.85 29.24 -12.47
CA ARG B 560 -38.26 28.61 -11.22
C ARG B 560 -39.78 28.70 -11.09
N GLY B 561 -40.37 27.68 -10.48
CA GLY B 561 -41.78 27.72 -10.19
C GLY B 561 -42.40 26.34 -10.25
N THR B 562 -43.72 26.30 -10.15
CA THR B 562 -44.44 25.03 -10.17
C THR B 562 -44.42 24.41 -11.57
N HIS B 563 -44.78 23.12 -11.63
CA HIS B 563 -44.78 22.41 -12.90
C HIS B 563 -45.78 23.01 -13.88
N ASN B 564 -46.99 23.33 -13.40
CA ASN B 564 -47.99 23.93 -14.27
C ASN B 564 -47.56 25.32 -14.74
N ASP B 565 -46.97 26.12 -13.84
CA ASP B 565 -46.49 27.44 -14.23
C ASP B 565 -45.38 27.33 -15.27
N LEU B 566 -44.45 26.39 -15.08
CA LEU B 566 -43.38 26.20 -16.05
C LEU B 566 -43.92 25.74 -17.39
N LEU B 567 -44.91 24.84 -17.39
CA LEU B 567 -45.50 24.38 -18.64
C LEU B 567 -46.21 25.52 -19.37
N GLU B 568 -46.94 26.36 -18.62
CA GLU B 568 -47.62 27.49 -19.24
C GLU B 568 -46.62 28.55 -19.72
N HIS B 569 -45.45 28.62 -19.09
CA HIS B 569 -44.44 29.58 -19.52
C HIS B 569 -43.91 29.23 -20.91
N ARG B 570 -43.79 27.94 -21.20
CA ARG B 570 -43.27 27.45 -22.49
C ARG B 570 -41.83 27.91 -22.70
N GLY B 571 -41.00 27.71 -21.68
CA GLY B 571 -39.59 28.05 -21.71
C GLY B 571 -38.72 26.83 -21.95
N VAL B 572 -37.58 26.79 -21.25
CA VAL B 572 -36.65 25.68 -21.40
C VAL B 572 -37.23 24.41 -20.79
N TYR B 573 -37.92 24.53 -19.65
CA TYR B 573 -38.49 23.36 -19.01
C TYR B 573 -39.55 22.71 -19.87
N ALA B 574 -40.42 23.52 -20.50
CA ALA B 574 -41.41 22.97 -21.42
C ALA B 574 -40.74 22.39 -22.66
N GLN B 575 -39.64 23.00 -23.10
CA GLN B 575 -38.88 22.46 -24.22
C GLN B 575 -38.35 21.06 -23.91
N LEU B 576 -37.86 20.85 -22.68
CA LEU B 576 -37.40 19.53 -22.29
C LEU B 576 -38.57 18.57 -22.10
N HIS B 577 -39.68 19.05 -21.55
CA HIS B 577 -40.83 18.18 -21.31
C HIS B 577 -41.44 17.68 -22.60
N LYS B 578 -41.56 18.56 -23.61
CA LYS B 578 -42.07 18.15 -24.91
C LYS B 578 -41.16 17.15 -25.59
N MET B 579 -39.85 17.20 -25.31
CA MET B 579 -38.90 16.25 -25.85
C MET B 579 -38.89 14.94 -25.09
N GLN B 580 -39.25 14.93 -23.81
CA GLN B 580 -39.34 13.69 -23.03
C GLN B 580 -40.67 12.98 -23.21
N PHE B 581 -41.78 13.73 -23.18
CA PHE B 581 -43.12 13.17 -23.28
C PHE B 581 -43.37 12.10 -22.22
PB AOV C . -28.20 -5.60 -14.34
O1B AOV C . -27.73 -4.89 -15.60
O2B AOV C . -29.66 -5.97 -14.50
O3B AOV C . -28.02 -4.59 -13.05
PA AOV C . -27.78 -8.13 -13.02
O1A AOV C . -28.04 -7.49 -11.68
O2A AOV C . -29.03 -8.78 -13.53
O3A AOV C . -27.31 -6.97 -14.10
O5' AOV C . -26.61 -9.29 -12.84
C5' AOV C . -26.05 -9.47 -11.56
C4' AOV C . -26.93 -10.42 -10.77
O4' AOV C . -26.27 -11.48 -10.48
C3' AOV C . -27.40 -9.71 -9.32
O3' AOV C . -28.77 -10.17 -8.97
C2' AOV C . -26.60 -10.08 -8.47
O2' AOV C . -27.27 -10.15 -7.12
C1' AOV C . -26.19 -11.54 -8.96
N9 AOV C . -24.95 -11.85 -8.56
C8 AOV C . -24.65 -12.81 -7.69
N7 AOV C . -23.33 -12.86 -7.52
C5 AOV C . -22.78 -11.91 -8.32
C6 AOV C . -21.46 -11.49 -8.56
N6 AOV C . -20.33 -12.13 -7.89
N1 AOV C . -21.24 -10.50 -9.42
C2 AOV C . -22.25 -9.90 -10.04
N3 AOV C . -23.51 -10.28 -9.83
C4 AOV C . -23.81 -11.27 -8.98
VG AOV C . -29.39 -2.99 -13.21
O1G AOV C . -31.18 -3.56 -14.15
O2G AOV C . -27.96 -2.29 -14.59
O3G AOV C . -29.49 -3.26 -11.12
O4G AOV C . -29.38 -0.96 -12.66
C4 KDL D . 1.21 -7.89 25.45
C5 KDL D . 0.10 -8.95 25.45
C6 KDL D . -1.03 -8.45 24.54
C7 KDL D . 4.99 -10.57 26.51
C8 KDL D . 6.51 -11.01 26.44
N2 KDL D . 4.33 -10.05 25.21
C3 KDL D . 2.53 -8.42 25.91
C1 KDL D . 1.89 -10.68 25.43
C2 KDL D . 2.86 -9.59 25.08
CAL KDL D . 3.96 -15.04 23.19
CAN KDL D . 4.59 -15.87 24.31
CAP KDL D . 3.62 -16.25 25.35
CAR KDL D . 2.91 -15.04 25.89
CAT KDL D . 2.08 -14.37 24.79
CAV KDL D . 1.49 -13.04 25.35
CAX KDL D . -4.12 -9.51 24.89
CBA KDL D . -3.21 -9.28 23.72
CBB KDL D . -3.63 -10.22 22.59
CBC KDL D . -4.16 -9.50 21.39
CBE KDL D . -5.14 -8.45 21.78
CBG KDL D . -4.41 -7.36 22.54
CBI KDL D . -5.40 -6.65 23.45
CBK KDL D . -4.65 -5.56 24.26
CBM KDL D . -6.16 -11.79 21.56
CBP KDL D . -5.26 -11.63 20.36
CBQ KDL D . -4.18 -12.70 20.39
CBR KDL D . -3.44 -12.93 19.08
CBT KDL D . -3.95 -12.14 17.92
CBV KDL D . -5.46 -11.98 17.87
CBX KDL D . -6.05 -13.15 17.15
CBZ KDL D . -6.78 -14.08 18.14
CDO KDL D . 6.46 -17.07 22.92
CDP KDL D . 7.05 -18.35 22.30
CDQ KDL D . 8.20 -18.04 21.35
CDR KDL D . 9.54 -18.27 22.08
CDS KDL D . 10.47 -19.25 21.34
CDT KDL D . 10.94 -20.41 22.27
CDU KDL D . 12.28 -21.06 21.81
CDV KDL D . 12.09 -22.55 21.39
CDW KDL D . 12.78 -23.54 22.39
CDX KDL D . 13.77 -24.52 21.69
CDY KDL D . 13.98 -25.83 22.52
CDZ KDL D . 15.48 -26.10 22.83
CEA KDL D . 15.66 -27.26 23.82
CEB KDL D . 15.49 -28.63 23.15
CEE KDL D . 5.48 -16.48 27.10
CEF KDL D . 6.51 -17.49 27.76
CEG KDL D . 7.69 -17.81 26.84
CEH KDL D . 7.47 -19.19 26.15
CEI KDL D . 8.79 -19.74 25.47
CEJ KDL D . 8.71 -21.27 25.16
CEK KDL D . 9.74 -22.11 25.97
CEL KDL D . 10.00 -23.52 25.34
CEM KDL D . 11.19 -24.30 26.03
CEN KDL D . 12.38 -23.35 26.45
CEO KDL D . 13.73 -24.13 26.65
CEP KDL D . 14.59 -23.53 27.78
CEQ KDL D . 15.86 -24.39 28.07
CER KDL D . 16.45 -24.11 29.47
CEW KDL D . 7.31 -10.85 27.76
CEX KDL D . 7.20 -9.41 28.29
CEY KDL D . 8.45 -9.01 29.20
CEZ KDL D . 9.03 -7.56 28.85
CFA KDL D . 10.35 -7.26 29.63
CFB KDL D . 10.27 -5.94 30.46
CFC KDL D . 10.28 -6.21 32.01
CFD KDL D . 10.71 -4.92 32.84
CFE KDL D . 11.57 -5.33 34.13
CFF KDL D . 12.96 -4.55 34.20
CFG KDL D . 13.81 -4.99 35.42
CFH KDL D . 15.09 -5.74 34.99
CFK KDL D . 3.85 -6.67 27.09
CFL KDL D . 5.33 -6.05 27.40
CFM KDL D . 5.27 -4.77 28.32
CFN KDL D . 5.40 -5.18 29.82
CFO KDL D . 5.44 -6.76 30.08
CFP KDL D . 5.99 -7.13 31.52
CFQ KDL D . 5.94 -8.68 31.80
CFR KDL D . 6.44 -9.05 33.25
CFS KDL D . 7.18 -10.42 33.29
CFT KDL D . 8.59 -10.31 33.99
CFU KDL D . 9.76 -10.74 33.04
CFV KDL D . 11.10 -10.06 33.43
CFW KDL D . 12.34 -10.68 32.68
CFX KDL D . 11.95 -11.29 31.30
CGB KDL D . 7.73 -12.91 28.87
CGC KDL D . 8.20 -13.38 30.30
CGD KDL D . 8.29 -14.92 30.45
CGE KDL D . 9.62 -15.52 29.91
CGF KDL D . 10.77 -14.49 29.79
CGG KDL D . 12.07 -15.13 29.26
CGH KDL D . 13.32 -14.22 29.44
CGI KDL D . 14.56 -14.74 28.61
CGJ KDL D . 15.81 -15.03 29.50
CGK KDL D . 16.63 -16.24 28.97
CGL KDL D . 17.91 -16.51 29.82
CGM KDL D . 17.98 -17.96 30.31
CGN KDL D . 7.06 -3.28 28.89
CGP KDL D . 6.62 -1.94 29.52
CGQ KDL D . 7.82 -1.05 29.95
CGR KDL D . 8.31 -1.39 31.38
CGS KDL D . 9.15 -0.24 32.02
CGT KDL D . 9.60 -0.57 33.48
CGU KDL D . 9.45 0.66 34.45
CGV KDL D . 10.09 0.42 35.88
CGW KDL D . 10.88 -0.95 35.98
CGX KDL D . 12.46 -0.73 35.94
CGY KDL D . 13.13 -0.89 37.36
CGZ KDL D . 14.73 -1.02 37.29
CHA KDL D . 15.23 -1.53 35.88
CHB KDL D . 16.49 -2.43 36.00
NAO KDL D . 5.18 -17.14 23.69
O1 KDL D . 2.24 -11.90 24.82
O3 KDL D . 3.58 -7.35 25.80
O4 KDL D . 0.80 -6.79 26.28
O5 KDL D . 0.51 -10.28 25.00
O6 KDL D . -1.84 -9.61 24.12
O7 KDL D . 4.37 -10.64 27.52
OAM KDL D . 3.56 -15.86 22.17
OAQ KDL D . 4.28 -17.02 26.46
OAS KDL D . 2.04 -15.46 26.94
OAU KDL D . 2.84 -14.07 23.59
OAY KDL D . -3.66 -9.43 26.08
OAZ KDL D . -5.34 -9.78 24.71
OBD KDL D . -4.69 -10.30 20.24
OBF KDL D . -6.17 -9.02 22.61
OBH KDL D . -3.25 -7.84 23.36
OBJ KDL D . -6.40 -6.07 22.67
OBL KDL D . -3.68 -4.98 23.41
OBN KDL D . -5.90 -12.66 22.43
OBO KDL D . -7.17 -11.06 21.69
OBS KDL D . -3.51 -14.34 18.76
OBU KDL D . -3.50 -12.78 16.71
OBW KDL D . -6.14 -11.82 19.20
OBY KDL D . -6.98 -12.70 16.18
OCA KDL D . -7.81 -13.36 18.75
OEC KDL D . 7.02 -16.03 22.79
OED KDL D . 8.12 -18.89 20.24
OES KDL D . 5.70 -15.31 27.17
OET KDL D . 7.82 -16.82 25.88
OFJ KDL D . 6.87 -11.76 28.73
OFY KDL D . 2.99 -6.56 27.90
OFZ KDL D . 6.27 -3.91 27.91
OGA KDL D . 8.09 -13.51 27.91
OGO KDL D . 8.09 -3.79 29.24
OHD KDL D . -0.66 -4.79 25.56
OHE KDL D . 1.36 -5.33 24.25
OHF KDL D . 1.58 -4.36 26.50
OHH KDL D . 1.08 -15.15 21.73
OHI KDL D . 1.90 -17.23 20.71
OHJ KDL D . 1.50 -17.15 23.13
PHC KDL D . 0.77 -5.29 25.63
PHG KDL D . 1.98 -16.35 21.94
PB AOV E . -24.01 17.80 -12.09
O1B AOV E . -24.98 17.21 -11.09
O2B AOV E . -24.76 18.69 -13.05
O3B AOV E . -23.27 16.58 -12.92
PA AOV E . -21.86 19.74 -12.10
O1A AOV E . -21.19 19.01 -13.25
O2A AOV E . -22.69 20.88 -12.64
O3A AOV E . -22.86 18.70 -11.30
O5' AOV E . -20.70 20.35 -11.09
C5' AOV E . -19.35 20.08 -11.41
C4' AOV E . -18.86 21.13 -12.40
O4' AOV E . -17.91 21.82 -11.87
C3' AOV E . -18.25 20.40 -13.77
O3' AOV E . -18.53 21.25 -14.95
C2' AOV E . -17.03 20.30 -13.59
O2' AOV E . -16.32 20.38 -14.93
C1' AOV E . -16.68 21.57 -12.72
N9 AOV E . -15.61 21.35 -11.94
C8 AOV E . -14.44 21.96 -12.07
N7 AOV E . -13.60 21.50 -11.14
C5 AOV E . -14.25 20.59 -10.42
C6 AOV E . -13.91 19.78 -9.32
N6 AOV E . -12.56 19.84 -8.74
N1 AOV E . -14.80 18.94 -8.81
C2 AOV E . -16.03 18.86 -9.32
N3 AOV E . -16.39 19.61 -10.35
C4 AOV E . -15.53 20.48 -10.92
VG AOV E . -24.68 15.64 -14.18
O1G AOV E . -26.15 16.96 -14.89
O2G AOV E . -25.24 14.72 -12.36
O3G AOV E . -23.02 15.55 -15.47
O4G AOV E . -24.96 13.67 -14.88
C4 KDL F . 23.03 2.35 -13.18
C5 KDL F . 22.84 3.71 -13.84
C6 KDL F . 21.36 3.82 -14.26
C7 KDL F . 26.80 3.26 -10.43
C8 KDL F . 27.70 3.13 -9.14
N2 KDL F . 25.26 3.25 -10.23
C3 KDL F . 24.27 2.27 -12.34
C1 KDL F . 24.38 4.66 -12.13
C2 KDL F . 24.23 3.37 -11.36
CAL KDL F . 25.26 8.32 -8.37
CAN KDL F . 26.76 8.66 -8.42
CAP KDL F . 27.20 9.15 -9.73
CAR KDL F . 26.80 8.22 -10.82
CAT KDL F . 25.29 8.09 -10.91
CAV KDL F . 24.93 6.99 -11.96
CAX KDL F . 20.39 5.83 -16.66
CBA KDL F . 19.87 5.50 -15.29
CBB KDL F . 19.12 6.72 -14.74
CBC KDL F . 17.65 6.45 -14.55
CBE KDL F . 17.06 5.78 -15.73
CBG KDL F . 17.65 4.38 -15.85
CBI KDL F . 17.58 3.93 -17.28
CBK KDL F . 18.21 2.52 -17.40
CBM KDL F . 17.55 9.25 -15.78
CBP KDL F . 17.03 8.99 -14.38
CBQ KDL F . 18.00 9.58 -13.37
CBR KDL F . 17.45 9.75 -11.98
CBT KDL F . 16.02 9.41 -11.81
CBV KDL F . 15.11 9.82 -12.96
CBX KDL F . 14.67 11.23 -12.77
CBZ KDL F . 15.38 12.17 -13.76
CDO KDL F . 27.09 9.33 -5.91
CDP KDL F . 27.38 10.40 -4.83
CDQ KDL F . 27.14 9.88 -3.42
CDR KDL F . 28.49 9.47 -2.79
CDS KDL F . 28.76 10.17 -1.45
CDT KDL F . 30.13 10.91 -1.44
CDU KDL F . 30.71 11.11 0.00
CDV KDL F . 30.82 12.61 0.39
CDW KDL F . 32.30 13.10 0.49
CDX KDL F . 32.63 13.76 1.85
CDY KDL F . 33.84 14.73 1.76
CDZ KDL F . 34.97 14.40 2.77
CEA KDL F . 36.24 15.23 2.53
CEB KDL F . 36.11 16.66 3.06
CEE KDL F . 29.60 8.40 -9.31
CEF KDL F . 31.02 8.84 -8.73
CEG KDL F . 31.04 8.87 -7.20
CEH KDL F . 30.88 10.34 -6.70
CEI KDL F . 31.23 10.49 -5.17
CEJ KDL F . 31.50 11.98 -4.76
CEK KDL F . 32.97 12.23 -4.30
CEL KDL F . 33.11 13.55 -3.46
CEM KDL F . 34.54 13.72 -2.81
CEN KDL F . 35.16 12.35 -2.33
CEO KDL F . 36.29 12.55 -1.27
CEP KDL F . 37.42 11.48 -1.39
CEQ KDL F . 38.61 11.77 -0.44
CER KDL F . 39.91 11.05 -0.88
CEW KDL F . 29.09 2.46 -9.33
CEX KDL F . 28.93 1.09 -10.00
CEY KDL F . 30.14 0.12 -9.67
CEZ KDL F . 29.67 -1.36 -9.27
CFA KDL F . 30.86 -2.24 -8.78
CFB KDL F . 30.98 -3.57 -9.59
CFC KDL F . 32.29 -3.60 -10.48
CFD KDL F . 32.70 -5.08 -10.89
CFE KDL F . 34.29 -5.25 -10.94
CFF KDL F . 34.79 -6.46 -10.05
CFG KDL F . 36.35 -6.59 -10.05
CFH KDL F . 36.96 -6.28 -8.66
CFK KDL F . 25.26 -0.02 -12.36
CFL KDL F . 26.06 -1.17 -11.53
CFM KDL F . 26.29 -2.47 -12.36
CFN KDL F . 27.67 -2.41 -13.10
CFO KDL F . 28.44 -1.03 -12.94
CFP KDL F . 29.98 -1.14 -13.32
CFQ KDL F . 30.72 0.26 -13.25
CFR KDL F . 32.23 0.15 -13.68
CFS KDL F . 33.14 1.13 -12.87
CFT KDL F . 34.37 0.42 -12.23
CFU KDL F . 34.40 0.55 -10.68
CFV KDL F . 35.18 -0.61 -9.99
CFW KDL F . 35.47 -0.35 -8.48
CFX KDL F . 34.43 0.58 -7.83
CGB KDL F . 30.89 4.02 -9.31
CGC KDL F . 32.42 4.02 -9.73
CGD KDL F . 33.13 5.37 -9.46
CGE KDL F . 33.61 5.54 -8.00
CGF KDL F . 33.76 4.20 -7.23
CGG KDL F . 34.26 4.43 -5.78
CGH KDL F . 34.73 3.11 -5.09
CGI KDL F . 34.93 3.29 -3.54
CGJ KDL F . 36.37 2.96 -3.07
CGK KDL F . 36.82 3.86 -1.87
CGL KDL F . 38.24 3.50 -1.36
CGM KDL F . 39.18 4.72 -1.35
CGN KDL F . 27.14 -4.58 -11.60
CGP KDL F . 26.92 -5.77 -12.57
CGQ KDL F . 27.58 -7.09 -12.07
CGR KDL F . 29.06 -7.21 -12.51
CGS KDL F . 29.60 -8.67 -12.45
CGT KDL F . 31.07 -8.79 -12.93
CGU KDL F . 31.29 -10.03 -13.87
CGV KDL F . 32.84 -10.30 -14.20
CGW KDL F . 33.81 -9.34 -13.40
CGX KDL F . 34.53 -10.10 -12.19
CGY KDL F . 36.04 -10.46 -12.51
CGZ KDL F . 36.87 -10.88 -11.21
CHA KDL F . 36.23 -10.35 -9.88
CHB KDL F . 37.29 -9.99 -8.82
NAO KDL F . 27.04 9.72 -7.36
O1 KDL F . 24.52 5.76 -11.26
O3 KDL F . 24.36 0.94 -11.66
O4 KDL F . 23.07 1.34 -14.20
O5 KDL F . 23.17 4.87 -13.01
O6 KDL F . 21.02 5.25 -14.41
O7 KDL F . 27.28 3.37 -11.50
OAM KDL F . 24.57 9.39 -7.90
OAQ KDL F . 28.66 9.43 -9.74
OAS KDL F . 27.30 8.72 -12.06
OAU KDL F . 24.65 7.76 -9.65
OAY KDL F . 21.51 5.38 -17.04
OAZ KDL F . 19.71 6.55 -17.44
OBD KDL F . 16.76 7.58 -14.12
OBF KDL F . 17.37 6.52 -16.94
OBH KDL F . 19.06 4.26 -15.35
OBJ KDL F . 16.25 3.89 -17.70
OBL KDL F . 17.86 1.78 -16.25
OBN KDL F . 18.66 9.79 -15.95
OBO KDL F . 16.85 8.91 -16.77
OBS KDL F . 17.66 11.13 -11.57
OBU KDL F . 15.53 10.06 -10.59
OBW KDL F . 15.74 9.68 -14.33
OBY KDL F . 13.27 11.31 -12.98
OCA KDL F . 15.06 11.77 -15.06
OEC KDL F . 26.92 8.19 -5.59
OED KDL F . 26.54 10.88 -2.65
OES KDL F . 29.35 7.24 -9.39
OET KDL F . 30.01 8.10 -6.71
OFJ KDL F . 29.93 3.29 -10.10
OFY KDL F . 25.40 0.06 -13.54
OFZ KDL F . 26.19 -3.55 -11.50
OGA KDL F . 30.55 4.60 -8.34
OGO KDL F . 28.13 -4.55 -10.93
OHD KDL F . 21.05 0.15 -15.27
OHE KDL F . 21.28 0.15 -12.81
OHF KDL F . 22.79 -1.21 -14.18
OHH KDL F . 22.68 9.70 -9.68
OHI KDL F . 23.05 11.50 -8.05
OHJ KDL F . 24.68 11.14 -9.85
PHC KDL F . 22.03 0.08 -14.11
PHG KDL F . 23.73 10.45 -8.89
#